data_9QCE
#
_entry.id   9QCE
#
_cell.length_a   1.00
_cell.length_b   1.00
_cell.length_c   1.00
_cell.angle_alpha   90.00
_cell.angle_beta   90.00
_cell.angle_gamma   90.00
#
_symmetry.space_group_name_H-M   'P 1'
#
loop_
_entity.id
_entity.type
_entity.pdbx_description
1 polymer 'Hemagglutinin component HA70'
2 polymer 'Hemagglutinin component HA17'
3 polymer 'Hemagglutinin component HA33'
#
loop_
_entity_poly.entity_id
_entity_poly.type
_entity_poly.pdbx_seq_one_letter_code
_entity_poly.pdbx_strand_id
1 'polypeptide(L)'
;MNSSIKKIYNHIQEKVINYSDTIDLADGNYVVSRGDGWILSRQNQILGGSVISNGSTGIVGDLRVNDNAIPYYYPTPSFN
EEYIKNNIQTVFANFTEANQIPIGFEFSKTAPSNKNLYMYLQYTYIRYEIIKVLQHEIIERAVLYVPSLGYVKSIEFNPG
EKINKDFYFLTNDKCILNEQFLYKKILETTKNIPTNNIFNSKVSSTQRVLPYSNGLYVINKGDGYIRTNDKDLIGTLLIE
AGSSGSIIQPRLRNTTRPLFTTSNDAKFSQQYTEERLKDAFNVQLFNTSTSLFKFVEEAPSNKNICIKAYNTYEKYELID
YQNGSIVNKAEYYLPSLGYCEVTNAPSPESEVVKTQVAEDGFIQNGPEEEIVVGVIDPSENIQEINTAISDNYTYNIPGI
VNNNPFYILFTVNTTGIYKINAQNNLPSLKIYEAIGSGNRNFQSGNLCDDDIKAINYITGFDSPNAKSYLVVLLNKDKNY
YIRVPQTSSNIENQIKFKREEGDLRNLMNSSVNIIDNLNSTGAHYYTRQSPDVHDYISYEFTIPGNFNNKDTSNIRLYTS
YNQGIGTLFRVTETIDGYNLINIQQNLNLLNSTKSIRLLNGAIYILKVEVTELNNYNIKLHIDITN
;
A,B,C
2 'polypeptide(L)'
;MSAERTFLPNGNYNIKSIFSGSLYLSPVSGSLTFSNESSANNQKWNVEYMAENRCFKISNVAEPNKYLSYDNFGFISLDS
LSNRCYWFPIKIAVNTYIMLSLNKVNELDYAWDIYDTNENILSQPLLLLPNFDIYNSNQMFKLEKI
;
D
3 'polypeptide(L)'
;MEHYSTIQNSLNDKIVTISCKANTDLFFYQVPGNGNVSLFQQTRNYLERWRIIYDSNKAAYKIKSMNIYNTNLVLTWNAP
THNISAQQDSNADNQYWLLLKDIGNNSFIIASYKNPNLVLYADTVARNLKLSTLNNSSYIKFIIEDYVISDFKNFTCRIS
PILAGGKVVQQVSMTNLAVNLYIWNNDLNQKWTIIYNEEKAAYQFFNKILSNGVLTWIFSDGNTVRVSSSAQNNDAQYWL
INPVSDNYDRYTITNLRDKTKVLDLYGGQTADGTTIQVFNSNGGDNQIWTMSNP
;
E,F
#
# COMPACT_ATOMS: atom_id res chain seq x y z
N THR A 22 -19.21 39.24 43.46
CA THR A 22 -18.50 40.49 43.16
C THR A 22 -17.56 40.30 41.97
N ILE A 23 -18.16 40.20 40.78
CA ILE A 23 -17.36 40.00 39.58
C ILE A 23 -16.59 41.26 39.24
N ASP A 24 -15.44 41.09 38.61
CA ASP A 24 -14.61 42.22 38.16
C ASP A 24 -14.86 42.47 36.67
N LEU A 25 -16.08 42.91 36.38
CA LEU A 25 -16.51 43.13 35.01
C LEU A 25 -17.24 44.46 34.90
N ALA A 26 -17.26 45.00 33.68
CA ALA A 26 -17.96 46.24 33.41
C ALA A 26 -19.46 46.01 33.43
N ASP A 27 -20.21 47.12 33.39
CA ASP A 27 -21.66 47.04 33.44
C ASP A 27 -22.20 46.40 32.16
N GLY A 28 -23.28 45.64 32.31
CA GLY A 28 -23.96 45.06 31.17
C GLY A 28 -24.33 43.62 31.44
N ASN A 29 -24.83 42.96 30.39
CA ASN A 29 -25.24 41.57 30.46
C ASN A 29 -24.12 40.69 29.90
N TYR A 30 -23.91 39.53 30.52
CA TYR A 30 -22.84 38.63 30.14
C TYR A 30 -23.38 37.21 30.04
N VAL A 31 -23.00 36.53 28.97
CA VAL A 31 -23.30 35.12 28.76
C VAL A 31 -22.07 34.32 29.21
N VAL A 32 -22.28 33.39 30.14
CA VAL A 32 -21.20 32.74 30.86
C VAL A 32 -21.35 31.23 30.74
N SER A 33 -20.24 30.55 30.45
CA SER A 33 -20.16 29.10 30.50
C SER A 33 -19.28 28.69 31.66
N ARG A 34 -19.81 27.84 32.53
CA ARG A 34 -19.07 27.33 33.68
C ARG A 34 -18.57 25.92 33.44
N GLY A 35 -18.67 25.43 32.21
CA GLY A 35 -18.05 24.19 31.82
C GLY A 35 -18.89 22.95 32.14
N ASP A 36 -18.54 21.87 31.46
CA ASP A 36 -19.16 20.58 31.69
C ASP A 36 -18.77 20.05 33.07
N GLY A 37 -19.57 19.13 33.58
CA GLY A 37 -19.28 18.44 34.81
C GLY A 37 -20.12 18.82 36.00
N TRP A 38 -21.30 19.36 35.80
CA TRP A 38 -22.15 19.79 36.90
C TRP A 38 -23.14 18.68 37.24
N ILE A 39 -23.10 18.22 38.48
CA ILE A 39 -24.05 17.24 38.97
C ILE A 39 -25.06 17.96 39.86
N LEU A 40 -26.33 17.65 39.65
CA LEU A 40 -27.42 18.36 40.32
C LEU A 40 -27.67 17.77 41.70
N SER A 41 -28.20 18.60 42.59
CA SER A 41 -28.44 18.19 43.97
C SER A 41 -29.66 17.29 44.06
N ARG A 42 -29.60 16.36 45.03
CA ARG A 42 -30.71 15.47 45.37
C ARG A 42 -31.01 14.46 44.27
N GLN A 43 -30.23 14.48 43.19
CA GLN A 43 -30.51 13.71 41.99
C GLN A 43 -29.43 12.67 41.74
N ASN A 44 -28.98 11.99 42.79
CA ASN A 44 -27.80 11.14 42.71
C ASN A 44 -28.12 9.71 42.30
N GLN A 45 -28.98 9.04 43.07
CA GLN A 45 -29.31 7.63 42.81
C GLN A 45 -30.73 7.47 42.31
N ILE A 46 -31.19 8.37 41.44
CA ILE A 46 -32.49 8.20 40.79
C ILE A 46 -32.41 7.32 39.57
N LEU A 47 -31.22 6.85 39.20
CA LEU A 47 -31.04 5.93 38.09
C LEU A 47 -30.60 4.55 38.53
N GLY A 48 -30.34 4.35 39.81
CA GLY A 48 -29.93 3.05 40.31
C GLY A 48 -28.43 2.84 40.28
N GLY A 49 -28.01 1.72 40.86
CA GLY A 49 -26.61 1.38 40.92
C GLY A 49 -26.40 -0.12 40.80
N SER A 50 -25.19 -0.47 40.36
CA SER A 50 -24.78 -1.85 40.20
C SER A 50 -23.97 -2.31 41.40
N VAL A 51 -24.27 -3.51 41.87
CA VAL A 51 -23.51 -4.15 42.94
C VAL A 51 -22.72 -5.31 42.32
N ILE A 52 -21.41 -5.25 42.46
CA ILE A 52 -20.50 -6.20 41.82
C ILE A 52 -19.82 -7.01 42.91
N SER A 53 -19.92 -8.34 42.80
CA SER A 53 -19.26 -9.21 43.75
C SER A 53 -17.81 -9.44 43.30
N ASN A 54 -17.11 -10.30 44.05
CA ASN A 54 -15.68 -10.46 43.88
C ASN A 54 -15.31 -10.93 42.48
N GLY A 55 -14.32 -10.27 41.89
CA GLY A 55 -13.79 -10.67 40.60
C GLY A 55 -14.59 -10.16 39.41
N SER A 56 -15.90 -10.07 39.56
CA SER A 56 -16.76 -9.68 38.45
C SER A 56 -16.48 -8.24 38.02
N THR A 57 -16.91 -7.94 36.80
CA THR A 57 -16.75 -6.61 36.22
C THR A 57 -18.12 -6.07 35.84
N GLY A 58 -18.41 -4.84 36.25
CA GLY A 58 -19.68 -4.20 35.96
C GLY A 58 -19.49 -3.05 34.99
N ILE A 59 -20.32 -3.05 33.96
CA ILE A 59 -20.29 -2.03 32.92
C ILE A 59 -21.66 -1.35 32.91
N VAL A 60 -21.72 -0.11 33.38
CA VAL A 60 -22.96 0.64 33.46
C VAL A 60 -22.85 1.82 32.51
N GLY A 61 -23.85 1.98 31.65
CA GLY A 61 -23.81 3.01 30.63
C GLY A 61 -25.17 3.62 30.41
N ASP A 62 -25.21 4.59 29.51
CA ASP A 62 -26.43 5.27 29.12
C ASP A 62 -26.22 5.81 27.71
N LEU A 63 -27.30 6.28 27.10
CA LEU A 63 -27.20 6.75 25.72
C LEU A 63 -28.24 7.84 25.55
N ARG A 64 -27.77 9.08 25.50
CA ARG A 64 -28.59 10.30 25.45
C ARG A 64 -29.26 10.41 24.08
N VAL A 65 -30.60 10.36 24.07
CA VAL A 65 -31.36 10.59 22.84
C VAL A 65 -32.39 11.70 22.96
N ASN A 66 -33.46 11.43 23.72
CA ASN A 66 -34.69 12.22 23.62
C ASN A 66 -35.07 12.92 24.91
N ASP A 67 -35.28 12.17 25.99
CA ASP A 67 -35.66 12.76 27.27
C ASP A 67 -34.46 13.00 28.19
N ASN A 68 -33.37 12.27 27.97
CA ASN A 68 -32.13 12.57 28.66
C ASN A 68 -31.49 13.86 28.16
N ALA A 69 -32.01 14.44 27.08
CA ALA A 69 -31.42 15.60 26.43
C ALA A 69 -32.39 16.77 26.43
N ILE A 70 -33.04 17.01 27.55
CA ILE A 70 -33.97 18.11 27.72
C ILE A 70 -33.30 19.16 28.60
N PRO A 71 -32.97 20.34 28.07
CA PRO A 71 -32.37 21.38 28.91
C PRO A 71 -33.32 21.84 30.01
N TYR A 72 -32.74 22.28 31.11
CA TYR A 72 -33.49 22.81 32.24
C TYR A 72 -33.21 24.30 32.37
N TYR A 73 -34.24 25.11 32.21
CA TYR A 73 -34.13 26.56 32.31
C TYR A 73 -34.58 27.02 33.68
N TYR A 74 -33.85 27.98 34.24
CA TYR A 74 -34.21 28.67 35.48
C TYR A 74 -34.11 30.15 35.14
N PRO A 75 -35.20 30.74 34.66
CA PRO A 75 -35.15 32.11 34.14
C PRO A 75 -35.56 33.15 35.17
N THR A 76 -35.20 34.39 34.88
CA THR A 76 -35.50 35.55 35.70
C THR A 76 -36.13 36.60 34.81
N PRO A 77 -36.80 37.60 35.39
CA PRO A 77 -37.32 38.69 34.56
C PRO A 77 -36.20 39.35 33.77
N SER A 78 -36.53 39.73 32.53
CA SER A 78 -35.64 40.30 31.53
C SER A 78 -34.73 39.24 30.92
N PHE A 79 -34.76 38.01 31.46
CA PHE A 79 -34.05 36.87 30.89
C PHE A 79 -35.04 35.72 30.78
N ASN A 80 -35.80 35.70 29.69
CA ASN A 80 -36.76 34.63 29.46
C ASN A 80 -36.08 33.48 28.72
N GLU A 81 -36.84 32.39 28.50
CA GLU A 81 -36.26 31.18 27.93
C GLU A 81 -35.69 31.44 26.54
N GLU A 82 -36.41 32.19 25.71
CA GLU A 82 -35.91 32.49 24.37
C GLU A 82 -34.62 33.30 24.43
N TYR A 83 -34.56 34.28 25.34
CA TYR A 83 -33.34 35.05 25.53
C TYR A 83 -32.16 34.14 25.86
N ILE A 84 -32.34 33.26 26.84
CA ILE A 84 -31.28 32.37 27.27
C ILE A 84 -30.84 31.47 26.12
N LYS A 85 -31.81 30.86 25.43
CA LYS A 85 -31.48 29.94 24.35
C LYS A 85 -30.70 30.63 23.24
N ASN A 86 -31.20 31.78 22.78
CA ASN A 86 -30.55 32.47 21.67
C ASN A 86 -29.15 32.92 22.06
N ASN A 87 -29.00 33.54 23.24
CA ASN A 87 -27.70 34.05 23.62
C ASN A 87 -26.71 32.94 23.91
N ILE A 88 -27.18 31.81 24.44
CA ILE A 88 -26.28 30.67 24.67
C ILE A 88 -25.80 30.10 23.35
N GLN A 89 -26.73 29.86 22.42
CA GLN A 89 -26.35 29.20 21.18
C GLN A 89 -25.58 30.10 20.23
N THR A 90 -25.69 31.42 20.39
CA THR A 90 -24.90 32.32 19.54
C THR A 90 -23.41 32.14 19.78
N VAL A 91 -22.99 32.03 21.04
CA VAL A 91 -21.57 32.02 21.38
C VAL A 91 -21.08 30.68 21.90
N PHE A 92 -21.97 29.71 22.11
CA PHE A 92 -21.54 28.40 22.60
C PHE A 92 -22.20 27.28 21.81
N ALA A 93 -22.10 26.05 22.30
CA ALA A 93 -22.58 24.90 21.57
C ALA A 93 -24.07 24.98 21.32
N ASN A 94 -24.49 24.58 20.11
CA ASN A 94 -25.90 24.55 19.73
C ASN A 94 -26.51 23.27 20.28
N PHE A 95 -26.95 23.34 21.54
CA PHE A 95 -27.43 22.13 22.21
C PHE A 95 -28.70 21.57 21.60
N THR A 96 -29.55 22.42 21.02
CA THR A 96 -30.75 21.92 20.37
C THR A 96 -30.41 21.00 19.19
N GLU A 97 -29.40 21.35 18.40
CA GLU A 97 -29.00 20.49 17.30
C GLU A 97 -28.25 19.25 17.78
N ALA A 98 -27.38 19.41 18.77
CA ALA A 98 -26.58 18.28 19.24
C ALA A 98 -27.45 17.23 19.93
N ASN A 99 -28.47 17.67 20.66
CA ASN A 99 -29.32 16.76 21.41
C ASN A 99 -30.18 15.88 20.53
N GLN A 100 -30.27 16.18 19.23
CA GLN A 100 -30.98 15.29 18.33
C GLN A 100 -30.18 14.03 18.04
N ILE A 101 -28.85 14.12 18.06
CA ILE A 101 -27.99 13.01 17.73
C ILE A 101 -27.75 12.20 19.01
N PRO A 102 -28.15 10.93 19.06
CA PRO A 102 -27.89 10.11 20.25
C PRO A 102 -26.40 9.90 20.44
N ILE A 103 -25.96 9.94 21.71
CA ILE A 103 -24.56 9.72 22.05
C ILE A 103 -24.50 8.81 23.27
N GLY A 104 -23.69 7.76 23.19
CA GLY A 104 -23.60 6.80 24.27
C GLY A 104 -22.35 6.98 25.10
N PHE A 105 -22.42 6.51 26.35
CA PHE A 105 -21.26 6.50 27.21
C PHE A 105 -21.39 5.32 28.16
N GLU A 106 -20.25 4.89 28.70
CA GLU A 106 -20.24 3.73 29.57
C GLU A 106 -19.05 3.78 30.51
N PHE A 107 -19.21 3.15 31.67
CA PHE A 107 -18.18 3.07 32.71
C PHE A 107 -18.03 1.62 33.13
N SER A 108 -16.79 1.13 33.17
CA SER A 108 -16.48 -0.24 33.54
C SER A 108 -15.62 -0.24 34.79
N LYS A 109 -15.96 -1.12 35.74
CA LYS A 109 -15.24 -1.18 37.00
C LYS A 109 -15.23 -2.62 37.50
N THR A 110 -14.08 -3.05 38.03
CA THR A 110 -13.90 -4.41 38.50
C THR A 110 -13.78 -4.44 40.01
N ALA A 111 -14.46 -5.39 40.63
CA ALA A 111 -14.42 -5.54 42.08
C ALA A 111 -13.14 -6.26 42.50
N PRO A 112 -12.72 -6.08 43.76
CA PRO A 112 -11.47 -6.72 44.22
C PRO A 112 -11.60 -8.23 44.36
N SER A 113 -10.53 -8.86 44.85
CA SER A 113 -10.48 -10.31 44.90
C SER A 113 -11.56 -10.90 45.81
N ASN A 114 -11.76 -10.29 46.98
CA ASN A 114 -12.85 -10.68 47.89
C ASN A 114 -13.43 -9.42 48.50
N LYS A 115 -14.42 -8.84 47.82
CA LYS A 115 -15.08 -7.60 48.27
C LYS A 115 -16.31 -7.39 47.41
N ASN A 116 -17.16 -6.47 47.86
CA ASN A 116 -18.31 -6.03 47.10
C ASN A 116 -18.16 -4.55 46.77
N LEU A 117 -18.55 -4.20 45.55
CA LEU A 117 -18.37 -2.85 45.03
C LEU A 117 -19.71 -2.32 44.56
N TYR A 118 -20.15 -1.21 45.13
CA TYR A 118 -21.39 -0.56 44.70
C TYR A 118 -21.05 0.70 43.92
N MET A 119 -21.65 0.83 42.73
CA MET A 119 -21.34 1.95 41.86
C MET A 119 -22.62 2.46 41.22
N TYR A 120 -22.92 3.73 41.41
CA TYR A 120 -24.15 4.31 40.90
C TYR A 120 -23.85 5.43 39.91
N LEU A 121 -24.82 5.68 39.04
CA LEU A 121 -24.65 6.55 37.88
C LEU A 121 -25.44 7.84 38.04
N GLN A 122 -24.84 8.95 37.62
CA GLN A 122 -25.46 10.26 37.59
C GLN A 122 -25.37 10.83 36.19
N TYR A 123 -26.06 11.95 35.99
CA TYR A 123 -25.95 12.73 34.77
C TYR A 123 -25.15 13.99 35.05
N THR A 124 -24.20 14.29 34.17
CA THR A 124 -23.48 15.55 34.24
C THR A 124 -24.13 16.55 33.29
N TYR A 125 -24.01 17.82 33.62
CA TYR A 125 -24.63 18.89 32.86
C TYR A 125 -23.62 20.00 32.61
N ILE A 126 -23.85 20.74 31.52
CA ILE A 126 -23.15 21.98 31.24
C ILE A 126 -23.99 23.10 31.85
N ARG A 127 -23.35 23.92 32.68
CA ARG A 127 -24.01 25.04 33.32
C ARG A 127 -23.73 26.31 32.52
N TYR A 128 -24.79 26.95 32.05
CA TYR A 128 -24.73 28.23 31.39
C TYR A 128 -25.45 29.26 32.24
N GLU A 129 -24.95 30.48 32.22
CA GLU A 129 -25.54 31.57 32.98
C GLU A 129 -25.69 32.79 32.10
N ILE A 130 -26.67 33.61 32.44
CA ILE A 130 -26.79 34.95 31.90
C ILE A 130 -26.85 35.88 33.10
N ILE A 131 -25.86 36.74 33.25
CA ILE A 131 -25.72 37.56 34.44
C ILE A 131 -25.79 39.03 34.04
N LYS A 132 -26.23 39.84 34.99
CA LYS A 132 -26.30 41.28 34.82
C LYS A 132 -25.38 41.93 35.85
N VAL A 133 -24.46 42.77 35.38
CA VAL A 133 -23.46 43.38 36.24
C VAL A 133 -23.71 44.88 36.25
N LEU A 134 -24.05 45.40 37.42
CA LEU A 134 -24.11 46.84 37.67
C LEU A 134 -23.08 47.15 38.74
N GLN A 135 -22.27 48.18 38.49
CA GLN A 135 -21.07 48.48 39.27
C GLN A 135 -20.18 47.24 39.17
N HIS A 136 -19.86 46.55 40.26
CA HIS A 136 -19.06 45.33 40.18
C HIS A 136 -19.72 44.19 40.94
N GLU A 137 -21.05 44.15 40.96
CA GLU A 137 -21.80 43.13 41.66
C GLU A 137 -22.83 42.51 40.75
N ILE A 138 -22.97 41.18 40.83
CA ILE A 138 -23.97 40.46 40.07
C ILE A 138 -25.33 40.70 40.70
N ILE A 139 -26.26 41.30 39.94
CA ILE A 139 -27.57 41.65 40.45
C ILE A 139 -28.68 40.82 39.83
N GLU A 140 -28.36 39.95 38.89
CA GLU A 140 -29.37 39.15 38.21
C GLU A 140 -28.67 37.98 37.52
N ARG A 141 -29.21 36.78 37.69
CA ARG A 141 -28.63 35.58 37.09
C ARG A 141 -29.73 34.65 36.63
N ALA A 142 -29.57 34.09 35.43
CA ALA A 142 -30.46 33.08 34.88
C ALA A 142 -29.62 31.86 34.51
N VAL A 143 -30.12 30.67 34.81
CA VAL A 143 -29.31 29.46 34.69
C VAL A 143 -29.92 28.53 33.65
N LEU A 144 -29.06 27.77 32.98
CA LEU A 144 -29.48 26.75 32.04
C LEU A 144 -28.59 25.53 32.21
N TYR A 145 -29.21 24.34 32.27
CA TYR A 145 -28.47 23.09 32.42
C TYR A 145 -28.71 22.22 31.19
N VAL A 146 -27.63 21.90 30.48
CA VAL A 146 -27.70 21.09 29.27
C VAL A 146 -27.09 19.73 29.57
N PRO A 147 -27.84 18.64 29.49
CA PRO A 147 -27.30 17.33 29.89
C PRO A 147 -26.16 16.90 28.99
N SER A 148 -24.98 16.69 29.58
CA SER A 148 -23.85 16.33 28.75
C SER A 148 -23.55 14.84 28.70
N LEU A 149 -23.00 14.25 29.76
CA LEU A 149 -22.78 12.80 29.68
C LEU A 149 -23.30 11.99 30.87
N GLY A 150 -22.75 12.21 32.06
CA GLY A 150 -22.95 11.29 33.16
C GLY A 150 -21.67 10.98 33.92
N TYR A 151 -21.79 10.30 35.06
CA TYR A 151 -20.66 10.14 35.98
C TYR A 151 -20.96 9.00 36.95
N VAL A 152 -20.07 8.02 37.03
CA VAL A 152 -20.26 6.84 37.87
C VAL A 152 -19.38 6.96 39.09
N LYS A 153 -20.00 6.84 40.27
CA LYS A 153 -19.33 6.95 41.55
C LYS A 153 -19.41 5.61 42.25
N SER A 154 -18.27 5.10 42.72
CA SER A 154 -18.17 3.74 43.22
C SER A 154 -17.53 3.72 44.60
N ILE A 155 -17.83 2.67 45.36
CA ILE A 155 -17.28 2.45 46.69
C ILE A 155 -17.17 0.95 46.91
N GLU A 156 -16.30 0.57 47.84
CA GLU A 156 -16.16 -0.81 48.29
C GLU A 156 -16.75 -0.92 49.68
N PHE A 157 -17.59 -1.93 49.90
CA PHE A 157 -18.30 -2.03 51.16
C PHE A 157 -18.26 -3.46 51.69
N ASN A 158 -18.40 -3.58 53.00
CA ASN A 158 -18.52 -4.82 53.72
C ASN A 158 -19.91 -4.93 54.33
N PRO A 159 -20.42 -6.14 54.53
CA PRO A 159 -21.76 -6.30 55.12
C PRO A 159 -21.82 -5.66 56.51
N GLY A 160 -22.69 -4.67 56.66
CA GLY A 160 -22.81 -3.96 57.91
C GLY A 160 -21.79 -2.85 58.10
N GLU A 161 -21.53 -2.09 57.06
CA GLU A 161 -20.55 -1.00 57.10
C GLU A 161 -21.26 0.33 56.98
N LYS A 162 -20.81 1.31 57.75
CA LYS A 162 -21.39 2.64 57.75
C LYS A 162 -20.71 3.48 56.70
N ILE A 163 -21.47 3.94 55.72
CA ILE A 163 -20.96 4.74 54.60
C ILE A 163 -21.38 6.18 54.81
N ASN A 164 -20.44 7.10 54.60
CA ASN A 164 -20.70 8.52 54.80
C ASN A 164 -21.89 8.97 53.95
N LYS A 165 -22.78 9.76 54.57
CA LYS A 165 -23.97 10.22 53.86
C LYS A 165 -23.61 11.09 52.66
N ASP A 166 -22.50 11.82 52.75
CA ASP A 166 -22.10 12.69 51.65
C ASP A 166 -21.73 11.89 50.40
N PHE A 167 -21.47 10.58 50.53
CA PHE A 167 -21.24 9.76 49.36
C PHE A 167 -22.52 9.60 48.55
N TYR A 168 -23.66 9.52 49.23
CA TYR A 168 -24.94 9.27 48.57
C TYR A 168 -25.64 10.57 48.16
N PHE A 169 -25.79 11.50 49.10
CA PHE A 169 -26.64 12.67 48.93
C PHE A 169 -25.81 13.90 48.61
N LEU A 170 -26.28 14.70 47.67
CA LEU A 170 -25.67 15.97 47.32
C LEU A 170 -26.63 17.09 47.68
N THR A 171 -26.15 18.05 48.46
CA THR A 171 -26.99 19.14 48.92
C THR A 171 -27.00 20.32 47.96
N ASN A 172 -25.89 20.60 47.29
CA ASN A 172 -25.79 21.73 46.38
C ASN A 172 -25.15 21.28 45.06
N ASP A 173 -25.54 21.95 43.99
CA ASP A 173 -24.92 21.69 42.70
C ASP A 173 -23.44 22.01 42.75
N LYS A 174 -22.63 21.22 42.05
CA LYS A 174 -21.20 21.43 42.06
C LYS A 174 -20.59 20.85 40.79
N CYS A 175 -19.37 21.24 40.51
CA CYS A 175 -18.63 20.77 39.34
C CYS A 175 -17.60 19.73 39.76
N ILE A 176 -17.69 18.56 39.15
CA ILE A 176 -16.69 17.52 39.40
C ILE A 176 -15.47 17.66 38.49
N LEU A 177 -15.55 18.48 37.45
CA LEU A 177 -14.41 18.74 36.58
C LEU A 177 -13.90 20.17 36.73
N GLU A 179 -13.72 23.24 35.97
CA GLU A 179 -14.12 24.42 36.73
C GLU A 179 -13.60 25.69 36.08
N GLN A 180 -14.38 26.26 35.17
CA GLN A 180 -13.97 27.42 34.40
C GLN A 180 -15.05 28.49 34.45
N PHE A 181 -14.69 29.68 33.96
CA PHE A 181 -15.61 30.82 33.89
C PHE A 181 -15.33 31.56 32.59
N LEU A 182 -16.05 31.19 31.54
CA LEU A 182 -15.92 31.85 30.24
C LEU A 182 -17.06 32.84 30.11
N TYR A 183 -16.78 34.05 29.63
CA TYR A 183 -17.80 35.07 29.54
C TYR A 183 -17.69 35.85 28.24
N LYS A 184 -18.83 36.27 27.72
CA LYS A 184 -18.92 37.19 26.61
C LYS A 184 -19.98 38.24 26.90
N LYS A 185 -19.64 39.51 26.67
CA LYS A 185 -20.61 40.57 26.89
C LYS A 185 -21.63 40.59 25.76
N ILE A 186 -22.91 40.64 26.12
CA ILE A 186 -23.99 40.64 25.15
C ILE A 186 -24.21 42.07 24.66
N LEU A 187 -24.11 42.27 23.34
CA LEU A 187 -24.27 43.58 22.76
C LEU A 187 -25.74 43.95 22.65
N ARG A 208 3.94 31.84 0.38
CA ARG A 208 4.40 30.75 -0.46
C ARG A 208 3.97 30.97 -1.91
N VAL A 209 4.76 30.45 -2.84
CA VAL A 209 4.45 30.53 -4.27
C VAL A 209 3.96 29.16 -4.73
N LEU A 210 2.80 29.14 -5.35
CA LEU A 210 2.23 27.90 -5.86
C LEU A 210 2.44 27.85 -7.37
N PRO A 211 3.20 26.90 -7.90
CA PRO A 211 3.41 26.79 -9.34
C PRO A 211 2.29 26.02 -10.05
N TYR A 212 1.05 26.35 -9.71
CA TYR A 212 -0.08 25.67 -10.30
C TYR A 212 -0.45 26.28 -11.64
N SER A 213 -1.10 25.49 -12.47
CA SER A 213 -1.65 25.96 -13.73
C SER A 213 -3.07 26.49 -13.51
N ASN A 214 -3.50 27.39 -14.38
CA ASN A 214 -4.81 28.00 -14.24
C ASN A 214 -5.90 26.94 -14.31
N GLY A 215 -6.70 26.86 -13.26
CA GLY A 215 -7.77 25.88 -13.21
C GLY A 215 -8.40 25.84 -11.84
N LEU A 216 -9.16 24.78 -11.59
CA LEU A 216 -9.81 24.56 -10.32
C LEU A 216 -9.10 23.44 -9.57
N TYR A 217 -8.81 23.69 -8.29
CA TYR A 217 -8.13 22.71 -7.45
C TYR A 217 -8.95 22.46 -6.19
N VAL A 218 -8.87 21.22 -5.71
CA VAL A 218 -9.44 20.83 -4.43
C VAL A 218 -8.28 20.39 -3.55
N ILE A 219 -8.14 21.03 -2.40
CA ILE A 219 -7.03 20.79 -1.49
C ILE A 219 -7.59 20.15 -0.23
N ASN A 220 -7.20 18.90 0.01
CA ASN A 220 -7.41 18.26 1.31
C ASN A 220 -6.37 18.86 2.25
N LYS A 221 -6.83 19.65 3.21
CA LYS A 221 -5.95 20.43 4.07
C LYS A 221 -5.88 19.87 5.49
N GLY A 222 -6.09 18.56 5.64
CA GLY A 222 -5.88 17.91 6.92
C GLY A 222 -7.17 17.37 7.49
N ASP A 223 -7.03 16.78 8.68
CA ASP A 223 -8.13 16.14 9.39
C ASP A 223 -7.98 16.46 10.87
N GLY A 224 -9.12 16.53 11.56
CA GLY A 224 -9.11 16.77 12.99
C GLY A 224 -9.42 18.19 13.40
N TYR A 225 -10.16 18.94 12.59
CA TYR A 225 -10.47 20.32 12.90
C TYR A 225 -11.63 20.41 13.88
N ILE A 226 -11.53 21.34 14.82
CA ILE A 226 -12.59 21.63 15.77
C ILE A 226 -12.78 23.14 15.82
N ARG A 227 -13.93 23.56 16.33
CA ARG A 227 -14.20 24.97 16.48
C ARG A 227 -13.87 25.44 17.90
N THR A 228 -13.75 26.75 18.06
CA THR A 228 -13.40 27.32 19.34
C THR A 228 -14.58 27.25 20.30
N ASN A 229 -14.29 27.57 21.57
CA ASN A 229 -15.31 27.72 22.61
C ASN A 229 -16.13 26.45 22.81
N ASP A 230 -15.50 25.29 22.65
CA ASP A 230 -16.13 23.99 22.93
C ASP A 230 -17.41 23.80 22.12
N LYS A 231 -17.46 24.39 20.92
CA LYS A 231 -18.63 24.27 20.08
C LYS A 231 -18.82 22.85 19.55
N ASP A 232 -17.74 22.08 19.44
CA ASP A 232 -17.80 20.72 18.93
C ASP A 232 -17.65 19.67 20.02
N LEU A 233 -17.71 20.07 21.28
CA LEU A 233 -17.43 19.14 22.37
C LEU A 233 -18.58 18.15 22.52
N ILE A 234 -18.31 16.88 22.18
CA ILE A 234 -19.27 15.83 22.49
C ILE A 234 -19.46 15.72 23.99
N GLY A 235 -18.37 15.73 24.75
CA GLY A 235 -18.52 15.76 26.19
C GLY A 235 -17.23 15.41 26.92
N THR A 236 -17.37 15.28 28.25
CA THR A 236 -16.27 14.96 29.14
C THR A 236 -16.71 13.87 30.12
N LEU A 237 -15.80 12.94 30.40
CA LEU A 237 -16.05 11.86 31.34
C LEU A 237 -14.92 11.83 32.36
N LEU A 238 -15.26 11.90 33.63
CA LEU A 238 -14.28 11.78 34.71
C LEU A 238 -14.18 10.32 35.10
N ILE A 239 -13.06 9.69 34.79
CA ILE A 239 -12.82 8.29 35.10
C ILE A 239 -12.01 8.23 36.38
N GLU A 240 -12.59 7.62 37.42
CA GLU A 240 -11.89 7.43 38.68
C GLU A 240 -10.80 6.37 38.51
N ALA A 241 -9.90 6.33 39.50
CA ALA A 241 -8.79 5.38 39.44
C ALA A 241 -9.31 3.95 39.46
N GLY A 242 -8.76 3.12 38.59
CA GLY A 242 -9.16 1.74 38.50
C GLY A 242 -10.41 1.47 37.69
N SER A 243 -10.87 2.45 36.91
CA SER A 243 -12.06 2.29 36.09
C SER A 243 -11.72 2.57 34.63
N SER A 244 -12.70 2.35 33.76
CA SER A 244 -12.57 2.62 32.34
C SER A 244 -13.79 3.39 31.87
N GLY A 245 -13.57 4.40 31.04
CA GLY A 245 -14.64 5.23 30.52
C GLY A 245 -14.65 5.21 29.00
N SER A 246 -15.85 5.17 28.43
CA SER A 246 -15.99 5.11 26.98
C SER A 246 -17.05 6.10 26.52
N ILE A 247 -16.69 6.90 25.50
CA ILE A 247 -17.63 7.78 24.81
C ILE A 247 -17.81 7.24 23.40
N ILE A 248 -19.07 7.00 23.02
CA ILE A 248 -19.40 6.25 21.83
C ILE A 248 -20.33 7.07 20.95
N GLN A 249 -20.03 7.13 19.66
CA GLN A 249 -21.01 7.59 18.68
C GLN A 249 -21.57 6.36 17.98
N PRO A 250 -22.79 5.93 18.29
CA PRO A 250 -23.29 4.68 17.71
C PRO A 250 -23.88 4.84 16.31
N ARG A 251 -24.01 6.07 15.83
CA ARG A 251 -24.64 6.34 14.54
C ARG A 251 -26.04 5.76 14.47
N LEU A 252 -26.79 5.88 15.57
CA LEU A 252 -28.20 5.50 15.56
C LEU A 252 -28.97 6.39 14.61
N ARG A 253 -28.70 7.68 14.62
CA ARG A 253 -29.20 8.62 13.62
C ARG A 253 -28.00 9.02 12.77
N ASN A 254 -27.96 8.53 11.53
CA ASN A 254 -26.82 8.73 10.65
C ASN A 254 -26.89 10.07 9.94
N THR A 255 -27.00 11.13 10.74
CA THR A 255 -27.08 12.50 10.26
C THR A 255 -25.91 13.30 10.79
N THR A 256 -25.21 13.98 9.90
CA THR A 256 -24.08 14.83 10.27
C THR A 256 -24.42 16.27 9.88
N ARG A 257 -23.43 17.15 10.01
CA ARG A 257 -23.62 18.57 9.75
C ARG A 257 -22.35 19.17 9.18
N PRO A 258 -22.12 19.02 7.88
CA PRO A 258 -20.97 19.67 7.24
C PRO A 258 -21.08 21.18 7.33
N LEU A 259 -19.93 21.84 7.43
CA LEU A 259 -19.89 23.29 7.58
C LEU A 259 -19.30 23.93 6.33
N PHE A 260 -20.07 24.80 5.68
CA PHE A 260 -19.66 25.37 4.41
C PHE A 260 -19.52 26.87 4.52
N THR A 261 -18.49 27.41 3.86
CA THR A 261 -18.35 28.85 3.70
C THR A 261 -17.77 29.12 2.32
N THR A 262 -18.02 30.33 1.80
CA THR A 262 -17.62 30.63 0.44
C THR A 262 -17.31 32.11 0.32
N SER A 263 -16.44 32.42 -0.64
CA SER A 263 -16.12 33.81 -0.98
C SER A 263 -16.99 34.34 -2.12
N ASN A 264 -17.59 33.45 -2.92
CA ASN A 264 -18.43 33.85 -4.05
C ASN A 264 -19.52 32.79 -4.17
N ASP A 265 -20.69 33.07 -3.58
CA ASP A 265 -21.77 32.09 -3.61
C ASP A 265 -22.37 31.94 -5.00
N ALA A 266 -22.17 32.91 -5.89
CA ALA A 266 -22.68 32.77 -7.25
C ALA A 266 -22.00 31.64 -8.00
N LYS A 267 -20.67 31.53 -7.88
CA LYS A 267 -19.92 30.49 -8.57
C LYS A 267 -19.70 29.27 -7.67
N PHE A 268 -19.08 29.47 -6.52
CA PHE A 268 -18.76 28.38 -5.60
C PHE A 268 -19.89 28.18 -4.60
N SER A 269 -21.03 27.74 -5.13
CA SER A 269 -22.16 27.38 -4.29
C SER A 269 -21.87 26.07 -3.58
N GLN A 270 -22.67 25.74 -2.58
CA GLN A 270 -22.45 24.50 -1.83
C GLN A 270 -22.62 23.28 -2.71
N GLN A 271 -23.62 23.29 -3.60
CA GLN A 271 -23.78 22.19 -4.54
C GLN A 271 -22.58 22.10 -5.48
N TYR A 272 -22.08 23.25 -5.94
CA TYR A 272 -20.90 23.25 -6.78
C TYR A 272 -19.70 22.67 -6.06
N THR A 273 -19.49 23.07 -4.80
CA THR A 273 -18.37 22.54 -4.04
C THR A 273 -18.50 21.05 -3.81
N GLU A 274 -19.71 20.58 -3.51
CA GLU A 274 -19.92 19.15 -3.32
C GLU A 274 -19.64 18.37 -4.60
N GLU A 275 -20.08 18.91 -5.74
CA GLU A 275 -19.81 18.24 -7.01
C GLU A 275 -18.31 18.22 -7.30
N ARG A 276 -17.61 19.31 -6.98
CA ARG A 276 -16.16 19.33 -7.20
C ARG A 276 -15.46 18.33 -6.29
N LEU A 277 -15.91 18.20 -5.04
CA LEU A 277 -15.33 17.21 -4.15
C LEU A 277 -15.58 15.80 -4.67
N LYS A 278 -16.76 15.54 -5.19
CA LYS A 278 -17.05 14.22 -5.78
C LYS A 278 -16.16 13.97 -6.99
N ASP A 279 -15.92 15.00 -7.80
CA ASP A 279 -15.04 14.83 -8.94
C ASP A 279 -13.60 14.57 -8.51
N ALA A 280 -13.14 15.23 -7.45
CA ALA A 280 -11.75 15.14 -7.05
C ALA A 280 -11.46 13.88 -6.24
N PHE A 281 -12.07 13.76 -5.07
CA PHE A 281 -11.77 12.66 -4.15
C PHE A 281 -12.82 11.58 -4.15
N ASN A 282 -13.82 11.67 -5.02
CA ASN A 282 -14.92 10.69 -5.09
C ASN A 282 -15.66 10.60 -3.76
N VAL A 283 -15.92 11.75 -3.16
CA VAL A 283 -16.73 11.82 -1.96
C VAL A 283 -18.19 11.61 -2.33
N GLN A 284 -18.86 10.69 -1.65
CA GLN A 284 -20.23 10.32 -1.97
C GLN A 284 -21.24 10.79 -0.94
N LEU A 285 -20.90 10.74 0.34
CA LEU A 285 -21.80 11.10 1.43
C LEU A 285 -21.30 12.38 2.10
N PHE A 286 -22.17 13.37 2.20
CA PHE A 286 -21.80 14.67 2.78
C PHE A 286 -22.46 14.94 4.12
N ASN A 287 -23.77 14.76 4.22
CA ASN A 287 -24.50 14.95 5.47
C ASN A 287 -25.07 13.63 5.99
N THR A 288 -24.32 12.55 5.80
CA THR A 288 -24.72 11.23 6.24
C THR A 288 -23.48 10.38 6.39
N SER A 289 -23.38 9.64 7.50
CA SER A 289 -22.25 8.75 7.72
C SER A 289 -22.72 7.51 8.46
N THR A 290 -22.12 6.37 8.14
CA THR A 290 -22.45 5.12 8.80
C THR A 290 -21.27 4.49 9.52
N SER A 291 -20.13 5.17 9.61
CA SER A 291 -18.96 4.64 10.30
C SER A 291 -18.95 5.11 11.74
N LEU A 292 -18.73 4.17 12.66
CA LEU A 292 -18.79 4.45 14.08
C LEU A 292 -17.41 4.82 14.62
N PHE A 293 -17.40 5.56 15.72
CA PHE A 293 -16.17 5.79 16.46
C PHE A 293 -16.45 5.82 17.95
N LYS A 294 -15.42 5.51 18.73
CA LYS A 294 -15.54 5.25 20.15
C LYS A 294 -14.19 5.46 20.79
N PHE A 295 -14.19 6.10 21.96
CA PHE A 295 -12.96 6.38 22.69
C PHE A 295 -13.04 5.75 24.07
N VAL A 296 -12.02 4.98 24.42
CA VAL A 296 -11.97 4.23 25.68
C VAL A 296 -10.68 4.62 26.40
N GLU A 297 -10.80 4.92 27.69
CA GLU A 297 -9.64 5.26 28.50
C GLU A 297 -9.70 4.49 29.81
N GLU A 298 -8.58 3.84 30.15
CA GLU A 298 -8.43 3.16 31.42
C GLU A 298 -7.59 4.03 32.34
N ALA A 299 -8.10 4.30 33.51
CA ALA A 299 -7.34 5.20 34.36
C ALA A 299 -6.32 4.44 35.19
N PRO A 300 -5.19 5.07 35.49
CA PRO A 300 -4.21 4.42 36.38
C PRO A 300 -4.76 4.25 37.77
N SER A 301 -4.22 3.26 38.49
CA SER A 301 -4.75 2.92 39.80
C SER A 301 -4.43 3.94 40.87
N ASN A 302 -3.59 4.94 40.58
CA ASN A 302 -3.19 5.92 41.59
C ASN A 302 -3.90 7.25 41.47
N LYS A 303 -4.25 7.68 40.26
CA LYS A 303 -4.84 9.00 40.06
C LYS A 303 -6.06 8.91 39.15
N ASN A 304 -6.98 9.85 39.34
CA ASN A 304 -8.11 9.99 38.44
C ASN A 304 -7.66 10.58 37.11
N ILE A 305 -8.52 10.45 36.09
CA ILE A 305 -8.22 10.98 34.77
C ILE A 305 -9.51 11.54 34.17
N CYS A 306 -9.36 12.39 33.16
CA CYS A 306 -10.49 12.96 32.46
C CYS A 306 -10.33 12.72 30.97
N ILE A 307 -11.41 12.31 30.32
CA ILE A 307 -11.42 12.09 28.88
C ILE A 307 -12.37 13.09 28.25
N LYS A 308 -11.97 13.65 27.11
CA LYS A 308 -12.76 14.64 26.40
C LYS A 308 -12.96 14.17 24.97
N ALA A 309 -14.21 14.18 24.51
CA ALA A 309 -14.54 13.77 23.16
C ALA A 309 -15.09 14.96 22.39
N TYR A 310 -14.55 15.18 21.20
CA TYR A 310 -14.94 16.24 20.28
C TYR A 310 -15.37 15.64 18.95
N ASN A 311 -16.25 16.35 18.26
CA ASN A 311 -16.53 16.08 16.85
C ASN A 311 -15.54 16.85 16.00
N THR A 312 -15.13 16.25 14.88
CA THR A 312 -14.10 16.85 14.04
C THR A 312 -14.58 17.00 12.61
N TYR A 313 -13.79 17.73 11.84
CA TYR A 313 -14.04 18.00 10.44
C TYR A 313 -12.77 17.83 9.64
N GLU A 314 -12.95 17.47 8.37
CA GLU A 314 -11.89 17.45 7.39
C GLU A 314 -12.07 18.68 6.51
N LYS A 315 -11.01 19.47 6.37
CA LYS A 315 -11.09 20.70 5.60
C LYS A 315 -10.78 20.44 4.14
N TYR A 316 -11.64 20.99 3.27
CA TYR A 316 -11.47 20.88 1.83
C TYR A 316 -11.58 22.29 1.26
N GLU A 317 -10.50 22.76 0.65
CA GLU A 317 -10.47 24.10 0.08
C GLU A 317 -10.55 23.99 -1.43
N LEU A 318 -11.63 24.50 -2.00
CA LEU A 318 -11.79 24.56 -3.45
C LEU A 318 -11.37 25.95 -3.92
N ILE A 319 -10.34 26.00 -4.77
CA ILE A 319 -9.75 27.27 -5.19
C ILE A 319 -9.82 27.38 -6.70
N ASP A 320 -10.15 28.57 -7.17
CA ASP A 320 -10.12 28.91 -8.59
C ASP A 320 -8.83 29.67 -8.89
N TYR A 321 -7.73 28.92 -8.86
CA TYR A 321 -6.42 29.52 -9.10
C TYR A 321 -6.33 30.06 -10.51
N GLN A 322 -6.05 31.36 -10.63
CA GLN A 322 -5.96 32.03 -11.92
C GLN A 322 -4.77 32.98 -11.91
N ASN A 323 -3.83 32.76 -12.84
CA ASN A 323 -2.71 33.67 -13.07
C ASN A 323 -1.93 33.96 -11.79
N GLY A 324 -1.69 32.92 -11.01
CA GLY A 324 -0.86 33.06 -9.83
C GLY A 324 -1.54 33.63 -8.61
N SER A 325 -2.87 33.60 -8.55
CA SER A 325 -3.57 34.13 -7.39
C SER A 325 -4.90 33.41 -7.26
N ILE A 326 -5.33 33.19 -6.00
CA ILE A 326 -6.60 32.55 -5.71
C ILE A 326 -7.70 33.60 -5.89
N VAL A 327 -8.40 33.55 -7.02
CA VAL A 327 -9.45 34.53 -7.27
C VAL A 327 -10.77 34.15 -6.63
N ASN A 328 -10.95 32.88 -6.26
CA ASN A 328 -12.16 32.42 -5.59
C ASN A 328 -11.79 31.28 -4.67
N LYS A 329 -12.47 31.19 -3.52
CA LYS A 329 -12.18 30.17 -2.54
C LYS A 329 -13.46 29.73 -1.86
N ALA A 330 -13.52 28.44 -1.54
CA ALA A 330 -14.63 27.88 -0.79
C ALA A 330 -14.09 26.85 0.17
N GLU A 331 -14.66 26.78 1.37
CA GLU A 331 -14.23 25.87 2.40
C GLU A 331 -15.37 24.95 2.79
N TYR A 332 -15.10 23.65 2.75
CA TYR A 332 -16.06 22.62 3.15
C TYR A 332 -15.46 21.83 4.30
N TYR A 333 -16.22 21.69 5.38
CA TYR A 333 -15.79 20.97 6.57
C TYR A 333 -16.65 19.72 6.64
N LEU A 334 -16.09 18.61 6.18
CA LEU A 334 -16.80 17.35 6.11
C LEU A 334 -16.63 16.58 7.41
N PRO A 335 -17.70 16.18 8.08
CA PRO A 335 -17.57 15.57 9.41
C PRO A 335 -16.71 14.31 9.35
N SER A 336 -15.68 14.28 10.18
CA SER A 336 -14.77 13.15 10.31
C SER A 336 -15.18 12.30 11.49
N LEU A 337 -14.28 11.44 11.96
CA LEU A 337 -14.58 10.46 13.01
C LEU A 337 -14.09 10.80 14.41
N GLY A 338 -14.07 12.07 14.80
CA GLY A 338 -13.92 12.44 16.19
C GLY A 338 -12.49 12.72 16.62
N TYR A 339 -12.39 13.31 17.81
CA TYR A 339 -11.12 13.66 18.44
C TYR A 339 -11.21 13.38 19.93
N CYS A 340 -10.07 13.02 20.53
CA CYS A 340 -10.03 12.58 21.92
C CYS A 340 -8.89 13.27 22.65
N GLU A 341 -9.17 13.71 23.87
CA GLU A 341 -8.20 14.37 24.73
C GLU A 341 -8.12 13.67 26.08
N VAL A 342 -6.92 13.59 26.64
CA VAL A 342 -6.69 13.04 27.96
C VAL A 342 -6.14 14.15 28.84
N THR A 343 -6.76 14.36 30.00
CA THR A 343 -6.36 15.45 30.88
C THR A 343 -6.36 14.98 32.32
N ASN A 344 -5.72 15.78 33.17
CA ASN A 344 -5.71 15.57 34.61
C ASN A 344 -6.29 16.79 35.29
N ALA A 345 -7.13 16.56 36.29
CA ALA A 345 -7.76 17.67 36.99
C ALA A 345 -6.71 18.46 37.77
N PRO A 346 -6.63 19.77 37.58
CA PRO A 346 -5.64 20.57 38.32
C PRO A 346 -5.96 20.63 39.79
N SER A 347 -4.92 20.85 40.59
CA SER A 347 -5.07 20.96 42.03
C SER A 347 -5.89 22.19 42.42
N VAL A 352 -10.05 29.54 39.88
CA VAL A 352 -10.92 29.89 38.77
C VAL A 352 -10.66 31.33 38.33
N VAL A 353 -10.28 31.50 37.07
CA VAL A 353 -9.95 32.80 36.50
C VAL A 353 -10.93 33.08 35.36
N LYS A 354 -11.55 34.26 35.39
CA LYS A 354 -12.43 34.66 34.30
C LYS A 354 -11.66 34.76 33.01
N THR A 355 -12.24 34.24 31.93
CA THR A 355 -11.60 34.24 30.62
C THR A 355 -12.63 34.56 29.56
N GLN A 356 -12.44 35.67 28.85
CA GLN A 356 -13.32 35.99 27.74
C GLN A 356 -13.17 34.95 26.65
N VAL A 357 -14.30 34.54 26.07
CA VAL A 357 -14.27 33.49 25.06
C VAL A 357 -13.44 33.94 23.87
N ALA A 358 -12.74 32.99 23.27
CA ALA A 358 -11.90 33.29 22.13
C ALA A 358 -12.75 33.65 20.91
N GLU A 359 -12.09 34.18 19.89
CA GLU A 359 -12.78 34.50 18.65
C GLU A 359 -13.23 33.21 17.96
N ASP A 360 -14.09 33.37 16.97
CA ASP A 360 -14.64 32.22 16.25
C ASP A 360 -13.63 31.77 15.20
N GLY A 361 -13.24 30.51 15.26
CA GLY A 361 -12.26 29.99 14.33
C GLY A 361 -12.13 28.49 14.47
N PHE A 362 -11.10 27.95 13.82
CA PHE A 362 -10.85 26.52 13.80
C PHE A 362 -9.44 26.22 14.30
N ILE A 363 -9.31 25.08 14.97
CA ILE A 363 -8.04 24.55 15.44
C ILE A 363 -7.88 23.14 14.90
N GLN A 364 -6.72 22.85 14.33
CA GLN A 364 -6.45 21.53 13.78
C GLN A 364 -5.71 20.70 14.82
N ASN A 365 -6.27 19.54 15.15
CA ASN A 365 -5.65 18.58 16.05
C ASN A 365 -5.31 17.29 15.32
N GLY A 366 -4.80 17.43 14.10
CA GLY A 366 -4.38 16.29 13.31
C GLY A 366 -3.08 16.59 12.61
N PRO A 367 -2.58 15.62 11.84
CA PRO A 367 -1.30 15.79 11.17
C PRO A 367 -1.38 16.83 10.07
N GLU A 368 -0.25 17.46 9.79
CA GLU A 368 -0.18 18.42 8.70
C GLU A 368 -0.40 17.71 7.37
N GLU A 369 -1.21 18.33 6.51
CA GLU A 369 -1.61 17.70 5.26
C GLU A 369 -1.88 18.76 4.21
N GLU A 370 -1.53 18.44 2.96
CA GLU A 370 -1.90 19.28 1.82
C GLU A 370 -1.88 18.39 0.59
N ILE A 371 -3.06 17.97 0.13
CA ILE A 371 -3.18 17.19 -1.10
C ILE A 371 -3.93 18.07 -2.09
N VAL A 372 -3.26 18.45 -3.16
CA VAL A 372 -3.86 19.32 -4.18
C VAL A 372 -4.19 18.46 -5.39
N VAL A 373 -5.49 18.38 -5.71
CA VAL A 373 -5.97 17.59 -6.84
C VAL A 373 -6.70 18.54 -7.78
N GLY A 374 -6.23 18.62 -9.01
CA GLY A 374 -6.93 19.42 -10.00
C GLY A 374 -8.23 18.75 -10.42
N VAL A 375 -9.17 19.56 -10.88
CA VAL A 375 -10.46 19.05 -11.34
C VAL A 375 -10.78 19.66 -12.69
N ILE A 376 -11.38 18.86 -13.56
CA ILE A 376 -11.82 19.35 -14.86
C ILE A 376 -12.89 20.41 -14.65
N ASP A 377 -12.71 21.57 -15.26
CA ASP A 377 -13.69 22.64 -15.17
C ASP A 377 -15.00 22.19 -15.81
N PRO A 378 -16.06 22.03 -15.03
CA PRO A 378 -17.32 21.51 -15.60
C PRO A 378 -17.95 22.43 -16.63
N SER A 379 -17.59 23.71 -16.65
CA SER A 379 -18.16 24.63 -17.61
C SER A 379 -17.58 24.45 -19.02
N GLU A 380 -16.57 23.62 -19.19
CA GLU A 380 -15.92 23.40 -20.48
C GLU A 380 -16.28 22.03 -21.04
N ASN A 381 -16.24 21.95 -22.37
CA ASN A 381 -16.70 20.78 -23.09
C ASN A 381 -15.54 19.81 -23.31
N ILE A 382 -15.84 18.52 -23.25
CA ILE A 382 -14.85 17.45 -23.39
C ILE A 382 -15.17 16.67 -24.65
N GLN A 383 -14.29 16.76 -25.65
CA GLN A 383 -14.35 15.87 -26.80
C GLN A 383 -13.48 14.64 -26.54
N GLU A 384 -13.65 13.63 -27.39
CA GLU A 384 -12.93 12.38 -27.23
C GLU A 384 -12.30 11.96 -28.54
N ILE A 385 -11.37 11.00 -28.44
CA ILE A 385 -10.73 10.38 -29.58
C ILE A 385 -10.84 8.88 -29.36
N ASN A 386 -11.82 8.24 -30.01
CA ASN A 386 -12.17 6.86 -29.67
C ASN A 386 -11.08 5.88 -30.04
N THR A 387 -10.23 6.22 -31.00
CA THR A 387 -9.14 5.33 -31.41
C THR A 387 -7.86 5.70 -30.69
N ALA A 388 -7.22 4.72 -30.07
CA ALA A 388 -5.96 4.97 -29.39
C ALA A 388 -4.89 5.35 -30.40
N ILE A 389 -4.15 6.42 -30.11
CA ILE A 389 -3.15 6.91 -31.03
C ILE A 389 -1.98 5.95 -31.06
N SER A 390 -1.65 5.43 -32.24
CA SER A 390 -0.57 4.46 -32.39
C SER A 390 0.77 5.13 -32.67
N ASP A 391 0.85 5.91 -33.75
CA ASP A 391 2.07 6.62 -34.09
C ASP A 391 1.86 7.97 -34.77
N ASN A 392 0.63 8.30 -35.17
CA ASN A 392 0.35 9.56 -35.83
C ASN A 392 -1.14 9.84 -35.75
N TYR A 393 -1.49 11.10 -35.56
CA TYR A 393 -2.90 11.47 -35.53
C TYR A 393 -3.04 12.96 -35.82
N THR A 394 -4.15 13.33 -36.45
CA THR A 394 -4.49 14.73 -36.74
C THR A 394 -5.96 14.92 -36.39
N TYR A 395 -6.23 15.34 -35.15
CA TYR A 395 -7.60 15.58 -34.71
C TYR A 395 -8.07 16.94 -35.18
N ASN A 396 -9.29 16.99 -35.71
CA ASN A 396 -9.90 18.22 -36.18
C ASN A 396 -10.89 18.73 -35.14
N ILE A 397 -10.80 20.00 -34.80
CA ILE A 397 -11.63 20.58 -33.74
C ILE A 397 -13.10 20.64 -34.15
N VAL A 401 -18.11 24.27 -29.94
CA VAL A 401 -16.84 24.64 -29.34
C VAL A 401 -16.13 25.69 -30.18
N ASN A 402 -16.87 26.73 -30.56
CA ASN A 402 -16.35 27.79 -31.42
C ASN A 402 -15.64 28.83 -30.55
N ASN A 403 -14.32 28.87 -30.64
CA ASN A 403 -13.50 29.84 -29.91
C ASN A 403 -13.78 29.79 -28.41
N ASN A 404 -13.89 28.57 -27.88
CA ASN A 404 -14.15 28.35 -26.48
C ASN A 404 -13.21 27.26 -25.99
N PRO A 405 -12.56 27.47 -24.84
CA PRO A 405 -11.59 26.48 -24.35
C PRO A 405 -12.27 25.15 -24.06
N PHE A 406 -11.57 24.06 -24.34
CA PHE A 406 -12.18 22.74 -24.19
C PHE A 406 -11.10 21.68 -24.05
N TYR A 407 -11.51 20.51 -23.59
CA TYR A 407 -10.63 19.37 -23.36
C TYR A 407 -10.78 18.33 -24.47
N ILE A 408 -9.70 17.61 -24.73
CA ILE A 408 -9.69 16.45 -25.61
C ILE A 408 -9.18 15.27 -24.81
N LEU A 409 -9.98 14.21 -24.72
CA LEU A 409 -9.61 13.01 -23.99
C LEU A 409 -9.10 11.95 -24.95
N PHE A 410 -7.90 11.43 -24.68
CA PHE A 410 -7.29 10.49 -25.61
C PHE A 410 -6.32 9.59 -24.87
N THR A 411 -6.07 8.43 -25.45
CA THR A 411 -5.10 7.46 -24.94
C THR A 411 -4.18 7.04 -26.08
N VAL A 412 -3.11 6.33 -25.74
CA VAL A 412 -2.13 5.87 -26.71
C VAL A 412 -2.20 4.35 -26.81
N ASN A 413 -1.59 3.83 -27.87
CA ASN A 413 -1.57 2.38 -28.09
C ASN A 413 -0.37 1.72 -27.43
N THR A 414 0.79 2.37 -27.48
CA THR A 414 2.00 1.83 -26.87
C THR A 414 2.67 2.92 -26.05
N THR A 415 3.22 2.54 -24.90
CA THR A 415 3.89 3.50 -24.03
C THR A 415 5.10 4.09 -24.75
N GLY A 416 5.20 5.40 -24.74
CA GLY A 416 6.31 6.06 -25.41
C GLY A 416 6.20 7.56 -25.31
N ILE A 417 7.18 8.23 -25.91
CA ILE A 417 7.26 9.68 -25.85
C ILE A 417 6.60 10.24 -27.10
N TYR A 418 5.60 11.11 -26.89
CA TYR A 418 4.81 11.69 -27.96
C TYR A 418 4.95 13.20 -27.95
N LYS A 419 4.95 13.77 -29.14
CA LYS A 419 4.94 15.22 -29.33
C LYS A 419 3.56 15.64 -29.83
N ILE A 420 2.96 16.59 -29.12
CA ILE A 420 1.61 17.07 -29.42
C ILE A 420 1.70 18.56 -29.70
N ASN A 421 1.16 18.98 -30.83
CA ASN A 421 1.22 20.40 -31.21
C ASN A 421 -0.06 20.76 -31.94
N ALA A 422 -0.12 22.02 -32.39
CA ALA A 422 -1.25 22.52 -33.16
C ALA A 422 -0.73 23.10 -34.46
N GLN A 423 -1.65 23.60 -35.29
CA GLN A 423 -1.25 24.22 -36.54
C GLN A 423 -0.46 25.49 -36.25
N ASN A 424 0.77 25.54 -36.76
CA ASN A 424 1.72 26.62 -36.51
C ASN A 424 2.03 26.79 -35.03
N ASN A 425 1.69 25.79 -34.21
CA ASN A 425 2.01 25.75 -32.79
C ASN A 425 1.34 26.87 -31.99
N LEU A 426 0.38 27.57 -32.59
CA LEU A 426 -0.08 28.82 -31.98
C LEU A 426 -0.95 28.56 -30.74
N PRO A 427 -1.99 27.73 -30.80
CA PRO A 427 -2.73 27.44 -29.56
C PRO A 427 -1.89 26.62 -28.61
N SER A 428 -1.52 27.20 -27.47
CA SER A 428 -0.67 26.50 -26.52
C SER A 428 -1.51 25.56 -25.67
N LEU A 429 -1.32 24.26 -25.86
CA LEU A 429 -2.11 23.26 -25.19
C LEU A 429 -1.50 22.90 -23.83
N LYS A 430 -2.36 22.45 -22.91
CA LYS A 430 -1.89 21.98 -21.61
C LYS A 430 -2.37 20.55 -21.41
N ILE A 431 -1.45 19.64 -21.09
CA ILE A 431 -1.80 18.23 -20.98
C ILE A 431 -1.90 17.84 -19.51
N TYR A 432 -2.96 17.10 -19.18
CA TYR A 432 -3.16 16.53 -17.86
C TYR A 432 -3.27 15.01 -17.99
N GLU A 433 -2.96 14.32 -16.91
CA GLU A 433 -3.13 12.87 -16.83
C GLU A 433 -4.29 12.58 -15.91
N ALA A 434 -5.18 11.69 -16.33
CA ALA A 434 -6.28 11.27 -15.47
C ALA A 434 -5.72 10.41 -14.34
N ILE A 435 -5.94 10.84 -13.10
CA ILE A 435 -5.39 10.14 -11.95
C ILE A 435 -6.13 8.83 -11.75
N GLY A 436 -5.38 7.73 -11.65
CA GLY A 436 -5.98 6.42 -11.48
C GLY A 436 -6.74 5.92 -12.68
N SER A 437 -6.22 6.14 -13.88
CA SER A 437 -6.83 5.67 -15.11
C SER A 437 -5.99 4.53 -15.68
N GLY A 438 -6.67 3.57 -16.32
CA GLY A 438 -6.03 2.39 -16.82
C GLY A 438 -5.94 1.25 -15.81
N ASN A 439 -6.39 1.46 -14.58
CA ASN A 439 -6.39 0.44 -13.55
C ASN A 439 -7.62 -0.46 -13.63
N ARG A 440 -8.47 -0.25 -14.62
CA ARG A 440 -9.77 -0.88 -14.70
C ARG A 440 -10.04 -1.30 -16.13
N ASN A 441 -11.30 -1.53 -16.48
CA ASN A 441 -11.69 -2.03 -17.80
C ASN A 441 -10.90 -1.35 -18.91
N PHE A 442 -10.47 -2.19 -19.87
CA PHE A 442 -9.70 -1.72 -21.05
C PHE A 442 -10.03 -2.54 -22.28
N GLN A 443 -10.15 -1.90 -23.43
CA GLN A 443 -10.36 -2.60 -24.69
C GLN A 443 -9.20 -2.28 -25.61
N SER A 444 -8.53 -3.32 -26.11
CA SER A 444 -7.31 -3.13 -26.89
C SER A 444 -7.59 -2.31 -28.14
N GLY A 445 -6.77 -1.29 -28.35
CA GLY A 445 -6.86 -0.47 -29.54
C GLY A 445 -7.94 0.58 -29.53
N ASN A 446 -8.70 0.71 -28.46
CA ASN A 446 -9.78 1.69 -28.38
C ASN A 446 -9.74 2.40 -27.03
N LEU A 447 -10.14 3.67 -27.04
CA LEU A 447 -10.19 4.46 -25.82
C LEU A 447 -11.38 4.03 -24.97
N CYS A 448 -11.12 3.83 -23.67
CA CYS A 448 -12.15 3.46 -22.72
C CYS A 448 -12.36 4.65 -21.79
N ASP A 449 -13.39 5.44 -22.05
CA ASP A 449 -13.68 6.64 -21.28
C ASP A 449 -13.98 6.27 -19.83
N ASP A 450 -13.08 6.64 -18.93
CA ASP A 450 -13.22 6.33 -17.51
C ASP A 450 -14.05 7.34 -16.75
N ASP A 451 -14.35 8.49 -17.36
CA ASP A 451 -15.13 9.55 -16.71
C ASP A 451 -14.50 9.97 -15.38
N ILE A 452 -13.18 10.13 -15.39
CA ILE A 452 -12.44 10.59 -14.22
C ILE A 452 -12.05 12.04 -14.48
N LYS A 453 -12.50 12.94 -13.61
CA LYS A 453 -12.23 14.36 -13.76
C LYS A 453 -11.14 14.86 -12.84
N ALA A 454 -10.54 13.98 -12.03
CA ALA A 454 -9.34 14.33 -11.28
C ALA A 454 -8.15 14.28 -12.21
N ILE A 455 -7.51 15.43 -12.41
CA ILE A 455 -6.44 15.56 -13.40
C ILE A 455 -5.15 15.96 -12.68
N ASN A 456 -4.05 15.38 -13.11
CA ASN A 456 -2.73 15.69 -12.58
C ASN A 456 -1.94 16.40 -13.68
N TYR A 457 -1.63 17.67 -13.45
CA TYR A 457 -0.99 18.49 -14.47
C TYR A 457 0.38 17.93 -14.84
N ILE A 458 0.67 17.90 -16.14
CA ILE A 458 1.95 17.42 -16.66
C ILE A 458 2.78 18.58 -17.18
N THR A 459 2.29 19.28 -18.20
CA THR A 459 3.02 20.38 -18.80
C THR A 459 2.06 21.23 -19.61
N GLY A 460 2.51 22.42 -19.99
CA GLY A 460 1.71 23.31 -20.79
C GLY A 460 1.78 24.76 -20.33
N PHE A 461 1.32 25.68 -21.18
CA PHE A 461 1.34 27.10 -20.90
C PHE A 461 -0.07 27.66 -21.04
N ASP A 462 -0.42 28.61 -20.16
CA ASP A 462 -1.70 29.28 -20.29
C ASP A 462 -1.63 30.56 -21.11
N SER A 463 -0.45 30.94 -21.57
CA SER A 463 -0.32 32.14 -22.38
C SER A 463 -1.07 31.95 -23.70
N PRO A 464 -1.98 32.86 -24.06
CA PRO A 464 -2.76 32.66 -25.29
C PRO A 464 -1.92 32.72 -26.54
N ASN A 465 -1.13 33.78 -26.70
CA ASN A 465 -0.29 33.96 -27.88
C ASN A 465 1.14 33.60 -27.51
N ALA A 466 1.44 32.30 -27.55
CA ALA A 466 2.79 31.82 -27.28
C ALA A 466 2.90 30.43 -27.90
N LYS A 467 3.70 30.31 -28.96
CA LYS A 467 3.85 29.03 -29.62
C LYS A 467 4.62 28.06 -28.75
N SER A 468 4.13 26.82 -28.65
CA SER A 468 4.79 25.79 -27.88
C SER A 468 4.21 24.44 -28.27
N TYR A 469 5.05 23.41 -28.27
CA TYR A 469 4.61 22.05 -28.48
C TYR A 469 5.08 21.18 -27.33
N LEU A 470 4.30 20.16 -27.03
CA LEU A 470 4.51 19.33 -25.86
C LEU A 470 5.26 18.06 -26.24
N VAL A 471 6.21 17.66 -25.40
CA VAL A 471 6.95 16.42 -25.56
C VAL A 471 6.80 15.68 -24.24
N VAL A 472 5.92 14.68 -24.20
CA VAL A 472 5.51 14.04 -22.96
C VAL A 472 5.57 12.53 -23.12
N LEU A 473 6.00 11.84 -22.07
CA LEU A 473 5.88 10.39 -22.03
C LEU A 473 4.47 9.99 -21.63
N LEU A 474 3.87 9.10 -22.42
CA LEU A 474 2.51 8.64 -22.21
C LEU A 474 2.50 7.13 -22.11
N ASN A 475 1.58 6.60 -21.31
CA ASN A 475 1.49 5.17 -21.05
C ASN A 475 0.25 4.59 -21.73
N LYS A 476 0.35 3.33 -22.12
CA LYS A 476 -0.76 2.64 -22.76
C LYS A 476 -1.88 2.38 -21.76
N LYS A 478 -3.30 4.74 -19.97
CA LYS A 478 -3.77 5.87 -19.18
C LYS A 478 -4.50 6.87 -20.06
N ASN A 479 -5.42 7.62 -19.47
CA ASN A 479 -6.21 8.60 -20.18
C ASN A 479 -5.61 9.99 -19.97
N TYR A 480 -5.44 10.74 -21.05
CA TYR A 480 -4.84 12.05 -21.01
C TYR A 480 -5.80 13.09 -21.57
N TYR A 481 -5.87 14.23 -20.90
CA TYR A 481 -6.65 15.37 -21.34
C TYR A 481 -5.74 16.43 -21.92
N ILE A 482 -6.23 17.09 -22.97
CA ILE A 482 -5.49 18.18 -23.60
C ILE A 482 -6.41 19.39 -23.63
N ARG A 483 -6.03 20.44 -22.91
CA ARG A 483 -6.83 21.65 -22.80
C ARG A 483 -6.36 22.66 -23.83
N VAL A 484 -7.32 23.16 -24.59
CA VAL A 484 -7.08 24.15 -25.64
C VAL A 484 -7.80 25.43 -25.23
N PRO A 485 -7.14 26.59 -25.30
CA PRO A 485 -7.77 27.84 -24.88
C PRO A 485 -8.68 28.39 -25.97
N GLN A 486 -9.21 29.58 -25.71
CA GLN A 486 -10.11 30.25 -26.66
C GLN A 486 -9.39 30.59 -27.96
N ASN A 493 -8.37 24.77 -37.47
CA ASN A 493 -7.20 24.35 -36.68
C ASN A 493 -7.27 22.85 -36.41
N GLN A 494 -6.15 22.28 -35.97
CA GLN A 494 -6.11 20.85 -35.69
C GLN A 494 -4.98 20.57 -34.71
N ILE A 495 -5.07 19.40 -34.07
CA ILE A 495 -4.09 18.97 -33.09
C ILE A 495 -3.37 17.74 -33.64
N LYS A 496 -2.05 17.84 -33.74
CA LYS A 496 -1.24 16.79 -34.34
C LYS A 496 -0.47 16.05 -33.25
N PHE A 497 -0.59 14.72 -33.25
CA PHE A 497 0.13 13.83 -32.36
C PHE A 497 1.13 13.03 -33.18
N LYS A 498 2.39 13.01 -32.74
CA LYS A 498 3.42 12.17 -33.32
C LYS A 498 4.09 11.36 -32.21
N ARG A 499 4.60 10.19 -32.57
CA ARG A 499 5.29 9.30 -31.62
C ARG A 499 6.79 9.46 -31.84
N GLU A 500 7.39 10.43 -31.16
CA GLU A 500 8.82 10.66 -31.29
C GLU A 500 9.59 9.51 -30.67
N GLU A 501 10.58 8.99 -31.41
CA GLU A 501 11.39 7.87 -30.95
C GLU A 501 12.87 8.16 -31.02
N GLY A 502 13.27 9.36 -31.42
CA GLY A 502 14.66 9.73 -31.59
C GLY A 502 15.21 10.47 -30.39
N ASP A 503 16.07 11.45 -30.67
CA ASP A 503 16.72 12.22 -29.61
C ASP A 503 15.76 13.15 -28.89
N LEU A 504 14.57 13.40 -29.44
CA LEU A 504 13.59 14.23 -28.75
C LEU A 504 13.17 13.64 -27.41
N ARG A 505 13.43 12.35 -27.18
CA ARG A 505 13.20 11.75 -25.88
C ARG A 505 13.98 12.44 -24.77
N ASN A 506 15.06 13.15 -25.12
CA ASN A 506 15.80 13.90 -24.12
C ASN A 506 15.00 15.06 -23.54
N LEU A 507 13.91 15.43 -24.19
CA LEU A 507 13.05 16.54 -23.74
C LEU A 507 11.80 16.03 -23.03
N MET A 508 11.93 14.95 -22.25
CA MET A 508 10.77 14.32 -21.64
C MET A 508 10.04 15.26 -20.69
N ASN A 509 8.72 15.28 -20.80
CA ASN A 509 7.83 15.99 -19.88
C ASN A 509 8.20 17.47 -19.76
N SER A 510 8.09 18.17 -20.89
CA SER A 510 8.35 19.60 -20.90
C SER A 510 7.71 20.21 -22.14
N SER A 511 7.25 21.44 -22.00
CA SER A 511 6.75 22.22 -23.12
C SER A 511 7.89 22.98 -23.76
N VAL A 512 7.92 22.99 -25.09
CA VAL A 512 9.00 23.65 -25.81
C VAL A 512 8.51 24.99 -26.33
N ASN A 513 8.72 26.04 -25.53
CA ASN A 513 8.39 27.39 -25.97
C ASN A 513 9.24 27.78 -27.17
N ILE A 514 8.58 28.02 -28.29
CA ILE A 514 9.26 28.34 -29.54
C ILE A 514 9.48 29.85 -29.58
N ILE A 515 10.75 30.25 -29.64
CA ILE A 515 11.12 31.66 -29.67
C ILE A 515 11.33 32.07 -31.12
N ASP A 516 10.57 33.08 -31.57
CA ASP A 516 10.69 33.60 -32.92
C ASP A 516 10.97 35.09 -32.96
N ASN A 517 10.65 35.83 -31.90
CA ASN A 517 10.86 37.27 -31.88
C ASN A 517 12.33 37.65 -31.73
N LEU A 518 13.20 36.69 -31.44
CA LEU A 518 14.62 37.00 -31.24
C LEU A 518 15.23 37.53 -32.54
N ASN A 519 15.96 38.64 -32.43
CA ASN A 519 16.61 39.25 -33.58
C ASN A 519 17.69 40.24 -33.14
N ALA A 523 19.46 41.58 -25.42
CA ALA A 523 19.00 41.37 -24.05
C ALA A 523 17.53 40.99 -24.02
N HIS A 524 17.16 40.03 -24.86
CA HIS A 524 15.78 39.57 -24.91
C HIS A 524 15.44 38.76 -23.67
N TYR A 525 14.18 38.81 -23.27
CA TYR A 525 13.72 38.06 -22.11
C TYR A 525 12.33 37.51 -22.40
N TYR A 526 12.10 36.29 -21.94
CA TYR A 526 10.82 35.60 -22.13
C TYR A 526 10.32 35.12 -20.79
N THR A 527 9.11 35.53 -20.43
CA THR A 527 8.51 35.24 -19.14
C THR A 527 7.40 34.21 -19.33
N ARG A 528 7.55 33.05 -18.70
CA ARG A 528 6.56 31.99 -18.77
C ARG A 528 6.26 31.51 -17.35
N GLN A 529 5.23 30.68 -17.23
CA GLN A 529 4.94 30.10 -15.92
C GLN A 529 6.08 29.22 -15.47
N SER A 530 6.51 29.39 -14.24
CA SER A 530 7.62 28.62 -13.71
C SER A 530 7.17 27.19 -13.41
N PRO A 531 7.83 26.18 -13.97
CA PRO A 531 7.52 24.80 -13.59
C PRO A 531 7.85 24.56 -12.12
N ASP A 532 7.34 23.46 -11.59
CA ASP A 532 7.62 23.09 -10.22
C ASP A 532 9.09 22.70 -10.07
N VAL A 533 9.49 22.40 -8.84
CA VAL A 533 10.85 21.96 -8.59
C VAL A 533 11.05 20.59 -9.24
N HIS A 534 12.18 20.43 -9.93
CA HIS A 534 12.55 19.23 -10.69
C HIS A 534 11.65 18.99 -11.89
N ASP A 535 10.91 20.00 -12.35
CA ASP A 535 10.15 19.92 -13.59
C ASP A 535 10.81 20.80 -14.64
N TYR A 536 10.62 20.42 -15.90
CA TYR A 536 11.39 20.98 -17.00
C TYR A 536 10.56 21.94 -17.84
N ILE A 537 11.25 22.97 -18.35
CA ILE A 537 10.73 23.84 -19.39
C ILE A 537 11.79 23.85 -20.49
N SER A 538 11.39 24.18 -21.70
CA SER A 538 12.34 24.18 -22.80
C SER A 538 12.11 25.38 -23.70
N TYR A 539 13.21 25.95 -24.17
CA TYR A 539 13.19 27.10 -25.08
C TYR A 539 13.95 26.75 -26.34
N GLU A 540 13.25 26.78 -27.47
CA GLU A 540 13.86 26.51 -28.78
C GLU A 540 14.08 27.85 -29.45
N PHE A 541 15.33 28.19 -29.73
CA PHE A 541 15.67 29.48 -30.30
C PHE A 541 16.67 29.34 -31.43
N THR A 542 16.55 30.22 -32.42
CA THR A 542 17.46 30.27 -33.56
C THR A 542 18.32 31.51 -33.45
N ILE A 543 19.63 31.32 -33.46
CA ILE A 543 20.56 32.45 -33.38
C ILE A 543 20.41 33.31 -34.63
N PRO A 544 20.27 34.62 -34.51
CA PRO A 544 20.11 35.45 -35.71
C PRO A 544 21.38 35.49 -36.55
N GLY A 545 21.19 35.71 -37.84
CA GLY A 545 22.28 35.81 -38.79
C GLY A 545 22.23 34.72 -39.84
N ASN A 546 23.22 34.75 -40.72
CA ASN A 546 23.36 33.78 -41.80
C ASN A 546 24.34 32.70 -41.37
N PHE A 547 23.97 31.45 -41.61
CA PHE A 547 24.80 30.33 -41.18
C PHE A 547 25.89 30.05 -42.20
N ASN A 548 27.13 29.98 -41.72
CA ASN A 548 28.24 29.53 -42.56
C ASN A 548 29.23 28.65 -41.78
N ASN A 549 28.85 28.16 -40.60
CA ASN A 549 29.69 27.29 -39.77
C ASN A 549 30.99 27.95 -39.35
N LYS A 550 31.10 29.27 -39.49
CA LYS A 550 32.32 29.97 -39.08
C LYS A 550 32.00 31.14 -38.17
N ASP A 551 30.90 31.84 -38.44
CA ASP A 551 30.53 33.03 -37.68
C ASP A 551 29.72 32.62 -36.46
N THR A 552 30.19 33.04 -35.28
CA THR A 552 29.55 32.72 -34.02
C THR A 552 29.14 34.00 -33.31
N SER A 553 28.46 33.83 -32.17
CA SER A 553 28.02 34.95 -31.34
C SER A 553 28.06 34.50 -29.89
N ASN A 554 28.43 35.42 -29.00
CA ASN A 554 28.48 35.13 -27.58
C ASN A 554 27.08 35.27 -27.00
N ILE A 555 26.48 34.15 -26.62
CA ILE A 555 25.12 34.10 -26.10
C ILE A 555 25.22 33.77 -24.62
N ARG A 556 24.54 34.55 -23.79
CA ARG A 556 24.46 34.26 -22.37
C ARG A 556 23.01 34.01 -21.96
N LEU A 557 22.80 32.91 -21.24
CA LEU A 557 21.48 32.46 -20.80
C LEU A 557 21.42 32.60 -19.29
N TYR A 558 20.37 33.23 -18.77
CA TYR A 558 20.25 33.27 -17.32
C TYR A 558 18.82 33.58 -16.92
N THR A 559 18.36 32.92 -15.87
CA THR A 559 17.05 33.23 -15.30
C THR A 559 17.15 34.51 -14.49
N SER A 560 16.04 34.93 -13.87
CA SER A 560 16.00 36.16 -13.10
C SER A 560 15.82 35.92 -11.61
N TYR A 561 14.97 34.96 -11.23
CA TYR A 561 14.70 34.70 -9.82
C TYR A 561 14.74 33.24 -9.42
N ASN A 562 14.63 32.32 -10.37
CA ASN A 562 14.53 30.89 -10.05
C ASN A 562 15.78 30.17 -10.52
N GLN A 563 16.50 29.56 -9.58
CA GLN A 563 17.69 28.80 -9.92
C GLN A 563 17.29 27.51 -10.63
N GLY A 564 17.98 27.22 -11.72
CA GLY A 564 17.70 26.01 -12.48
C GLY A 564 18.92 25.43 -13.16
N ILE A 565 18.96 24.10 -13.31
CA ILE A 565 20.06 23.42 -13.98
C ILE A 565 19.80 23.48 -15.49
N GLY A 566 20.70 24.09 -16.24
CA GLY A 566 20.51 24.26 -17.66
C GLY A 566 21.15 23.16 -18.48
N THR A 567 20.62 22.97 -19.68
CA THR A 567 21.15 22.02 -20.64
C THR A 567 20.93 22.59 -22.02
N LEU A 568 21.93 22.44 -22.89
CA LEU A 568 21.86 22.99 -24.23
C LEU A 568 22.02 21.87 -25.25
N PHE A 569 21.18 21.87 -26.28
CA PHE A 569 21.25 20.92 -27.37
C PHE A 569 21.29 21.67 -28.69
N ARG A 570 22.10 21.17 -29.62
CA ARG A 570 22.12 21.65 -30.99
C ARG A 570 21.13 20.81 -31.79
N VAL A 571 20.36 21.46 -32.64
CA VAL A 571 19.22 20.81 -33.28
C VAL A 571 19.54 20.53 -34.74
N THR A 572 19.38 19.27 -35.15
CA THR A 572 19.54 18.84 -36.53
C THR A 572 18.33 18.00 -36.92
N GLU A 573 17.59 18.46 -37.93
CA GLU A 573 16.33 17.85 -38.29
C GLU A 573 16.47 17.06 -39.58
N THR A 574 16.07 15.79 -39.55
CA THR A 574 15.99 14.95 -40.73
C THR A 574 14.54 14.65 -41.04
N ILE A 575 14.31 13.83 -42.06
CA ILE A 575 12.95 13.41 -42.38
C ILE A 575 12.39 12.52 -41.27
N ASP A 576 13.26 11.77 -40.60
CA ASP A 576 12.82 10.86 -39.55
C ASP A 576 12.49 11.57 -38.25
N GLY A 577 12.87 12.84 -38.09
CA GLY A 577 12.58 13.56 -36.88
C GLY A 577 13.65 14.56 -36.52
N TYR A 578 14.02 14.63 -35.24
CA TYR A 578 14.99 15.65 -34.78
C TYR A 578 16.08 14.96 -34.04
N ASN A 579 17.30 15.44 -34.18
CA ASN A 579 18.48 14.93 -33.49
C ASN A 579 19.10 16.05 -32.66
N LEU A 580 19.47 15.73 -31.43
CA LEU A 580 19.97 16.70 -30.46
C LEU A 580 21.40 16.33 -30.07
N ILE A 581 22.33 17.24 -30.30
CA ILE A 581 23.72 17.04 -29.92
C ILE A 581 23.96 17.83 -28.64
N ASN A 582 24.26 17.12 -27.55
CA ASN A 582 24.47 17.78 -26.27
C ASN A 582 25.65 18.73 -26.33
N ILE A 583 25.48 19.92 -25.79
CA ILE A 583 26.51 20.96 -25.80
C ILE A 583 27.10 21.18 -24.42
N GLN A 584 26.27 21.44 -23.43
CA GLN A 584 26.73 21.68 -22.07
C GLN A 584 25.85 20.91 -21.09
N GLN A 585 26.21 20.98 -19.82
CA GLN A 585 25.43 20.35 -18.76
C GLN A 585 25.77 21.02 -17.44
N ASN A 586 24.84 20.87 -16.49
CA ASN A 586 25.02 21.39 -15.12
C ASN A 586 25.31 22.89 -15.14
N LEU A 587 24.39 23.66 -15.73
CA LEU A 587 24.52 25.10 -15.80
C LEU A 587 23.69 25.73 -14.68
N ASN A 588 24.30 26.63 -13.92
CA ASN A 588 23.59 27.39 -12.91
C ASN A 588 23.09 28.68 -13.55
N LEU A 589 21.79 28.73 -13.87
CA LEU A 589 21.23 29.85 -14.63
C LEU A 589 20.84 31.03 -13.76
N LEU A 590 20.84 30.89 -12.44
CA LEU A 590 20.39 31.97 -11.57
C LEU A 590 21.40 33.10 -11.63
N ASN A 591 21.09 34.14 -12.39
CA ASN A 591 21.95 35.30 -12.55
C ASN A 591 23.36 34.89 -13.00
N SER A 592 23.42 33.95 -13.93
CA SER A 592 24.71 33.49 -14.43
C SER A 592 25.39 34.57 -15.26
N THR A 593 26.72 34.52 -15.29
CA THR A 593 27.52 35.43 -16.08
C THR A 593 28.31 34.75 -17.19
N LYS A 594 28.35 33.42 -17.22
CA LYS A 594 29.10 32.72 -18.25
C LYS A 594 28.43 32.88 -19.61
N SER A 595 29.26 33.01 -20.64
CA SER A 595 28.78 33.15 -22.01
C SER A 595 29.31 31.99 -22.86
N ILE A 596 28.56 31.65 -23.90
CA ILE A 596 28.87 30.51 -24.75
C ILE A 596 28.82 30.96 -26.21
N ARG A 597 29.80 30.53 -26.99
CA ARG A 597 29.84 30.88 -28.41
C ARG A 597 28.94 29.90 -29.18
N LEU A 598 27.90 30.44 -29.83
CA LEU A 598 26.98 29.65 -30.61
C LEU A 598 26.96 30.13 -32.05
N LEU A 599 26.90 29.19 -32.99
CA LEU A 599 26.95 29.52 -34.40
C LEU A 599 25.70 30.29 -34.83
N ASN A 600 25.91 31.31 -35.66
CA ASN A 600 24.80 32.09 -36.18
C ASN A 600 23.95 31.24 -37.11
N GLY A 601 22.64 31.32 -36.95
CA GLY A 601 21.70 30.63 -37.81
C GLY A 601 21.35 29.23 -37.36
N ALA A 602 22.13 28.64 -36.46
CA ALA A 602 21.81 27.30 -35.96
C ALA A 602 20.68 27.37 -34.94
N ILE A 603 20.04 26.23 -34.74
CA ILE A 603 18.91 26.11 -33.82
C ILE A 603 19.38 25.40 -32.57
N TYR A 604 19.01 25.93 -31.41
CA TYR A 604 19.36 25.34 -30.14
C TYR A 604 18.12 25.18 -29.28
N ILE A 605 18.18 24.22 -28.36
CA ILE A 605 17.13 23.98 -27.39
C ILE A 605 17.74 23.99 -26.00
N LEU A 606 17.23 24.85 -25.14
CA LEU A 606 17.67 24.94 -23.75
C LEU A 606 16.63 24.28 -22.88
N LYS A 607 17.03 23.23 -22.17
CA LYS A 607 16.15 22.49 -21.27
C LYS A 607 16.48 22.90 -19.84
N VAL A 608 15.64 23.73 -19.24
CA VAL A 608 15.85 24.21 -17.88
C VAL A 608 15.07 23.33 -16.92
N GLU A 609 15.77 22.81 -15.91
CA GLU A 609 15.16 22.06 -14.83
C GLU A 609 15.12 22.96 -13.60
N VAL A 610 13.95 23.51 -13.30
CA VAL A 610 13.82 24.47 -12.20
C VAL A 610 14.11 23.76 -10.89
N THR A 611 15.14 24.22 -10.18
CA THR A 611 15.51 23.63 -8.90
C THR A 611 15.10 24.47 -7.70
N GLU A 612 14.97 25.79 -7.86
CA GLU A 612 14.49 26.67 -6.80
C GLU A 612 13.32 27.48 -7.33
N LEU A 613 12.19 27.40 -6.65
CA LEU A 613 10.97 28.09 -7.06
C LEU A 613 10.83 29.33 -6.18
N ASN A 614 11.49 30.41 -6.57
CA ASN A 614 11.43 31.67 -5.85
C ASN A 614 10.47 32.67 -6.47
N ASN A 615 9.73 32.27 -7.50
CA ASN A 615 8.79 33.17 -8.17
C ASN A 615 7.72 32.32 -8.86
N TYR A 616 6.66 32.98 -9.31
CA TYR A 616 5.60 32.31 -10.04
C TYR A 616 5.91 32.18 -11.52
N ASN A 617 6.68 33.12 -12.07
CA ASN A 617 7.12 33.08 -13.45
C ASN A 617 8.63 32.94 -13.52
N ILE A 618 9.09 32.27 -14.57
CA ILE A 618 10.50 32.20 -14.91
C ILE A 618 10.72 33.14 -16.08
N LYS A 619 11.63 34.08 -15.91
CA LYS A 619 11.94 35.08 -16.93
C LYS A 619 13.35 34.77 -17.46
N LEU A 620 13.41 33.95 -18.50
CA LEU A 620 14.70 33.57 -19.06
C LEU A 620 15.24 34.70 -19.92
N HIS A 621 16.50 35.05 -19.71
CA HIS A 621 17.18 36.12 -20.42
C HIS A 621 18.18 35.52 -21.39
N ILE A 622 18.00 35.81 -22.67
CA ILE A 622 18.95 35.49 -23.72
C ILE A 622 19.58 36.81 -24.13
N ASP A 623 20.88 36.95 -23.89
CA ASP A 623 21.59 38.18 -24.24
C ASP A 623 22.63 37.87 -25.31
N ILE A 624 22.60 38.65 -26.38
CA ILE A 624 23.42 38.43 -27.57
C ILE A 624 24.46 39.53 -27.64
N THR A 625 25.68 39.17 -28.03
CA THR A 625 26.75 40.13 -28.23
C THR A 625 27.56 39.79 -29.47
N THR B 22 -39.06 -41.79 44.86
CA THR B 22 -39.07 -41.83 46.32
C THR B 22 -38.83 -40.44 46.90
N ILE B 23 -39.79 -39.95 47.69
CA ILE B 23 -39.72 -38.64 48.29
C ILE B 23 -40.12 -38.75 49.75
N ASP B 24 -39.78 -37.72 50.53
CA ASP B 24 -40.04 -37.68 51.96
C ASP B 24 -40.94 -36.52 52.33
N LEU B 25 -42.00 -36.31 51.56
CA LEU B 25 -42.96 -35.24 51.80
C LEU B 25 -44.35 -35.83 51.96
N ALA B 26 -45.19 -35.09 52.69
CA ALA B 26 -46.57 -35.53 52.91
C ALA B 26 -47.35 -35.49 51.61
N ASP B 27 -48.45 -36.24 51.59
CA ASP B 27 -49.25 -36.36 50.38
C ASP B 27 -49.87 -35.02 50.00
N GLY B 28 -49.93 -34.76 48.70
CA GLY B 28 -50.48 -33.50 48.22
C GLY B 28 -49.90 -33.16 46.86
N ASN B 29 -49.84 -31.86 46.58
CA ASN B 29 -49.22 -31.35 45.37
C ASN B 29 -48.11 -30.39 45.74
N TYR B 30 -47.01 -30.43 45.00
CA TYR B 30 -45.86 -29.60 45.29
C TYR B 30 -45.37 -28.93 44.01
N VAL B 31 -45.20 -27.62 44.09
CA VAL B 31 -44.51 -26.85 43.06
C VAL B 31 -43.02 -26.94 43.36
N VAL B 32 -42.24 -27.42 42.41
CA VAL B 32 -40.81 -27.67 42.61
C VAL B 32 -40.02 -26.94 41.55
N SER B 33 -39.00 -26.21 41.98
CA SER B 33 -38.01 -25.62 41.09
C SER B 33 -36.73 -26.42 41.21
N ARG B 34 -36.24 -26.91 40.07
CA ARG B 34 -35.02 -27.71 40.00
C ARG B 34 -33.82 -26.87 39.60
N GLY B 35 -33.88 -25.56 39.81
CA GLY B 35 -32.78 -24.70 39.49
C GLY B 35 -32.74 -24.31 38.03
N ASP B 36 -31.70 -23.56 37.69
CA ASP B 36 -31.47 -23.05 36.36
C ASP B 36 -30.20 -23.68 35.80
N GLY B 37 -30.17 -23.88 34.49
CA GLY B 37 -29.02 -24.47 33.85
C GLY B 37 -29.24 -25.91 33.44
N TRP B 38 -30.41 -26.17 32.86
CA TRP B 38 -30.77 -27.49 32.37
C TRP B 38 -30.57 -27.56 30.86
N ILE B 39 -29.93 -28.61 30.39
CA ILE B 39 -29.65 -28.80 28.97
C ILE B 39 -30.57 -29.89 28.44
N LEU B 40 -31.27 -29.59 27.35
CA LEU B 40 -32.28 -30.50 26.83
C LEU B 40 -31.65 -31.61 25.99
N SER B 41 -32.42 -32.69 25.82
CA SER B 41 -31.91 -33.88 25.17
C SER B 41 -31.81 -33.69 23.68
N ARG B 42 -30.86 -34.40 23.07
CA ARG B 42 -30.58 -34.34 21.64
C ARG B 42 -30.24 -32.94 21.17
N GLN B 43 -29.93 -32.03 22.09
CA GLN B 43 -29.66 -30.63 21.80
C GLN B 43 -30.78 -30.02 20.96
N ASN B 44 -31.94 -29.90 21.60
CA ASN B 44 -33.08 -29.25 20.98
C ASN B 44 -32.67 -27.94 20.33
N GLN B 45 -33.06 -27.78 19.06
CA GLN B 45 -32.77 -26.58 18.27
C GLN B 45 -31.26 -26.35 18.14
N ILE B 46 -30.63 -27.24 17.37
CA ILE B 46 -29.23 -27.06 16.99
C ILE B 46 -28.99 -25.64 16.50
N LEU B 47 -27.85 -25.08 16.88
CA LEU B 47 -27.48 -23.72 16.52
C LEU B 47 -26.10 -23.60 15.89
N GLY B 48 -25.22 -24.59 16.07
CA GLY B 48 -23.92 -24.58 15.45
C GLY B 48 -22.84 -23.99 16.34
N GLY B 49 -21.64 -23.95 15.77
CA GLY B 49 -20.50 -23.43 16.50
C GLY B 49 -19.46 -22.84 15.55
N SER B 50 -18.46 -22.21 16.14
CA SER B 50 -17.42 -21.52 15.39
C SER B 50 -16.09 -22.25 15.54
N VAL B 51 -15.33 -22.32 14.46
CA VAL B 51 -13.99 -22.90 14.47
C VAL B 51 -13.01 -21.75 14.44
N ILE B 52 -12.26 -21.58 15.53
CA ILE B 52 -11.26 -20.53 15.63
C ILE B 52 -9.89 -21.19 15.62
N SER B 53 -8.87 -20.41 15.28
CA SER B 53 -7.54 -20.97 15.13
C SER B 53 -6.48 -19.90 15.30
N ASN B 54 -5.31 -20.32 15.78
CA ASN B 54 -4.09 -19.50 15.81
C ASN B 54 -4.29 -18.23 16.63
N GLY B 55 -4.79 -18.40 17.85
CA GLY B 55 -4.87 -17.31 18.79
C GLY B 55 -5.99 -16.32 18.56
N SER B 56 -6.89 -16.58 17.62
CA SER B 56 -8.04 -15.72 17.43
C SER B 56 -9.07 -15.98 18.51
N THR B 57 -9.94 -15.00 18.74
CA THR B 57 -10.94 -15.06 19.79
C THR B 57 -12.32 -15.16 19.15
N GLY B 58 -13.11 -16.15 19.58
CA GLY B 58 -14.47 -16.32 19.11
C GLY B 58 -15.45 -15.95 20.20
N ILE B 59 -16.43 -15.12 19.83
CA ILE B 59 -17.44 -14.61 20.75
C ILE B 59 -18.80 -15.00 20.19
N VAL B 60 -19.57 -15.78 20.96
CA VAL B 60 -20.84 -16.33 20.53
C VAL B 60 -21.90 -15.91 21.53
N GLY B 61 -23.04 -15.42 21.06
CA GLY B 61 -24.13 -15.11 21.99
C GLY B 61 -25.46 -15.04 21.31
N ASP B 62 -26.52 -14.86 22.08
CA ASP B 62 -27.88 -14.69 21.51
C ASP B 62 -28.60 -13.58 22.25
N LEU B 63 -29.92 -13.57 22.15
CA LEU B 63 -30.78 -12.58 22.85
C LEU B 63 -32.13 -13.23 23.05
N ARG B 64 -32.53 -13.51 24.28
CA ARG B 64 -33.80 -14.18 24.53
C ARG B 64 -34.90 -13.16 24.38
N VAL B 65 -35.69 -13.20 23.31
CA VAL B 65 -36.68 -12.10 23.10
C VAL B 65 -38.05 -12.67 22.81
N ASN B 66 -38.23 -13.29 21.65
CA ASN B 66 -39.62 -13.67 21.27
C ASN B 66 -39.81 -15.16 20.97
N ASP B 67 -38.96 -15.80 20.17
CA ASP B 67 -39.13 -17.25 19.98
C ASP B 67 -38.07 -17.99 20.77
N ASN B 68 -36.90 -17.38 20.93
CA ASN B 68 -35.85 -18.02 21.76
C ASN B 68 -36.46 -18.15 23.15
N ALA B 69 -37.50 -17.37 23.43
CA ALA B 69 -38.22 -17.53 24.70
C ALA B 69 -39.15 -18.71 24.50
N ILE B 70 -40.40 -18.65 24.96
CA ILE B 70 -41.38 -19.73 24.69
C ILE B 70 -41.15 -20.93 25.60
N PRO B 71 -41.77 -20.93 26.78
CA PRO B 71 -41.80 -22.04 27.74
C PRO B 71 -42.32 -23.31 27.10
N TYR B 72 -41.76 -24.44 27.54
CA TYR B 72 -42.18 -25.75 27.06
C TYR B 72 -42.95 -26.45 28.16
N TYR B 73 -44.19 -26.81 27.87
CA TYR B 73 -45.06 -27.49 28.83
C TYR B 73 -45.13 -28.97 28.52
N TYR B 74 -45.15 -29.79 29.56
CA TYR B 74 -45.35 -31.23 29.44
C TYR B 74 -46.42 -31.61 30.43
N PRO B 75 -47.69 -31.41 30.07
CA PRO B 75 -48.77 -31.52 31.05
C PRO B 75 -49.09 -32.97 31.39
N THR B 76 -49.91 -33.12 32.43
CA THR B 76 -50.47 -34.38 32.87
C THR B 76 -51.97 -34.18 33.06
N PRO B 77 -52.75 -35.26 33.08
CA PRO B 77 -54.21 -35.10 33.26
C PRO B 77 -54.59 -34.33 34.52
N SER B 78 -53.85 -34.49 35.61
CA SER B 78 -54.17 -33.74 36.82
C SER B 78 -53.68 -32.29 36.73
N PHE B 79 -52.54 -32.05 36.10
CA PHE B 79 -51.95 -30.73 35.99
C PHE B 79 -51.93 -30.31 34.52
N ASN B 80 -52.86 -29.45 34.14
CA ASN B 80 -52.91 -28.95 32.77
C ASN B 80 -51.95 -27.76 32.63
N GLU B 81 -51.93 -27.18 31.44
CA GLU B 81 -50.98 -26.09 31.16
C GLU B 81 -51.24 -24.88 32.03
N GLU B 82 -52.52 -24.49 32.17
CA GLU B 82 -52.84 -23.32 32.97
C GLU B 82 -52.53 -23.56 34.44
N TYR B 83 -52.81 -24.77 34.94
CA TYR B 83 -52.45 -25.14 36.30
C TYR B 83 -50.96 -24.93 36.53
N ILE B 84 -50.13 -25.45 35.62
CA ILE B 84 -48.69 -25.31 35.75
C ILE B 84 -48.28 -23.85 35.75
N LYS B 85 -48.78 -23.09 34.77
CA LYS B 85 -48.38 -21.70 34.64
C LYS B 85 -48.73 -20.91 35.89
N ASN B 86 -49.98 -21.01 36.35
CA ASN B 86 -50.42 -20.23 37.49
C ASN B 86 -49.68 -20.63 38.76
N ASN B 87 -49.58 -21.95 39.03
CA ASN B 87 -48.96 -22.38 40.26
C ASN B 87 -47.47 -22.06 40.29
N ILE B 88 -46.79 -22.20 39.16
CA ILE B 88 -45.37 -21.86 39.11
C ILE B 88 -45.18 -20.37 39.33
N GLN B 89 -45.99 -19.54 38.66
CA GLN B 89 -45.77 -18.10 38.72
C GLN B 89 -46.24 -17.50 40.04
N THR B 90 -47.08 -18.19 40.80
CA THR B 90 -47.45 -17.69 42.12
C THR B 90 -46.24 -17.64 43.05
N VAL B 91 -45.41 -18.67 43.04
CA VAL B 91 -44.31 -18.81 43.98
C VAL B 91 -43.01 -18.28 43.42
N PHE B 92 -42.64 -18.70 42.22
CA PHE B 92 -41.36 -18.38 41.63
C PHE B 92 -41.50 -17.21 40.66
N ALA B 93 -40.42 -16.92 39.92
CA ALA B 93 -40.40 -15.75 39.06
C ALA B 93 -41.48 -15.83 38.01
N ASN B 94 -42.08 -14.68 37.70
CA ASN B 94 -43.11 -14.57 36.67
C ASN B 94 -42.41 -14.53 35.32
N PHE B 95 -42.39 -15.66 34.61
CA PHE B 95 -41.67 -15.72 33.36
C PHE B 95 -42.42 -15.05 32.22
N THR B 96 -43.75 -14.99 32.29
CA THR B 96 -44.51 -14.38 31.20
C THR B 96 -44.17 -12.92 31.03
N GLU B 97 -44.11 -12.17 32.13
CA GLU B 97 -43.77 -10.76 32.07
C GLU B 97 -42.27 -10.51 32.12
N ALA B 98 -41.46 -11.54 32.35
CA ALA B 98 -40.02 -11.40 32.34
C ALA B 98 -39.39 -11.75 30.99
N ASN B 99 -40.03 -12.60 30.20
CA ASN B 99 -39.54 -12.95 28.88
C ASN B 99 -39.91 -11.92 27.82
N GLN B 100 -40.70 -10.91 28.17
CA GLN B 100 -41.01 -9.84 27.23
C GLN B 100 -39.89 -8.82 27.12
N ILE B 101 -38.93 -8.84 28.04
CA ILE B 101 -37.80 -7.91 28.04
C ILE B 101 -36.58 -8.68 27.56
N PRO B 102 -36.02 -8.36 26.40
CA PRO B 102 -34.86 -9.11 25.90
C PRO B 102 -33.67 -8.99 26.82
N ILE B 103 -32.96 -10.10 26.99
CA ILE B 103 -31.75 -10.19 27.81
C ILE B 103 -30.70 -10.93 27.01
N GLY B 104 -29.49 -10.37 26.97
CA GLY B 104 -28.42 -10.93 26.17
C GLY B 104 -27.38 -11.66 27.00
N PHE B 105 -26.69 -12.59 26.36
CA PHE B 105 -25.56 -13.27 26.97
C PHE B 105 -24.51 -13.54 25.89
N GLU B 106 -23.26 -13.66 26.32
CA GLU B 106 -22.18 -13.88 25.37
C GLU B 106 -21.07 -14.68 26.04
N PHE B 107 -20.40 -15.50 25.24
CA PHE B 107 -19.27 -16.31 25.69
C PHE B 107 -18.10 -16.06 24.75
N SER B 108 -16.93 -15.80 25.33
CA SER B 108 -15.73 -15.50 24.56
C SER B 108 -14.66 -16.52 24.91
N LYS B 109 -14.01 -17.06 23.88
CA LYS B 109 -12.94 -18.03 24.08
C LYS B 109 -11.84 -17.77 23.06
N THR B 110 -10.59 -17.79 23.52
CA THR B 110 -9.44 -17.56 22.66
C THR B 110 -8.72 -18.87 22.40
N ALA B 111 -8.48 -19.15 21.13
CA ALA B 111 -7.82 -20.39 20.72
C ALA B 111 -6.34 -20.36 21.11
N PRO B 112 -5.73 -21.52 21.32
CA PRO B 112 -4.28 -21.55 21.60
C PRO B 112 -3.44 -21.09 20.43
N SER B 113 -2.12 -21.06 20.61
CA SER B 113 -1.25 -20.41 19.64
C SER B 113 -1.26 -21.11 18.30
N ASN B 114 -1.23 -22.44 18.28
CA ASN B 114 -1.07 -23.18 17.03
C ASN B 114 -1.99 -24.38 17.00
N LYS B 115 -3.22 -24.21 17.45
CA LYS B 115 -4.22 -25.27 17.40
C LYS B 115 -5.57 -24.69 16.98
N ASN B 116 -6.52 -25.57 16.75
CA ASN B 116 -7.87 -25.19 16.37
C ASN B 116 -8.84 -25.53 17.49
N LEU B 117 -9.80 -24.64 17.70
CA LEU B 117 -10.76 -24.75 18.79
C LEU B 117 -12.16 -24.63 18.24
N TYR B 118 -13.03 -25.56 18.63
CA TYR B 118 -14.40 -25.59 18.17
C TYR B 118 -15.33 -25.24 19.32
N MET B 119 -16.06 -24.14 19.15
CA MET B 119 -17.08 -23.72 20.10
C MET B 119 -18.44 -24.31 19.72
N TYR B 120 -19.35 -24.31 20.69
CA TYR B 120 -20.57 -25.12 20.59
C TYR B 120 -21.60 -24.59 21.57
N LEU B 121 -22.70 -24.05 21.06
CA LEU B 121 -23.65 -23.28 21.85
C LEU B 121 -24.96 -24.02 22.05
N GLN B 122 -25.50 -23.94 23.25
CA GLN B 122 -26.83 -24.46 23.56
C GLN B 122 -27.57 -23.43 24.40
N TYR B 123 -28.87 -23.68 24.58
CA TYR B 123 -29.69 -22.91 25.50
C TYR B 123 -29.86 -23.70 26.79
N THR B 124 -29.81 -23.00 27.92
CA THR B 124 -30.13 -23.61 29.21
C THR B 124 -31.53 -23.17 29.62
N TYR B 125 -32.18 -24.01 30.41
CA TYR B 125 -33.56 -23.80 30.80
C TYR B 125 -33.67 -23.86 32.32
N ILE B 126 -34.86 -23.52 32.82
CA ILE B 126 -35.21 -23.66 34.22
C ILE B 126 -36.27 -24.75 34.29
N ARG B 127 -36.00 -25.79 35.07
CA ARG B 127 -36.94 -26.88 35.23
C ARG B 127 -37.89 -26.59 36.39
N TYR B 128 -39.17 -26.81 36.17
CA TYR B 128 -40.24 -26.36 37.07
C TYR B 128 -41.23 -27.46 37.32
N GLU B 129 -40.74 -28.63 37.74
CA GLU B 129 -41.61 -29.79 37.96
C GLU B 129 -42.71 -29.45 38.97
N ILE B 130 -43.91 -29.94 38.69
CA ILE B 130 -45.00 -29.99 39.65
C ILE B 130 -45.33 -31.46 39.89
N ILE B 131 -45.27 -31.89 41.14
CA ILE B 131 -45.33 -33.31 41.47
C ILE B 131 -46.48 -33.55 42.44
N LYS B 132 -47.26 -34.58 42.17
CA LYS B 132 -48.27 -35.07 43.09
C LYS B 132 -47.68 -36.22 43.89
N VAL B 133 -47.73 -36.10 45.21
CA VAL B 133 -47.12 -37.07 46.12
C VAL B 133 -48.23 -37.86 46.81
N LEU B 134 -48.23 -39.17 46.59
CA LEU B 134 -49.09 -40.10 47.30
C LEU B 134 -48.20 -41.07 48.05
N GLN B 135 -48.47 -41.27 49.34
CA GLN B 135 -47.57 -41.97 50.25
C GLN B 135 -46.20 -41.26 50.16
N HIS B 136 -45.12 -41.99 50.41
CA HIS B 136 -43.79 -41.41 50.23
C HIS B 136 -43.22 -41.72 48.85
N GLU B 137 -43.98 -41.37 47.82
CA GLU B 137 -43.57 -41.63 46.45
C GLU B 137 -44.16 -40.57 45.54
N ILE B 138 -43.52 -40.39 44.38
CA ILE B 138 -43.98 -39.47 43.36
C ILE B 138 -44.78 -40.26 42.33
N ILE B 139 -46.04 -39.88 42.14
CA ILE B 139 -46.91 -40.61 41.23
C ILE B 139 -47.21 -39.82 39.96
N GLU B 140 -47.12 -38.49 40.00
CA GLU B 140 -47.44 -37.66 38.85
C GLU B 140 -46.46 -36.51 38.80
N ARG B 141 -45.95 -36.22 37.60
CA ARG B 141 -44.99 -35.14 37.43
C ARG B 141 -45.28 -34.41 36.13
N ALA B 142 -45.27 -33.09 36.18
CA ALA B 142 -45.41 -32.25 35.00
C ALA B 142 -44.23 -31.30 34.93
N VAL B 143 -43.62 -31.17 33.75
CA VAL B 143 -42.37 -30.43 33.61
C VAL B 143 -42.60 -29.21 32.75
N LEU B 144 -42.15 -28.06 33.24
CA LEU B 144 -42.16 -26.81 32.48
C LEU B 144 -40.72 -26.34 32.35
N TYR B 145 -40.26 -26.21 31.12
CA TYR B 145 -38.91 -25.71 30.83
C TYR B 145 -39.05 -24.25 30.43
N VAL B 146 -38.65 -23.36 31.34
CA VAL B 146 -38.68 -21.93 31.07
C VAL B 146 -37.34 -21.53 30.47
N PRO B 147 -37.31 -20.94 29.28
CA PRO B 147 -36.03 -20.63 28.65
C PRO B 147 -35.23 -19.63 29.47
N SER B 148 -33.90 -19.78 29.41
CA SER B 148 -32.98 -18.98 30.20
C SER B 148 -31.78 -18.67 29.32
N LEU B 149 -30.68 -18.23 29.92
CA LEU B 149 -29.47 -17.94 29.17
C LEU B 149 -28.87 -19.21 28.60
N GLY B 150 -27.74 -19.08 27.91
CA GLY B 150 -27.16 -20.17 27.16
C GLY B 150 -25.96 -20.80 27.82
N TYR B 151 -25.24 -21.61 27.05
CA TYR B 151 -24.09 -22.35 27.53
C TYR B 151 -23.20 -22.72 26.35
N VAL B 152 -21.93 -22.34 26.40
CA VAL B 152 -20.99 -22.61 25.32
C VAL B 152 -19.98 -23.64 25.79
N LYS B 153 -19.84 -24.70 25.01
CA LYS B 153 -18.86 -25.76 25.25
C LYS B 153 -17.91 -25.81 24.06
N SER B 154 -16.62 -25.94 24.33
CA SER B 154 -15.62 -25.92 23.27
C SER B 154 -14.60 -27.00 23.51
N ILE B 155 -13.92 -27.40 22.42
CA ILE B 155 -12.87 -28.41 22.48
C ILE B 155 -11.70 -27.96 21.62
N GLU B 156 -10.53 -28.53 21.91
CA GLU B 156 -9.33 -28.31 21.12
C GLU B 156 -9.11 -29.55 20.26
N PHE B 157 -9.05 -29.37 18.94
CA PHE B 157 -9.02 -30.51 18.04
C PHE B 157 -7.90 -30.36 17.02
N ASN B 158 -7.49 -31.50 16.48
CA ASN B 158 -6.50 -31.62 15.43
C ASN B 158 -7.12 -32.35 14.25
N PRO B 159 -6.68 -32.06 13.02
CA PRO B 159 -7.29 -32.71 11.86
C PRO B 159 -7.16 -34.22 11.92
N GLY B 160 -8.23 -34.90 11.54
CA GLY B 160 -8.26 -36.35 11.57
C GLY B 160 -8.13 -36.95 12.95
N GLU B 161 -8.73 -36.31 13.95
CA GLU B 161 -8.70 -36.79 15.32
C GLU B 161 -10.11 -37.18 15.75
N LYS B 162 -10.27 -38.41 16.25
CA LYS B 162 -11.56 -38.86 16.72
C LYS B 162 -11.93 -38.15 18.01
N ILE B 163 -13.16 -37.65 18.08
CA ILE B 163 -13.65 -36.92 19.24
C ILE B 163 -14.81 -37.70 19.84
N ASN B 164 -14.84 -37.76 21.17
CA ASN B 164 -15.87 -38.50 21.89
C ASN B 164 -17.26 -37.98 21.53
N LYS B 165 -18.22 -38.91 21.43
CA LYS B 165 -19.58 -38.54 21.11
C LYS B 165 -20.27 -37.75 22.21
N ASP B 166 -19.91 -37.99 23.47
CA ASP B 166 -20.54 -37.27 24.57
C ASP B 166 -20.24 -35.78 24.55
N PHE B 167 -19.15 -35.36 23.90
CA PHE B 167 -18.95 -33.93 23.66
C PHE B 167 -20.00 -33.36 22.73
N TYR B 168 -20.53 -34.19 21.83
CA TYR B 168 -21.39 -33.73 20.75
C TYR B 168 -22.88 -33.92 21.03
N PHE B 169 -23.27 -35.09 21.52
CA PHE B 169 -24.66 -35.51 21.57
C PHE B 169 -25.03 -35.85 22.99
N LEU B 170 -26.10 -35.25 23.50
CA LEU B 170 -26.59 -35.50 24.85
C LEU B 170 -27.81 -36.40 24.77
N THR B 171 -27.73 -37.57 25.40
CA THR B 171 -28.83 -38.52 25.31
C THR B 171 -29.99 -38.14 26.22
N ASN B 172 -29.69 -37.65 27.43
CA ASN B 172 -30.70 -37.41 28.45
C ASN B 172 -30.61 -35.98 28.97
N ASP B 173 -31.71 -35.51 29.54
CA ASP B 173 -31.72 -34.20 30.18
C ASP B 173 -30.83 -34.22 31.42
N LYS B 174 -30.11 -33.12 31.64
CA LYS B 174 -29.20 -33.04 32.78
C LYS B 174 -28.94 -31.58 33.10
N CYS B 175 -28.58 -31.33 34.36
CA CYS B 175 -28.27 -29.99 34.84
C CYS B 175 -26.76 -29.82 34.96
N ILE B 176 -26.28 -28.66 34.52
CA ILE B 176 -24.85 -28.38 34.51
C ILE B 176 -24.44 -27.39 35.58
N LEU B 177 -25.36 -26.61 36.14
CA LEU B 177 -24.99 -25.47 36.97
C LEU B 177 -24.97 -25.82 38.45
N ASN B 178 -26.11 -26.23 39.00
CA ASN B 178 -26.20 -26.49 40.44
C ASN B 178 -27.36 -27.42 40.72
N GLU B 179 -27.09 -28.50 41.42
CA GLU B 179 -28.16 -29.36 41.91
C GLU B 179 -29.03 -28.57 42.89
N GLN B 180 -30.34 -28.64 42.71
CA GLN B 180 -31.23 -27.78 43.47
C GLN B 180 -32.63 -28.38 43.48
N PHE B 181 -33.31 -28.25 44.62
CA PHE B 181 -34.68 -28.75 44.77
C PHE B 181 -35.39 -27.84 45.78
N LEU B 182 -36.08 -26.82 45.26
CA LEU B 182 -36.87 -25.90 46.08
C LEU B 182 -38.34 -26.23 45.91
N TYR B 183 -38.99 -26.70 46.97
CA TYR B 183 -40.36 -27.14 46.90
C TYR B 183 -41.26 -26.25 47.76
N LYS B 184 -42.51 -26.12 47.33
CA LYS B 184 -43.56 -25.50 48.11
C LYS B 184 -44.82 -26.32 47.94
N LYS B 185 -45.67 -26.32 48.95
CA LYS B 185 -46.89 -27.12 48.92
C LYS B 185 -48.04 -26.29 48.37
N ILE B 186 -48.74 -26.86 47.39
CA ILE B 186 -49.90 -26.19 46.81
C ILE B 186 -51.08 -26.37 47.75
N LEU B 187 -51.73 -25.27 48.11
CA LEU B 187 -52.88 -25.27 49.00
C LEU B 187 -54.14 -25.05 48.18
N GLU B 188 -55.16 -25.88 48.43
CA GLU B 188 -56.42 -25.80 47.69
C GLU B 188 -57.29 -24.70 48.30
N THR B 189 -56.89 -23.46 48.01
CA THR B 189 -57.63 -22.29 48.49
C THR B 189 -58.78 -21.96 47.55
N GLN B 207 -36.71 0.10 70.72
CA GLN B 207 -36.65 0.49 69.32
C GLN B 207 -35.68 1.65 69.12
N ARG B 208 -35.99 2.52 68.16
CA ARG B 208 -35.17 3.69 67.87
C ARG B 208 -35.97 4.96 68.12
N VAL B 209 -35.29 5.96 68.66
CA VAL B 209 -35.91 7.25 68.96
C VAL B 209 -35.63 8.20 67.81
N LEU B 210 -36.68 8.57 67.07
CA LEU B 210 -36.54 9.47 65.94
C LEU B 210 -36.91 10.88 66.37
N PRO B 211 -36.01 11.85 66.25
CA PRO B 211 -36.34 13.21 66.69
C PRO B 211 -37.02 14.04 65.62
N TYR B 212 -37.55 13.37 64.59
CA TYR B 212 -38.12 14.09 63.46
C TYR B 212 -39.32 14.92 63.89
N SER B 213 -39.44 16.10 63.31
CA SER B 213 -40.63 16.91 63.49
C SER B 213 -41.79 16.32 62.70
N ASN B 214 -43.01 16.71 63.06
CA ASN B 214 -44.19 16.17 62.40
C ASN B 214 -44.21 16.52 60.93
N GLY B 215 -44.50 15.54 60.08
CA GLY B 215 -44.59 15.81 58.66
C GLY B 215 -44.36 14.55 57.86
N LEU B 216 -44.16 14.75 56.56
CA LEU B 216 -43.92 13.66 55.62
C LEU B 216 -42.44 13.59 55.30
N TYR B 217 -41.89 12.39 55.31
CA TYR B 217 -40.49 12.16 54.99
C TYR B 217 -40.37 11.08 53.93
N VAL B 218 -39.36 11.21 53.09
CA VAL B 218 -38.96 10.17 52.15
C VAL B 218 -37.57 9.70 52.54
N ILE B 219 -37.41 8.39 52.69
CA ILE B 219 -36.19 7.80 53.20
C ILE B 219 -35.66 6.86 52.12
N ASN B 220 -34.51 7.20 51.56
CA ASN B 220 -33.74 6.27 50.74
C ASN B 220 -33.09 5.26 51.66
N LYS B 221 -33.51 3.99 51.54
CA LYS B 221 -33.05 2.94 52.42
C LYS B 221 -32.08 1.98 51.72
N GLY B 222 -31.40 2.44 50.69
CA GLY B 222 -30.35 1.68 50.05
C GLY B 222 -30.77 1.14 48.69
N ASP B 223 -29.78 0.59 48.00
CA ASP B 223 -29.94 0.03 46.68
C ASP B 223 -29.46 -1.42 46.70
N GLY B 224 -29.98 -2.21 45.76
CA GLY B 224 -29.55 -3.59 45.64
C GLY B 224 -30.51 -4.60 46.22
N TYR B 225 -31.77 -4.23 46.43
CA TYR B 225 -32.74 -5.14 47.00
C TYR B 225 -33.18 -6.15 45.95
N ILE B 226 -33.14 -7.43 46.33
CA ILE B 226 -33.66 -8.51 45.50
C ILE B 226 -34.77 -9.20 46.28
N ARG B 227 -35.57 -9.98 45.57
CA ARG B 227 -36.66 -10.72 46.19
C ARG B 227 -36.23 -12.17 46.45
N THR B 228 -36.93 -12.81 47.37
CA THR B 228 -36.59 -14.17 47.77
C THR B 228 -37.02 -15.17 46.69
N ASN B 229 -36.52 -16.40 46.83
CA ASN B 229 -36.84 -17.51 45.93
C ASN B 229 -36.45 -17.20 44.49
N ASP B 230 -35.38 -16.42 44.30
CA ASP B 230 -34.87 -16.10 42.96
C ASP B 230 -35.94 -15.49 42.08
N LYS B 231 -36.83 -14.70 42.69
CA LYS B 231 -37.91 -14.08 41.92
C LYS B 231 -37.43 -12.91 41.08
N ASP B 232 -36.17 -12.51 41.23
CA ASP B 232 -35.58 -11.43 40.44
C ASP B 232 -34.38 -11.91 39.63
N LEU B 233 -34.20 -13.22 39.49
CA LEU B 233 -33.01 -13.77 38.87
C LEU B 233 -33.07 -13.56 37.36
N ILE B 234 -32.20 -12.70 36.84
CA ILE B 234 -32.02 -12.61 35.39
C ILE B 234 -31.53 -13.94 34.85
N GLY B 235 -30.49 -14.49 35.45
CA GLY B 235 -30.06 -15.83 35.07
C GLY B 235 -28.60 -16.07 35.38
N THR B 236 -28.18 -17.30 35.10
CA THR B 236 -26.85 -17.78 35.47
C THR B 236 -26.07 -18.23 34.24
N LEU B 237 -24.79 -17.87 34.21
CA LEU B 237 -23.85 -18.30 33.18
C LEU B 237 -22.81 -19.20 33.81
N LEU B 238 -22.50 -20.32 33.16
CA LEU B 238 -21.40 -21.18 33.54
C LEU B 238 -20.25 -20.97 32.56
N ILE B 239 -19.09 -20.57 33.07
CA ILE B 239 -17.92 -20.27 32.25
C ILE B 239 -16.86 -21.32 32.51
N GLU B 240 -16.41 -21.96 31.43
CA GLU B 240 -15.32 -22.92 31.53
C GLU B 240 -14.01 -22.21 31.81
N ALA B 241 -13.00 -22.99 32.18
CA ALA B 241 -11.69 -22.43 32.48
C ALA B 241 -11.12 -21.73 31.26
N GLY B 242 -10.54 -20.56 31.47
CA GLY B 242 -9.96 -19.79 30.39
C GLY B 242 -10.95 -19.25 29.39
N SER B 243 -12.13 -18.84 29.85
CA SER B 243 -13.15 -18.26 28.99
C SER B 243 -13.76 -17.07 29.70
N SER B 244 -14.55 -16.29 28.95
CA SER B 244 -15.25 -15.14 29.49
C SER B 244 -16.74 -15.28 29.23
N GLY B 245 -17.55 -14.83 30.17
CA GLY B 245 -18.99 -14.84 30.03
C GLY B 245 -19.58 -13.52 30.46
N SER B 246 -20.64 -13.11 29.76
CA SER B 246 -21.24 -11.81 30.01
C SER B 246 -22.77 -11.92 29.93
N ILE B 247 -23.43 -11.27 30.90
CA ILE B 247 -24.88 -11.11 30.92
C ILE B 247 -25.19 -9.64 30.74
N ILE B 248 -25.98 -9.31 29.72
CA ILE B 248 -26.18 -7.94 29.28
C ILE B 248 -27.66 -7.60 29.32
N GLN B 249 -27.97 -6.39 29.78
CA GLN B 249 -29.30 -5.82 29.62
C GLN B 249 -29.20 -4.71 28.57
N PRO B 250 -29.60 -4.96 27.33
CA PRO B 250 -29.38 -3.98 26.26
C PRO B 250 -30.44 -2.89 26.18
N ARG B 251 -31.49 -2.97 26.99
CA ARG B 251 -32.57 -1.99 26.99
C ARG B 251 -33.19 -1.85 25.60
N LEU B 252 -33.34 -2.98 24.90
CA LEU B 252 -34.12 -2.98 23.68
C LEU B 252 -35.60 -2.73 23.94
N ARG B 253 -36.03 -2.90 25.19
CA ARG B 253 -37.34 -2.48 25.66
C ARG B 253 -37.14 -1.69 26.95
N ASN B 254 -37.71 -0.49 27.01
CA ASN B 254 -37.48 0.39 28.13
C ASN B 254 -38.33 0.07 29.35
N THR B 255 -39.24 -0.89 29.24
CA THR B 255 -40.19 -1.15 30.31
C THR B 255 -39.49 -1.73 31.54
N THR B 256 -39.89 -1.26 32.71
CA THR B 256 -39.49 -1.81 33.99
C THR B 256 -40.73 -2.06 34.83
N ARG B 257 -40.53 -2.48 36.08
CA ARG B 257 -41.65 -2.89 36.93
C ARG B 257 -41.35 -2.53 38.37
N PRO B 258 -41.64 -1.31 38.78
CA PRO B 258 -41.48 -0.94 40.19
C PRO B 258 -42.51 -1.64 41.06
N LEU B 259 -42.17 -1.77 42.34
CA LEU B 259 -43.04 -2.41 43.31
C LEU B 259 -43.56 -1.37 44.30
N PHE B 260 -44.73 -1.63 44.87
CA PHE B 260 -45.35 -0.65 45.75
C PHE B 260 -46.18 -1.37 46.79
N THR B 261 -46.08 -0.92 48.04
CA THR B 261 -46.84 -1.49 49.15
C THR B 261 -47.22 -0.38 50.11
N THR B 262 -48.51 -0.09 50.22
CA THR B 262 -48.99 1.00 51.07
C THR B 262 -49.78 0.44 52.25
N SER B 263 -49.79 1.20 53.34
CA SER B 263 -50.58 0.85 54.50
C SER B 263 -51.95 1.51 54.50
N ASN B 264 -52.13 2.62 53.80
CA ASN B 264 -53.42 3.30 53.68
C ASN B 264 -53.51 3.81 52.24
N ASP B 265 -54.13 3.01 51.38
CA ASP B 265 -54.22 3.37 49.96
C ASP B 265 -55.09 4.60 49.75
N ALA B 266 -55.93 4.96 50.71
CA ALA B 266 -56.75 6.16 50.57
C ALA B 266 -55.89 7.41 50.49
N LYS B 267 -54.85 7.49 51.34
CA LYS B 267 -53.96 8.65 51.36
C LYS B 267 -52.68 8.40 50.57
N PHE B 268 -51.94 7.34 50.91
CA PHE B 268 -50.65 7.07 50.28
C PHE B 268 -50.83 6.12 49.11
N SER B 269 -51.51 6.61 48.08
CA SER B 269 -51.66 5.82 46.85
C SER B 269 -50.34 5.82 46.08
N GLN B 270 -50.30 5.00 45.02
CA GLN B 270 -49.08 4.91 44.24
C GLN B 270 -48.76 6.23 43.55
N GLN B 271 -49.77 6.91 43.01
CA GLN B 271 -49.54 8.21 42.41
C GLN B 271 -49.03 9.21 43.43
N TYR B 272 -49.62 9.20 44.63
CA TYR B 272 -49.17 10.09 45.69
C TYR B 272 -47.72 9.82 46.07
N THR B 273 -47.36 8.55 46.20
CA THR B 273 -45.98 8.20 46.55
C THR B 273 -45.01 8.61 45.45
N GLU B 274 -45.41 8.44 44.19
CA GLU B 274 -44.54 8.87 43.09
C GLU B 274 -44.37 10.37 43.09
N GLU B 275 -45.44 11.12 43.36
CA GLU B 275 -45.33 12.57 43.44
C GLU B 275 -44.41 12.99 44.58
N ARG B 276 -44.50 12.30 45.72
CA ARG B 276 -43.63 12.65 46.85
C ARG B 276 -42.18 12.29 46.57
N LEU B 277 -41.94 11.20 45.84
CA LEU B 277 -40.59 10.88 45.41
C LEU B 277 -40.05 11.97 44.49
N LYS B 278 -40.89 12.45 43.56
CA LYS B 278 -40.48 13.55 42.70
C LYS B 278 -40.17 14.80 43.50
N ASP B 279 -40.95 15.06 44.55
CA ASP B 279 -40.67 16.21 45.41
C ASP B 279 -39.35 16.05 46.15
N ALA B 280 -39.05 14.85 46.63
CA ALA B 280 -37.90 14.64 47.48
C ALA B 280 -36.60 14.53 46.69
N PHE B 281 -36.50 13.51 45.83
CA PHE B 281 -35.26 13.23 45.11
C PHE B 281 -35.34 13.55 43.63
N ASN B 282 -36.41 14.21 43.19
CA ASN B 282 -36.57 14.60 41.79
C ASN B 282 -36.54 13.38 40.86
N VAL B 283 -37.27 12.34 41.24
CA VAL B 283 -37.35 11.13 40.44
C VAL B 283 -38.37 11.33 39.33
N GLN B 284 -37.95 11.21 38.09
CA GLN B 284 -38.82 11.43 36.94
C GLN B 284 -39.37 10.13 36.36
N LEU B 285 -38.49 9.19 36.01
CA LEU B 285 -38.89 7.95 35.39
C LEU B 285 -39.06 6.87 36.45
N PHE B 286 -40.23 6.24 36.49
CA PHE B 286 -40.53 5.19 37.45
C PHE B 286 -40.64 3.82 36.81
N ASN B 287 -41.49 3.67 35.79
CA ASN B 287 -41.68 2.40 35.11
C ASN B 287 -41.00 2.39 33.74
N THR B 288 -39.93 3.16 33.59
CA THR B 288 -39.21 3.26 32.34
C THR B 288 -37.76 3.59 32.65
N SER B 289 -36.84 2.90 32.01
CA SER B 289 -35.43 3.16 32.25
C SER B 289 -34.64 3.00 30.96
N THR B 290 -33.72 3.91 30.71
CA THR B 290 -32.74 3.80 29.62
C THR B 290 -31.36 3.88 30.26
N SER B 291 -30.87 2.74 30.74
CA SER B 291 -29.57 2.70 31.42
C SER B 291 -29.04 1.29 31.29
N LEU B 292 -28.01 1.12 30.48
CA LEU B 292 -27.44 -0.20 30.24
C LEU B 292 -26.73 -0.71 31.49
N PHE B 293 -26.74 -2.02 31.67
CA PHE B 293 -25.87 -2.65 32.65
C PHE B 293 -25.56 -4.07 32.21
N LYS B 294 -24.30 -4.49 32.41
CA LYS B 294 -23.86 -5.80 32.01
C LYS B 294 -22.78 -6.27 32.97
N PHE B 295 -22.62 -7.59 33.06
CA PHE B 295 -21.67 -8.21 33.96
C PHE B 295 -20.78 -9.17 33.17
N VAL B 296 -19.47 -9.05 33.39
CA VAL B 296 -18.46 -9.85 32.69
C VAL B 296 -17.63 -10.59 33.72
N GLU B 297 -17.29 -11.84 33.42
CA GLU B 297 -16.46 -12.64 34.31
C GLU B 297 -15.59 -13.57 33.50
N GLU B 298 -14.30 -13.58 33.81
CA GLU B 298 -13.33 -14.47 33.17
C GLU B 298 -12.94 -15.55 34.17
N ALA B 299 -13.19 -16.80 33.82
CA ALA B 299 -12.86 -17.89 34.72
C ALA B 299 -11.35 -18.14 34.74
N PRO B 300 -10.80 -18.53 35.88
CA PRO B 300 -9.39 -18.85 35.94
C PRO B 300 -9.07 -20.07 35.09
N SER B 301 -7.82 -20.14 34.64
CA SER B 301 -7.42 -21.17 33.68
C SER B 301 -7.50 -22.59 34.23
N ASN B 302 -7.65 -22.75 35.54
CA ASN B 302 -7.64 -24.08 36.15
C ASN B 302 -9.02 -24.64 36.44
N LYS B 303 -10.01 -23.80 36.74
CA LYS B 303 -11.33 -24.27 37.14
C LYS B 303 -12.41 -23.42 36.47
N ASN B 304 -13.65 -23.89 36.58
CA ASN B 304 -14.81 -23.21 36.05
C ASN B 304 -15.33 -22.18 37.05
N ILE B 305 -16.26 -21.34 36.59
CA ILE B 305 -16.89 -20.34 37.43
C ILE B 305 -18.34 -20.19 37.00
N CYS B 306 -19.15 -19.57 37.86
CA CYS B 306 -20.53 -19.26 37.51
C CYS B 306 -20.83 -17.83 37.95
N ILE B 307 -21.69 -17.16 37.18
CA ILE B 307 -22.15 -15.83 37.55
C ILE B 307 -23.67 -15.81 37.52
N LYS B 308 -24.27 -15.32 38.60
CA LYS B 308 -25.70 -15.07 38.68
C LYS B 308 -25.95 -13.57 38.55
N ALA B 309 -26.85 -13.21 37.66
CA ALA B 309 -27.29 -11.83 37.51
C ALA B 309 -28.74 -11.73 37.98
N TYR B 310 -28.99 -10.74 38.83
CA TYR B 310 -30.31 -10.43 39.38
C TYR B 310 -30.70 -9.00 39.02
N ASN B 311 -32.00 -8.76 38.98
CA ASN B 311 -32.55 -7.42 38.92
C ASN B 311 -32.75 -6.90 40.34
N THR B 312 -32.39 -5.64 40.56
CA THR B 312 -32.44 -5.08 41.91
C THR B 312 -33.40 -3.91 41.97
N TYR B 313 -33.65 -3.46 43.20
CA TYR B 313 -34.56 -2.35 43.48
C TYR B 313 -33.92 -1.44 44.51
N GLU B 314 -34.19 -0.14 44.36
CA GLU B 314 -33.88 0.85 45.36
C GLU B 314 -35.14 1.11 46.18
N LYS B 315 -35.01 1.05 47.49
CA LYS B 315 -36.16 1.07 48.38
C LYS B 315 -36.33 2.46 48.98
N TYR B 316 -37.52 3.04 48.80
CA TYR B 316 -37.88 4.32 49.37
C TYR B 316 -39.04 4.12 50.32
N GLU B 317 -38.96 4.72 51.50
CA GLU B 317 -40.05 4.70 52.46
C GLU B 317 -40.64 6.10 52.57
N LEU B 318 -41.92 6.24 52.26
CA LEU B 318 -42.64 7.49 52.47
C LEU B 318 -43.42 7.35 53.76
N ILE B 319 -43.02 8.10 54.78
CA ILE B 319 -43.59 7.95 56.11
C ILE B 319 -44.25 9.26 56.51
N ASP B 320 -45.47 9.15 57.04
CA ASP B 320 -46.14 10.25 57.71
C ASP B 320 -45.92 10.07 59.20
N TYR B 321 -45.16 10.99 59.79
CA TYR B 321 -44.68 10.91 61.16
C TYR B 321 -45.35 12.00 61.97
N GLN B 322 -46.15 11.62 62.95
CA GLN B 322 -46.91 12.57 63.74
C GLN B 322 -46.76 12.26 65.23
N ASN B 323 -46.33 13.26 65.98
CA ASN B 323 -46.26 13.20 67.45
C ASN B 323 -45.44 12.00 67.92
N GLY B 324 -44.32 11.75 67.27
CA GLY B 324 -43.39 10.74 67.73
C GLY B 324 -43.66 9.32 67.28
N SER B 325 -44.65 9.11 66.42
CA SER B 325 -44.96 7.78 65.93
C SER B 325 -45.22 7.83 64.43
N ILE B 326 -44.85 6.76 63.75
CA ILE B 326 -45.09 6.64 62.31
C ILE B 326 -46.57 6.32 62.13
N VAL B 327 -47.37 7.34 61.79
CA VAL B 327 -48.79 7.11 61.63
C VAL B 327 -49.13 6.57 60.24
N ASN B 328 -48.25 6.75 59.26
CA ASN B 328 -48.50 6.12 57.96
C ASN B 328 -47.18 5.78 57.29
N LYS B 329 -47.21 4.79 56.42
CA LYS B 329 -45.98 4.37 55.74
C LYS B 329 -46.33 3.67 54.43
N ALA B 330 -45.55 3.98 53.40
CA ALA B 330 -45.62 3.32 52.11
C ALA B 330 -44.22 3.00 51.64
N GLU B 331 -44.08 1.96 50.83
CA GLU B 331 -42.78 1.46 50.38
C GLU B 331 -42.80 1.37 48.86
N TYR B 332 -41.86 2.05 48.22
CA TYR B 332 -41.73 2.06 46.77
C TYR B 332 -40.37 1.50 46.38
N TYR B 333 -40.37 0.50 45.53
CA TYR B 333 -39.16 -0.17 45.08
C TYR B 333 -38.96 0.20 43.61
N LEU B 334 -38.07 1.15 43.37
CA LEU B 334 -37.75 1.63 42.05
C LEU B 334 -36.73 0.72 41.40
N PRO B 335 -36.96 0.25 40.17
CA PRO B 335 -36.00 -0.66 39.54
C PRO B 335 -34.61 -0.05 39.42
N SER B 336 -33.60 -0.89 39.61
CA SER B 336 -32.22 -0.44 39.66
C SER B 336 -31.37 -1.24 38.67
N LEU B 337 -30.06 -1.12 38.76
CA LEU B 337 -29.14 -1.63 37.73
C LEU B 337 -28.53 -2.97 38.08
N GLY B 338 -29.25 -3.86 38.77
CA GLY B 338 -28.86 -5.25 38.86
C GLY B 338 -27.85 -5.56 39.94
N TYR B 339 -27.50 -6.85 40.01
CA TYR B 339 -26.57 -7.36 41.01
C TYR B 339 -25.94 -8.65 40.49
N CYS B 340 -24.61 -8.74 40.59
CA CYS B 340 -23.86 -9.87 40.09
C CYS B 340 -23.24 -10.65 41.25
N GLU B 341 -23.34 -11.97 41.20
CA GLU B 341 -22.81 -12.84 42.24
C GLU B 341 -21.95 -13.91 41.58
N VAL B 342 -20.72 -14.06 42.06
CA VAL B 342 -19.77 -15.02 41.50
C VAL B 342 -19.73 -16.24 42.40
N THR B 343 -19.97 -17.42 41.82
CA THR B 343 -20.05 -18.65 42.56
C THR B 343 -19.14 -19.70 41.93
N ASN B 344 -18.82 -20.72 42.73
CA ASN B 344 -18.05 -21.86 42.29
C ASN B 344 -18.88 -23.12 42.45
N ALA B 345 -18.74 -24.04 41.51
CA ALA B 345 -19.49 -25.28 41.57
C ALA B 345 -19.09 -26.07 42.81
N PRO B 346 -20.04 -26.71 43.49
CA PRO B 346 -19.71 -27.48 44.70
C PRO B 346 -18.90 -28.72 44.36
N SER B 347 -18.60 -29.52 45.38
CA SER B 347 -17.88 -30.76 45.15
C SER B 347 -18.72 -31.69 44.28
N PRO B 348 -18.10 -32.43 43.36
CA PRO B 348 -18.90 -33.32 42.48
C PRO B 348 -19.69 -34.36 43.25
N GLU B 349 -19.17 -34.86 44.37
CA GLU B 349 -19.86 -35.85 45.19
C GLU B 349 -20.62 -35.10 46.28
N SER B 350 -21.85 -34.70 45.96
CA SER B 350 -22.68 -33.97 46.91
C SER B 350 -24.14 -34.29 46.61
N GLU B 351 -24.85 -34.83 47.59
CA GLU B 351 -26.26 -35.14 47.41
C GLU B 351 -27.10 -33.88 47.46
N VAL B 352 -28.28 -33.96 46.85
CA VAL B 352 -29.21 -32.84 46.86
C VAL B 352 -30.03 -32.87 48.15
N VAL B 353 -30.53 -31.70 48.55
CA VAL B 353 -31.38 -31.57 49.72
C VAL B 353 -32.67 -30.88 49.29
N LYS B 354 -33.80 -31.48 49.63
CA LYS B 354 -35.11 -30.91 49.31
C LYS B 354 -35.38 -29.79 50.30
N THR B 355 -35.06 -28.57 49.89
CA THR B 355 -35.26 -27.41 50.75
C THR B 355 -36.58 -26.72 50.42
N GLN B 356 -37.22 -26.18 51.44
CA GLN B 356 -38.43 -25.42 51.24
C GLN B 356 -38.09 -23.98 50.83
N VAL B 357 -39.02 -23.36 50.10
CA VAL B 357 -38.81 -21.99 49.66
C VAL B 357 -38.87 -21.06 50.85
N ALA B 358 -38.19 -19.93 50.73
CA ALA B 358 -38.22 -18.91 51.78
C ALA B 358 -39.51 -18.10 51.69
N GLU B 359 -39.83 -17.42 52.79
CA GLU B 359 -40.97 -16.52 52.80
C GLU B 359 -40.71 -15.33 51.89
N ASP B 360 -41.80 -14.77 51.37
CA ASP B 360 -41.67 -13.61 50.48
C ASP B 360 -41.11 -12.42 51.25
N GLY B 361 -40.14 -11.74 50.63
CA GLY B 361 -39.49 -10.62 51.27
C GLY B 361 -38.37 -10.10 50.40
N PHE B 362 -37.61 -9.17 50.97
CA PHE B 362 -36.50 -8.53 50.27
C PHE B 362 -35.20 -8.76 51.01
N ILE B 363 -34.12 -8.85 50.24
CA ILE B 363 -32.77 -9.00 50.77
C ILE B 363 -31.92 -7.88 50.17
N GLN B 364 -31.22 -7.15 51.02
CA GLN B 364 -30.36 -6.07 50.57
C GLN B 364 -28.97 -6.61 50.28
N ASN B 365 -28.57 -6.56 49.02
CA ASN B 365 -27.22 -6.92 48.62
C ASN B 365 -26.32 -5.72 48.46
N GLY B 366 -26.81 -4.52 48.78
CA GLY B 366 -26.04 -3.32 48.63
C GLY B 366 -25.58 -2.74 49.96
N PRO B 367 -24.92 -1.59 49.91
CA PRO B 367 -24.39 -0.98 51.14
C PRO B 367 -25.50 -0.38 51.98
N GLU B 368 -25.21 -0.26 53.27
CA GLU B 368 -26.17 0.31 54.21
C GLU B 368 -26.34 1.81 53.95
N GLU B 369 -27.59 2.26 53.90
CA GLU B 369 -27.90 3.64 53.56
C GLU B 369 -29.22 4.03 54.19
N GLU B 370 -29.30 5.28 54.66
CA GLU B 370 -30.55 5.83 55.17
C GLU B 370 -30.47 7.35 55.02
N ILE B 371 -31.16 7.87 54.01
CA ILE B 371 -31.23 9.31 53.77
C ILE B 371 -32.67 9.75 54.00
N VAL B 372 -32.87 10.66 54.94
CA VAL B 372 -34.20 11.15 55.30
C VAL B 372 -34.35 12.57 54.79
N VAL B 373 -35.36 12.80 53.97
CA VAL B 373 -35.61 14.12 53.39
C VAL B 373 -37.07 14.47 53.65
N GLY B 374 -37.30 15.56 54.38
CA GLY B 374 -38.67 16.00 54.59
C GLY B 374 -39.24 16.62 53.32
N VAL B 375 -40.57 16.54 53.19
CA VAL B 375 -41.23 17.09 52.03
C VAL B 375 -42.40 17.96 52.48
N ILE B 376 -42.69 18.98 51.68
CA ILE B 376 -43.80 19.87 51.96
C ILE B 376 -45.11 19.10 51.79
N ASP B 377 -45.98 19.20 52.78
CA ASP B 377 -47.29 18.56 52.70
C ASP B 377 -48.10 19.23 51.59
N PRO B 378 -48.51 18.49 50.55
CA PRO B 378 -49.20 19.14 49.43
C PRO B 378 -50.61 19.62 49.76
N SER B 379 -51.14 19.28 50.93
CA SER B 379 -52.46 19.72 51.33
C SER B 379 -52.44 21.04 52.10
N GLU B 380 -51.29 21.67 52.22
CA GLU B 380 -51.14 22.91 52.98
C GLU B 380 -50.72 24.04 52.05
N ASN B 381 -51.38 25.18 52.17
CA ASN B 381 -51.12 26.31 51.30
C ASN B 381 -49.73 26.89 51.55
N ILE B 382 -49.17 27.51 50.51
CA ILE B 382 -47.86 28.14 50.57
C ILE B 382 -48.00 29.58 50.11
N GLN B 383 -47.95 30.52 51.04
CA GLN B 383 -47.87 31.93 50.69
C GLN B 383 -46.42 32.30 50.42
N GLU B 384 -46.21 33.50 49.88
CA GLU B 384 -44.89 33.96 49.51
C GLU B 384 -44.67 35.39 49.98
N ILE B 385 -43.40 35.73 50.17
CA ILE B 385 -42.97 37.08 50.43
C ILE B 385 -41.98 37.42 49.31
N ASN B 386 -42.45 38.16 48.31
CA ASN B 386 -41.66 38.38 47.11
C ASN B 386 -40.51 39.35 47.32
N THR B 387 -40.46 40.05 48.45
CA THR B 387 -39.37 40.97 48.75
C THR B 387 -38.44 40.31 49.76
N ALA B 388 -37.14 40.35 49.48
CA ALA B 388 -36.16 39.85 50.43
C ALA B 388 -36.25 40.63 51.73
N ILE B 389 -36.13 39.93 52.85
CA ILE B 389 -36.42 40.52 54.15
C ILE B 389 -35.22 41.36 54.59
N SER B 390 -35.46 42.65 54.81
CA SER B 390 -34.46 43.58 55.32
C SER B 390 -34.40 43.44 56.83
N ASP B 391 -33.75 44.38 57.52
CA ASP B 391 -33.57 44.26 58.96
C ASP B 391 -34.89 44.19 59.72
N ASN B 392 -35.99 44.64 59.13
CA ASN B 392 -37.29 44.50 59.76
C ASN B 392 -38.32 44.11 58.71
N TYR B 393 -39.38 43.43 59.15
CA TYR B 393 -40.51 43.08 58.30
C TYR B 393 -41.61 42.51 59.18
N THR B 394 -42.86 42.84 58.84
CA THR B 394 -44.04 42.29 59.48
C THR B 394 -44.95 41.71 58.41
N TYR B 395 -45.54 40.56 58.71
CA TYR B 395 -46.42 39.85 57.80
C TYR B 395 -47.80 39.71 58.44
N ASN B 396 -48.83 40.06 57.68
CA ASN B 396 -50.21 39.95 58.14
C ASN B 396 -50.80 38.65 57.63
N ILE B 397 -51.39 37.88 58.53
CA ILE B 397 -52.00 36.61 58.16
C ILE B 397 -53.22 36.90 57.29
N PRO B 398 -53.26 36.41 56.05
CA PRO B 398 -54.40 36.70 55.18
C PRO B 398 -55.63 35.90 55.59
N GLY B 399 -56.79 36.39 55.15
CA GLY B 399 -58.04 35.71 55.42
C GLY B 399 -58.26 34.47 54.58
N ILE B 400 -57.57 34.35 53.44
CA ILE B 400 -57.69 33.17 52.61
C ILE B 400 -57.15 31.92 53.32
N VAL B 401 -56.27 32.11 54.30
CA VAL B 401 -55.74 30.99 55.06
C VAL B 401 -56.86 30.28 55.81
N ASN B 402 -57.78 31.05 56.39
CA ASN B 402 -58.93 30.52 57.13
C ASN B 402 -58.50 29.65 58.31
N ASN B 403 -57.46 30.11 59.01
CA ASN B 403 -56.99 29.46 60.25
C ASN B 403 -56.63 28.00 60.01
N ASN B 404 -55.71 27.78 59.08
CA ASN B 404 -55.23 26.46 58.72
C ASN B 404 -53.71 26.44 58.75
N PRO B 405 -53.10 25.28 58.99
CA PRO B 405 -51.65 25.19 58.89
C PRO B 405 -51.20 25.53 57.48
N PHE B 406 -50.11 26.28 57.38
CA PHE B 406 -49.65 26.70 56.06
C PHE B 406 -48.18 27.12 56.16
N TYR B 407 -47.59 27.40 55.00
CA TYR B 407 -46.20 27.79 54.90
C TYR B 407 -46.09 29.20 54.35
N ILE B 408 -45.03 29.89 54.74
CA ILE B 408 -44.62 31.15 54.13
C ILE B 408 -43.23 30.93 53.55
N LEU B 409 -43.10 31.08 52.24
CA LEU B 409 -41.81 31.05 51.57
C LEU B 409 -41.21 32.43 51.62
N PHE B 410 -39.93 32.52 51.96
CA PHE B 410 -39.30 33.82 52.06
C PHE B 410 -37.79 33.65 51.94
N THR B 411 -37.11 34.77 51.66
CA THR B 411 -35.66 34.81 51.55
C THR B 411 -35.16 36.03 52.30
N VAL B 412 -33.88 35.99 52.67
CA VAL B 412 -33.27 37.00 53.53
C VAL B 412 -32.26 37.77 52.70
N ASN B 413 -32.31 39.10 52.80
CA ASN B 413 -31.46 39.96 51.97
C ASN B 413 -29.98 39.78 52.30
N THR B 414 -29.64 39.68 53.59
CA THR B 414 -28.25 39.62 54.00
C THR B 414 -28.11 38.58 55.11
N THR B 415 -27.13 37.69 54.97
CA THR B 415 -26.93 36.61 55.92
C THR B 415 -26.81 37.15 57.34
N GLY B 416 -27.56 36.57 58.26
CA GLY B 416 -27.58 37.07 59.61
C GLY B 416 -28.53 36.27 60.47
N ILE B 417 -28.59 36.66 61.75
CA ILE B 417 -29.39 35.99 62.75
C ILE B 417 -30.68 36.75 62.94
N TYR B 418 -31.81 36.05 62.82
CA TYR B 418 -33.14 36.64 62.82
C TYR B 418 -33.99 36.04 63.93
N LYS B 419 -34.80 36.90 64.55
CA LYS B 419 -35.82 36.51 65.51
C LYS B 419 -37.17 36.59 64.84
N ILE B 420 -37.83 35.44 64.72
CA ILE B 420 -39.13 35.33 64.07
C ILE B 420 -40.15 34.93 65.12
N ASN B 421 -41.24 35.68 65.21
CA ASN B 421 -42.28 35.36 66.18
C ASN B 421 -43.64 35.78 65.64
N ALA B 422 -44.67 35.52 66.44
CA ALA B 422 -46.03 35.98 66.19
C ALA B 422 -46.45 36.92 67.31
N GLN B 423 -47.70 37.36 67.26
CA GLN B 423 -48.22 38.25 68.30
C GLN B 423 -48.26 37.53 69.63
N ASN B 424 -47.59 38.08 70.63
CA ASN B 424 -47.44 37.48 71.95
C ASN B 424 -46.84 36.08 71.89
N ASN B 425 -46.09 35.79 70.82
CA ASN B 425 -45.45 34.49 70.61
C ASN B 425 -46.47 33.35 70.55
N LEU B 426 -47.65 33.62 70.00
CA LEU B 426 -48.65 32.60 69.75
C LEU B 426 -49.12 32.69 68.31
N PRO B 427 -49.08 31.58 67.55
CA PRO B 427 -48.62 30.25 67.94
C PRO B 427 -47.10 30.13 67.86
N SER B 428 -46.58 28.91 67.91
CA SER B 428 -45.15 28.67 67.79
C SER B 428 -44.86 28.16 66.39
N LEU B 429 -43.97 28.85 65.68
CA LEU B 429 -43.71 28.56 64.28
C LEU B 429 -42.65 27.48 64.14
N LYS B 430 -42.53 26.95 62.93
CA LYS B 430 -41.44 26.02 62.62
C LYS B 430 -40.71 26.48 61.37
N ILE B 431 -39.39 26.54 61.44
CA ILE B 431 -38.58 27.06 60.35
C ILE B 431 -37.96 25.90 59.58
N TYR B 432 -38.09 25.91 58.27
CA TYR B 432 -37.54 24.92 57.37
C TYR B 432 -36.55 25.59 56.42
N GLU B 433 -35.93 24.79 55.56
CA GLU B 433 -34.94 25.30 54.63
C GLU B 433 -34.96 24.45 53.38
N ALA B 434 -35.16 25.07 52.23
CA ALA B 434 -35.19 24.32 50.98
C ALA B 434 -33.81 23.78 50.65
N ILE B 435 -33.74 22.50 50.30
CA ILE B 435 -32.48 21.85 49.97
C ILE B 435 -32.08 22.23 48.56
N GLY B 436 -30.88 22.78 48.40
CA GLY B 436 -30.38 23.14 47.10
C GLY B 436 -30.87 24.47 46.56
N SER B 437 -31.61 25.23 47.35
CA SER B 437 -32.07 26.54 46.92
C SER B 437 -30.92 27.55 46.95
N GLY B 438 -30.94 28.47 46.01
CA GLY B 438 -29.94 29.51 45.93
C GLY B 438 -28.77 29.22 45.01
N ASN B 439 -28.53 27.95 44.68
CA ASN B 439 -27.51 27.59 43.71
C ASN B 439 -27.86 28.03 42.30
N ARG B 440 -29.13 28.03 41.96
CA ARG B 440 -29.62 28.31 40.62
C ARG B 440 -29.95 29.80 40.52
N ASN B 441 -30.73 30.24 39.53
CA ASN B 441 -30.98 31.63 39.22
C ASN B 441 -31.40 32.43 40.45
N PHE B 442 -31.20 33.75 40.36
CA PHE B 442 -31.54 34.68 41.43
C PHE B 442 -31.50 36.12 40.94
N GLN B 443 -32.31 36.99 41.54
CA GLN B 443 -32.21 38.42 41.33
C GLN B 443 -32.15 39.11 42.69
N SER B 444 -31.29 40.10 42.83
CA SER B 444 -31.04 40.72 44.12
C SER B 444 -32.26 41.48 44.60
N GLY B 445 -32.53 41.37 45.90
CA GLY B 445 -33.59 42.11 46.54
C GLY B 445 -34.97 41.48 46.48
N ASN B 446 -35.15 40.42 45.70
CA ASN B 446 -36.43 39.77 45.54
C ASN B 446 -36.30 38.28 45.85
N LEU B 447 -37.43 37.59 45.85
CA LEU B 447 -37.48 36.16 46.10
C LEU B 447 -37.63 35.43 44.79
N CYS B 448 -36.73 34.48 44.54
CA CYS B 448 -36.80 33.62 43.36
C CYS B 448 -37.32 32.27 43.81
N ASP B 449 -38.64 32.09 43.74
CA ASP B 449 -39.26 30.83 44.14
C ASP B 449 -38.75 29.71 43.26
N ASP B 450 -37.97 28.80 43.84
CA ASP B 450 -37.41 27.68 43.09
C ASP B 450 -38.33 26.47 43.05
N ASP B 451 -39.44 26.50 43.78
CA ASP B 451 -40.39 25.39 43.84
C ASP B 451 -39.73 24.10 44.28
N ILE B 452 -38.77 24.20 45.20
CA ILE B 452 -38.15 23.02 45.80
C ILE B 452 -38.99 22.61 46.99
N LYS B 453 -39.40 21.35 47.02
CA LYS B 453 -40.27 20.85 48.09
C LYS B 453 -39.56 19.84 48.99
N ALA B 454 -38.23 19.74 48.89
CA ALA B 454 -37.43 19.02 49.86
C ALA B 454 -36.92 20.02 50.89
N ILE B 455 -37.19 19.76 52.17
CA ILE B 455 -36.94 20.73 53.22
C ILE B 455 -36.13 20.10 54.34
N ASN B 456 -35.39 20.94 55.05
CA ASN B 456 -34.64 20.55 56.25
C ASN B 456 -35.24 21.29 57.44
N TYR B 457 -35.66 20.52 58.44
CA TYR B 457 -36.13 21.12 59.68
C TYR B 457 -34.97 21.82 60.38
N ILE B 458 -35.22 23.03 60.88
CA ILE B 458 -34.22 23.82 61.58
C ILE B 458 -34.58 23.97 63.06
N THR B 459 -35.72 24.57 63.35
CA THR B 459 -36.15 24.81 64.72
C THR B 459 -37.66 24.93 64.73
N GLY B 460 -38.24 24.86 65.91
CA GLY B 460 -39.66 25.08 66.07
C GLY B 460 -40.30 23.98 66.89
N PHE B 461 -41.44 24.32 67.49
CA PHE B 461 -42.20 23.39 68.32
C PHE B 461 -43.52 23.12 67.61
N ASP B 462 -43.95 21.87 67.63
CA ASP B 462 -45.22 21.48 67.03
C ASP B 462 -46.25 21.40 68.16
N SER B 463 -46.75 22.56 68.53
CA SER B 463 -47.73 22.67 69.61
C SER B 463 -48.36 24.05 69.57
N ASN B 465 -49.87 26.46 71.06
CA ASN B 465 -50.22 26.93 72.39
C ASN B 465 -48.98 27.12 73.24
N ALA B 466 -47.83 26.71 72.71
CA ALA B 466 -46.55 26.92 73.35
C ALA B 466 -46.00 28.28 72.92
N LYS B 467 -45.62 29.09 73.89
CA LYS B 467 -45.28 30.49 73.65
C LYS B 467 -43.76 30.63 73.45
N SER B 468 -43.32 30.43 72.22
CA SER B 468 -41.90 30.52 71.90
C SER B 468 -41.66 31.47 70.73
N TYR B 469 -40.39 31.75 70.47
CA TYR B 469 -40.00 32.49 69.27
C TYR B 469 -38.67 31.95 68.76
N LEU B 470 -38.51 31.97 67.44
CA LEU B 470 -37.35 31.38 66.80
C LEU B 470 -36.22 32.39 66.72
N VAL B 471 -35.01 31.95 67.02
CA VAL B 471 -33.80 32.71 66.75
C VAL B 471 -32.93 31.81 65.89
N VAL B 472 -32.79 32.15 64.61
CA VAL B 472 -32.16 31.28 63.64
C VAL B 472 -31.12 32.08 62.86
N LEU B 473 -30.30 31.36 62.09
CA LEU B 473 -29.28 31.94 61.24
C LEU B 473 -29.66 31.68 59.80
N LEU B 474 -30.04 32.72 59.07
CA LEU B 474 -30.52 32.61 57.71
C LEU B 474 -29.49 33.21 56.75
N ASN B 475 -29.34 32.58 55.59
CA ASN B 475 -28.34 32.95 54.62
C ASN B 475 -28.89 34.02 53.68
N LYS B 476 -28.15 34.30 52.61
CA LYS B 476 -28.47 35.41 51.72
C LYS B 476 -29.31 35.01 50.52
N ASP B 477 -29.20 33.76 50.05
CA ASP B 477 -29.90 33.33 48.85
C ASP B 477 -30.83 32.14 49.07
N LYS B 478 -30.75 31.47 50.21
CA LYS B 478 -31.53 30.27 50.42
C LYS B 478 -32.99 30.63 50.74
N ASN B 479 -33.89 29.76 50.34
CA ASN B 479 -35.32 29.94 50.56
C ASN B 479 -35.74 29.16 51.80
N TYR B 480 -36.49 29.82 52.67
CA TYR B 480 -36.96 29.21 53.91
C TYR B 480 -38.48 29.22 53.96
N TYR B 481 -39.04 28.25 54.69
CA TYR B 481 -40.47 28.15 54.92
C TYR B 481 -40.74 28.32 56.40
N ILE B 482 -41.62 29.24 56.74
CA ILE B 482 -42.13 29.37 58.11
C ILE B 482 -43.49 28.67 58.12
N ARG B 483 -43.60 27.60 58.89
CA ARG B 483 -44.84 26.85 58.99
C ARG B 483 -45.61 27.31 60.21
N VAL B 484 -46.84 27.75 59.98
CA VAL B 484 -47.76 28.20 61.02
C VAL B 484 -48.80 27.12 61.21
N PRO B 485 -49.06 26.67 62.44
CA PRO B 485 -49.99 25.57 62.65
C PRO B 485 -51.43 26.06 62.68
N GLN B 486 -52.34 25.12 62.95
CA GLN B 486 -53.76 25.44 63.02
C GLN B 486 -54.05 26.28 64.24
N THR B 487 -54.56 27.49 64.02
CA THR B 487 -54.92 28.41 65.09
C THR B 487 -56.44 28.45 65.22
N SER B 488 -56.94 28.33 66.44
CA SER B 488 -58.37 28.28 66.71
C SER B 488 -58.92 29.61 67.20
N SER B 489 -58.37 30.72 66.72
CA SER B 489 -58.83 32.06 67.09
C SER B 489 -59.17 32.84 65.83
N ASN B 490 -60.29 33.57 65.87
CA ASN B 490 -60.71 34.39 64.74
C ASN B 490 -59.94 35.69 64.63
N ILE B 491 -59.17 36.05 65.64
CA ILE B 491 -58.37 37.27 65.62
C ILE B 491 -57.18 37.08 64.68
N GLU B 492 -56.84 38.12 63.92
CA GLU B 492 -55.72 38.04 63.01
C GLU B 492 -54.40 37.99 63.78
N ASN B 493 -53.37 37.49 63.09
CA ASN B 493 -52.05 37.36 63.69
C ASN B 493 -51.02 38.03 62.79
N GLN B 494 -49.95 38.51 63.41
CA GLN B 494 -48.85 39.15 62.70
C GLN B 494 -47.56 38.41 63.02
N ILE B 495 -46.75 38.18 62.00
CA ILE B 495 -45.47 37.49 62.15
C ILE B 495 -44.35 38.49 61.91
N LYS B 496 -43.50 38.66 62.90
CA LYS B 496 -42.39 39.60 62.85
C LYS B 496 -41.08 38.88 62.59
N PHE B 497 -40.22 39.52 61.81
CA PHE B 497 -39.00 38.96 61.24
C PHE B 497 -37.79 39.83 61.60
N LYS B 498 -37.64 40.19 62.86
CA LYS B 498 -36.66 41.20 63.21
C LYS B 498 -35.24 40.65 63.14
N ARG B 499 -34.38 41.34 62.39
CA ARG B 499 -32.96 40.98 62.35
C ARG B 499 -32.30 41.41 63.64
N GLU B 500 -31.57 40.51 64.28
CA GLU B 500 -31.03 40.73 65.61
C GLU B 500 -29.51 40.85 65.53
N GLU B 501 -29.03 42.09 65.65
CA GLU B 501 -27.59 42.36 65.75
C GLU B 501 -27.29 42.74 67.20
N GLY B 502 -27.06 41.72 68.01
CA GLY B 502 -26.84 41.96 69.41
C GLY B 502 -26.53 40.69 70.17
N ASP B 503 -26.66 40.77 71.49
CA ASP B 503 -26.29 39.66 72.36
C ASP B 503 -27.15 38.42 72.15
N LEU B 504 -28.28 38.55 71.45
CA LEU B 504 -29.14 37.40 71.22
C LEU B 504 -28.53 36.38 70.27
N ARG B 505 -27.45 36.73 69.56
CA ARG B 505 -26.83 35.78 68.64
C ARG B 505 -26.31 34.54 69.37
N ASN B 506 -26.16 34.60 70.69
CA ASN B 506 -25.76 33.43 71.44
C ASN B 506 -26.77 32.30 71.30
N LEU B 507 -28.03 32.63 71.07
CA LEU B 507 -29.09 31.63 70.90
C LEU B 507 -29.31 31.29 69.43
N MET B 508 -28.24 30.89 68.75
CA MET B 508 -28.33 30.58 67.32
C MET B 508 -29.06 29.26 67.12
N ASN B 509 -29.99 29.24 66.17
CA ASN B 509 -30.75 28.05 65.81
C ASN B 509 -31.41 27.42 67.04
N SER B 510 -32.31 28.19 67.64
CA SER B 510 -32.95 27.75 68.87
C SER B 510 -34.32 28.40 68.99
N SER B 511 -35.27 27.65 69.52
CA SER B 511 -36.63 28.13 69.74
C SER B 511 -36.76 28.50 71.21
N VAL B 512 -36.63 29.80 71.50
CA VAL B 512 -36.67 30.29 72.87
C VAL B 512 -38.10 30.12 73.37
N ASN B 513 -38.28 29.22 74.33
CA ASN B 513 -39.57 29.00 74.95
C ASN B 513 -39.74 29.95 76.13
N ILE B 514 -40.95 30.50 76.26
CA ILE B 514 -41.26 31.46 77.31
C ILE B 514 -41.90 30.73 78.47
N ILE B 515 -41.33 30.89 79.66
CA ILE B 515 -41.83 30.27 80.87
C ILE B 515 -42.62 31.33 81.62
N ASP B 516 -43.94 31.24 81.56
CA ASP B 516 -44.82 32.26 82.13
C ASP B 516 -45.38 31.88 83.49
N ASN B 517 -45.72 30.61 83.70
CA ASN B 517 -46.35 30.17 84.96
C ASN B 517 -45.26 29.80 85.97
N LEU B 518 -44.52 30.82 86.39
CA LEU B 518 -43.49 30.70 87.41
C LEU B 518 -43.76 31.80 88.43
N ASN B 519 -44.60 31.50 89.42
CA ASN B 519 -44.98 32.48 90.42
C ASN B 519 -44.96 31.94 91.85
N SER B 520 -44.55 30.70 92.06
CA SER B 520 -44.58 30.12 93.39
C SER B 520 -43.47 29.07 93.51
N THR B 521 -43.10 28.78 94.74
CA THR B 521 -42.10 27.75 95.00
C THR B 521 -42.66 26.39 94.63
N GLY B 522 -41.82 25.56 94.04
CA GLY B 522 -42.25 24.23 93.65
C GLY B 522 -41.25 23.55 92.73
N ALA B 523 -41.74 22.53 92.03
CA ALA B 523 -40.93 21.67 91.20
C ALA B 523 -41.44 21.67 89.76
N HIS B 524 -41.51 22.86 89.15
CA HIS B 524 -42.13 22.98 87.84
C HIS B 524 -41.48 22.12 86.77
N TYR B 525 -42.28 21.58 85.87
CA TYR B 525 -41.75 20.72 84.82
C TYR B 525 -42.39 21.08 83.49
N TYR B 526 -41.56 21.08 82.45
CA TYR B 526 -41.99 21.43 81.10
C TYR B 526 -41.51 20.37 80.12
N THR B 527 -42.44 19.86 79.33
CA THR B 527 -42.16 18.80 78.36
C THR B 527 -42.31 19.37 76.96
N ARG B 528 -41.25 19.30 76.17
CA ARG B 528 -41.26 19.77 74.79
C ARG B 528 -40.68 18.68 73.90
N GLN B 529 -40.78 18.88 72.58
CA GLN B 529 -40.15 17.95 71.66
C GLN B 529 -38.64 18.12 71.74
N SER B 530 -37.94 17.01 71.94
CA SER B 530 -36.51 17.06 72.16
C SER B 530 -35.77 17.29 70.85
N PRO B 531 -34.93 18.31 70.74
CA PRO B 531 -34.11 18.48 69.53
C PRO B 531 -33.08 17.37 69.41
N ASP B 532 -32.55 17.22 68.20
CA ASP B 532 -31.55 16.22 67.93
C ASP B 532 -30.27 16.53 68.70
N VAL B 533 -29.28 15.65 68.58
CA VAL B 533 -28.01 15.86 69.25
C VAL B 533 -27.30 17.06 68.63
N HIS B 534 -26.55 17.78 69.46
CA HIS B 534 -25.85 19.00 69.07
C HIS B 534 -26.80 20.09 68.59
N ASP B 535 -28.07 20.03 68.98
CA ASP B 535 -29.04 21.05 68.65
C ASP B 535 -29.55 21.69 69.93
N TYR B 536 -29.96 22.95 69.82
CA TYR B 536 -30.22 23.78 70.99
C TYR B 536 -31.71 23.98 71.21
N ILE B 537 -32.06 24.19 72.48
CA ILE B 537 -33.42 24.58 72.88
C ILE B 537 -33.30 25.51 74.07
N SER B 538 -34.01 26.63 74.03
CA SER B 538 -33.84 27.68 75.03
C SER B 538 -35.08 27.84 75.89
N TYR B 539 -34.87 28.29 77.13
CA TYR B 539 -35.92 28.48 78.12
C TYR B 539 -35.69 29.83 78.77
N GLU B 540 -36.63 30.76 78.61
CA GLU B 540 -36.52 32.09 79.21
C GLU B 540 -37.55 32.18 80.33
N PHE B 541 -37.09 32.50 81.53
CA PHE B 541 -37.97 32.53 82.70
C PHE B 541 -37.63 33.70 83.59
N THR B 542 -38.65 34.23 84.26
CA THR B 542 -38.47 35.27 85.27
C THR B 542 -38.70 34.66 86.64
N ILE B 543 -37.72 34.79 87.51
CA ILE B 543 -37.78 34.19 88.85
C ILE B 543 -38.91 34.84 89.64
N PRO B 544 -39.77 34.07 90.32
CA PRO B 544 -40.86 34.68 91.08
C PRO B 544 -40.35 35.56 92.21
N GLY B 545 -41.08 36.62 92.48
CA GLY B 545 -40.73 37.55 93.53
C GLY B 545 -40.27 38.89 92.95
N ASN B 546 -40.35 39.91 93.80
CA ASN B 546 -39.97 41.26 93.40
C ASN B 546 -38.45 41.37 93.28
N PHE B 547 -38.01 42.24 92.37
CA PHE B 547 -36.60 42.45 92.10
C PHE B 547 -36.11 43.69 92.83
N ASN B 548 -35.11 43.51 93.70
CA ASN B 548 -34.48 44.63 94.38
C ASN B 548 -32.98 44.45 94.51
N ASN B 549 -32.36 43.64 93.65
CA ASN B 549 -30.96 43.23 93.78
C ASN B 549 -30.71 42.53 95.11
N LYS B 550 -31.74 41.87 95.63
CA LYS B 550 -31.69 41.17 96.91
C LYS B 550 -32.75 40.07 96.88
N ASP B 551 -33.04 39.50 98.04
CA ASP B 551 -34.01 38.42 98.17
C ASP B 551 -33.70 37.28 97.21
N THR B 552 -32.41 36.95 97.13
CA THR B 552 -31.95 35.98 96.15
C THR B 552 -32.37 34.57 96.55
N SER B 553 -32.94 33.82 95.60
CA SER B 553 -33.47 32.49 95.84
C SER B 553 -32.54 31.44 95.24
N ASN B 554 -32.87 30.17 95.47
CA ASN B 554 -32.10 29.06 94.93
C ASN B 554 -32.91 28.35 93.85
N ILE B 555 -32.26 28.08 92.73
CA ILE B 555 -32.91 27.58 91.53
C ILE B 555 -32.20 26.30 91.13
N ARG B 556 -32.95 25.24 90.87
CA ARG B 556 -32.39 23.94 90.50
C ARG B 556 -32.86 23.60 89.09
N LEU B 557 -31.92 23.17 88.25
CA LEU B 557 -32.13 22.89 86.84
C LEU B 557 -31.71 21.47 86.56
N TYR B 558 -32.59 20.68 85.93
CA TYR B 558 -32.20 19.33 85.52
C TYR B 558 -33.25 18.77 84.58
N THR B 559 -32.79 17.96 83.64
CA THR B 559 -33.65 17.20 82.75
C THR B 559 -33.93 15.82 83.32
N SER B 560 -34.95 15.17 82.79
CA SER B 560 -35.38 13.89 83.31
C SER B 560 -34.85 12.69 82.53
N TYR B 561 -34.68 12.81 81.21
CA TYR B 561 -34.28 11.66 80.41
C TYR B 561 -33.05 11.94 79.55
N ASN B 562 -32.95 13.14 79.00
CA ASN B 562 -31.94 13.44 78.00
C ASN B 562 -30.84 14.31 78.59
N GLN B 563 -29.59 13.89 78.41
CA GLN B 563 -28.44 14.62 78.91
C GLN B 563 -28.13 15.77 77.97
N GLY B 564 -27.88 16.94 78.56
CA GLY B 564 -27.56 18.10 77.75
C GLY B 564 -26.68 19.12 78.45
N ILE B 565 -25.73 19.68 77.71
CA ILE B 565 -24.91 20.76 78.26
C ILE B 565 -25.75 22.02 78.34
N GLY B 566 -25.74 22.66 79.50
CA GLY B 566 -26.52 23.87 79.68
C GLY B 566 -25.68 25.11 79.87
N THR B 567 -26.16 26.23 79.35
CA THR B 567 -25.59 27.53 79.67
C THR B 567 -26.59 28.31 80.51
N LEU B 568 -26.29 29.57 80.81
CA LEU B 568 -27.22 30.40 81.56
C LEU B 568 -26.82 31.85 81.36
N PHE B 569 -27.80 32.70 81.07
CA PHE B 569 -27.57 34.12 80.86
C PHE B 569 -28.59 34.92 81.65
N ARG B 570 -28.17 36.09 82.13
CA ARG B 570 -29.10 37.06 82.69
C ARG B 570 -29.46 38.07 81.63
N VAL B 571 -30.69 38.56 81.67
CA VAL B 571 -31.22 39.47 80.66
C VAL B 571 -31.50 40.81 81.33
N THR B 572 -30.90 41.87 80.79
CA THR B 572 -31.20 43.24 81.20
C THR B 572 -31.97 43.92 80.08
N GLU B 573 -33.11 44.52 80.42
CA GLU B 573 -34.01 45.06 79.41
C GLU B 573 -33.48 46.40 78.91
N THR B 574 -32.98 46.41 77.69
CA THR B 574 -32.53 47.64 77.04
C THR B 574 -33.60 48.12 76.06
N ILE B 575 -33.35 49.27 75.45
CA ILE B 575 -34.33 49.88 74.55
C ILE B 575 -34.17 49.42 73.11
N ASP B 576 -33.06 48.76 72.78
CA ASP B 576 -32.83 48.29 71.41
C ASP B 576 -32.84 46.78 71.26
N GLY B 577 -32.70 46.03 72.35
CA GLY B 577 -32.68 44.59 72.25
C GLY B 577 -32.56 43.97 73.62
N TYR B 578 -31.81 42.87 73.68
CA TYR B 578 -31.62 42.18 74.97
C TYR B 578 -30.14 42.07 75.18
N ASN B 579 -29.67 42.40 76.38
CA ASN B 579 -28.26 42.35 76.77
C ASN B 579 -28.08 41.17 77.70
N LEU B 580 -27.30 40.18 77.25
CA LEU B 580 -27.13 38.94 77.98
C LEU B 580 -25.75 38.90 78.61
N ILE B 581 -25.71 38.66 79.92
CA ILE B 581 -24.45 38.52 80.66
C ILE B 581 -24.38 37.09 81.17
N ASN B 582 -23.23 36.47 81.00
CA ASN B 582 -23.11 35.05 81.27
C ASN B 582 -23.19 34.76 82.76
N ILE B 583 -23.83 33.64 83.08
CA ILE B 583 -23.77 33.07 84.42
C ILE B 583 -23.39 31.61 84.22
N GLN B 584 -23.59 30.79 85.25
CA GLN B 584 -22.95 29.46 85.34
C GLN B 584 -22.98 28.65 84.05
N GLN B 585 -21.81 28.25 83.56
CA GLN B 585 -21.69 27.67 82.23
C GLN B 585 -21.60 26.16 82.31
N ASN B 586 -21.75 25.50 81.16
CA ASN B 586 -21.41 24.10 80.93
C ASN B 586 -21.98 23.16 82.00
N LEU B 587 -23.27 23.26 82.27
CA LEU B 587 -23.89 22.38 83.24
C LEU B 587 -23.99 20.99 82.63
N ASN B 588 -24.05 19.97 83.48
CA ASN B 588 -24.52 18.66 83.08
C ASN B 588 -25.89 18.42 83.72
N LEU B 589 -26.89 18.20 82.87
CA LEU B 589 -28.27 18.39 83.28
C LEU B 589 -29.04 17.10 83.53
N LEU B 590 -28.48 15.94 83.20
CA LEU B 590 -29.22 14.69 83.38
C LEU B 590 -29.31 14.38 84.86
N ASN B 591 -30.47 14.67 85.46
CA ASN B 591 -30.72 14.43 86.88
C ASN B 591 -29.64 15.07 87.76
N SER B 592 -29.24 16.27 87.40
CA SER B 592 -28.23 16.98 88.17
C SER B 592 -28.78 17.35 89.55
N THR B 593 -27.91 17.32 90.54
CA THR B 593 -28.24 17.72 91.91
C THR B 593 -27.41 18.95 92.24
N LYS B 594 -27.93 20.11 91.88
CA LYS B 594 -27.23 21.36 92.15
C LYS B 594 -28.26 22.48 92.28
N SER B 595 -27.87 23.53 93.00
CA SER B 595 -28.71 24.70 93.20
C SER B 595 -27.87 25.93 92.95
N ILE B 596 -28.37 26.84 92.12
CA ILE B 596 -27.66 28.06 91.76
C ILE B 596 -28.41 29.23 92.35
N ARG B 597 -27.67 30.19 92.90
CA ARG B 597 -28.28 31.30 93.63
C ARG B 597 -28.62 32.40 92.64
N LEU B 598 -29.91 32.53 92.32
CA LEU B 598 -30.40 33.47 91.33
C LEU B 598 -31.28 34.42 92.13
N LEU B 599 -31.02 35.72 91.98
CA LEU B 599 -31.88 36.70 92.67
C LEU B 599 -33.20 36.79 91.93
N ASN B 600 -34.30 36.88 92.67
CA ASN B 600 -35.62 36.91 92.05
C ASN B 600 -35.99 38.21 91.35
N GLY B 601 -36.96 38.10 90.44
CA GLY B 601 -37.44 39.24 89.69
C GLY B 601 -36.68 39.55 88.43
N ALA B 602 -35.62 38.82 88.14
CA ALA B 602 -34.83 39.02 86.92
C ALA B 602 -35.14 37.92 85.92
N ILE B 603 -34.70 38.13 84.68
CA ILE B 603 -34.97 37.23 83.57
C ILE B 603 -33.70 36.45 83.28
N TYR B 604 -33.83 35.14 83.16
CA TYR B 604 -32.70 34.28 82.86
C TYR B 604 -33.05 33.33 81.72
N ILE B 605 -32.07 33.09 80.87
CA ILE B 605 -32.21 32.22 79.71
C ILE B 605 -31.28 31.03 79.89
N LEU B 606 -31.86 29.83 79.88
CA LEU B 606 -31.10 28.59 79.92
C LEU B 606 -31.13 27.96 78.54
N LYS B 607 -29.95 27.72 77.98
CA LYS B 607 -29.80 27.15 76.65
C LYS B 607 -29.26 25.74 76.81
N VAL B 608 -30.00 24.75 76.30
CA VAL B 608 -29.63 23.36 76.46
C VAL B 608 -29.26 22.78 75.09
N GLU B 609 -28.10 22.13 75.04
CA GLU B 609 -27.66 21.41 73.85
C GLU B 609 -27.69 19.92 74.20
N VAL B 610 -28.56 19.17 73.53
CA VAL B 610 -28.74 17.76 73.84
C VAL B 610 -27.54 16.98 73.32
N THR B 611 -26.90 16.21 74.21
CA THR B 611 -25.78 15.38 73.82
C THR B 611 -26.15 13.91 73.69
N GLU B 612 -27.17 13.46 74.40
CA GLU B 612 -27.65 12.09 74.30
C GLU B 612 -29.16 12.10 74.20
N LEU B 613 -29.69 11.52 73.12
CA LEU B 613 -31.12 11.45 72.90
C LEU B 613 -31.63 10.13 73.46
N ASN B 614 -32.32 10.19 74.59
CA ASN B 614 -32.90 9.02 75.22
C ASN B 614 -34.42 8.96 75.12
N ASN B 615 -35.08 10.12 75.01
CA ASN B 615 -36.51 10.19 74.85
C ASN B 615 -36.85 11.11 73.69
N TYR B 616 -38.00 10.86 73.07
CA TYR B 616 -38.46 11.74 72.00
C TYR B 616 -38.81 13.12 72.54
N ASN B 617 -39.16 13.21 73.82
CA ASN B 617 -39.54 14.46 74.46
C ASN B 617 -38.50 14.84 75.50
N ILE B 618 -38.04 16.09 75.45
CA ILE B 618 -37.22 16.61 76.53
C ILE B 618 -38.13 17.11 77.65
N LYS B 619 -37.58 17.08 78.87
CA LYS B 619 -38.38 17.25 80.08
C LYS B 619 -37.51 18.01 81.08
N LEU B 620 -37.73 19.31 81.21
CA LEU B 620 -36.91 20.17 82.04
C LEU B 620 -37.63 20.47 83.34
N HIS B 621 -36.88 20.56 84.44
CA HIS B 621 -37.43 20.83 85.75
C HIS B 621 -36.87 22.16 86.26
N ILE B 622 -37.76 23.02 86.72
CA ILE B 622 -37.42 24.27 87.35
C ILE B 622 -37.94 24.12 88.78
N ASP B 623 -37.03 24.06 89.74
CA ASP B 623 -37.43 23.93 91.15
C ASP B 623 -36.98 25.19 91.86
N ILE B 624 -37.89 25.78 92.63
CA ILE B 624 -37.61 27.01 93.38
C ILE B 624 -37.50 26.62 94.85
N THR B 625 -36.45 27.11 95.51
CA THR B 625 -36.33 27.03 96.96
C THR B 625 -35.99 28.41 97.50
N ASN B 626 -36.58 28.74 98.65
CA ASN B 626 -36.41 30.06 99.23
C ASN B 626 -35.07 30.18 99.95
N ILE C 23 0.21 -13.36 -21.07
CA ILE C 23 -0.51 -14.38 -20.30
C ILE C 23 -0.45 -15.72 -21.03
N ASP C 24 -0.28 -16.79 -20.27
CA ASP C 24 -0.15 -18.15 -20.82
C ASP C 24 -1.49 -18.87 -20.65
N LEU C 25 -2.44 -18.53 -21.51
CA LEU C 25 -3.76 -19.15 -21.49
C LEU C 25 -4.24 -19.35 -22.92
N ALA C 26 -5.08 -20.37 -23.11
CA ALA C 26 -5.67 -20.60 -24.41
C ALA C 26 -6.67 -19.50 -24.74
N ASP C 27 -6.98 -19.37 -26.02
CA ASP C 27 -7.90 -18.33 -26.47
C ASP C 27 -9.31 -18.60 -25.96
N GLY C 28 -10.03 -17.53 -25.66
CA GLY C 28 -11.40 -17.66 -25.20
C GLY C 28 -11.74 -16.52 -24.24
N ASN C 29 -12.73 -16.78 -23.39
CA ASN C 29 -13.12 -15.84 -22.35
C ASN C 29 -12.90 -16.47 -20.99
N TYR C 30 -12.40 -15.69 -20.04
CA TYR C 30 -12.06 -16.20 -18.72
C TYR C 30 -12.59 -15.26 -17.65
N VAL C 31 -13.14 -15.84 -16.60
CA VAL C 31 -13.46 -15.09 -15.38
C VAL C 31 -12.31 -15.25 -14.41
N VAL C 32 -11.87 -14.14 -13.83
CA VAL C 32 -10.69 -14.08 -12.99
C VAL C 32 -11.08 -13.44 -11.66
N SER C 33 -10.65 -14.05 -10.57
CA SER C 33 -10.75 -13.45 -9.25
C SER C 33 -9.36 -13.08 -8.77
N ARG C 34 -9.20 -11.82 -8.34
CA ARG C 34 -7.92 -11.31 -7.87
C ARG C 34 -7.89 -11.13 -6.37
N GLY C 35 -8.74 -11.84 -5.64
CA GLY C 35 -8.73 -11.78 -4.19
C GLY C 35 -9.49 -10.60 -3.65
N ASP C 36 -9.50 -10.51 -2.32
CA ASP C 36 -10.23 -9.47 -1.60
C ASP C 36 -9.22 -8.68 -0.77
N GLY C 37 -8.58 -7.70 -1.40
CA GLY C 37 -7.73 -6.80 -0.67
C GLY C 37 -7.68 -5.42 -1.30
N TRP C 38 -8.53 -5.17 -2.29
CA TRP C 38 -8.30 -4.09 -3.22
C TRP C 38 -8.76 -2.75 -2.66
N ILE C 39 -7.85 -1.78 -2.68
CA ILE C 39 -8.10 -0.42 -2.23
C ILE C 39 -8.23 0.45 -3.47
N LEU C 40 -9.29 1.25 -3.53
CA LEU C 40 -9.52 2.08 -4.70
C LEU C 40 -8.68 3.35 -4.65
N SER C 41 -8.56 4.00 -5.80
CA SER C 41 -7.72 5.18 -5.93
C SER C 41 -8.48 6.42 -5.51
N ARG C 42 -7.80 7.30 -4.78
CA ARG C 42 -8.25 8.64 -4.41
C ARG C 42 -9.34 8.60 -3.34
N GLN C 43 -9.89 7.43 -3.04
CA GLN C 43 -10.87 7.30 -1.98
C GLN C 43 -10.21 6.72 -0.73
N ASN C 44 -9.44 7.58 -0.06
CA ASN C 44 -8.70 7.17 1.13
C ASN C 44 -9.29 7.76 2.40
N GLN C 45 -9.46 9.09 2.45
CA GLN C 45 -9.96 9.77 3.63
C GLN C 45 -11.39 10.24 3.45
N ILE C 46 -12.18 9.51 2.65
CA ILE C 46 -13.55 9.91 2.38
C ILE C 46 -14.41 9.77 3.63
N LEU C 47 -14.17 8.72 4.41
CA LEU C 47 -14.98 8.46 5.59
C LEU C 47 -14.45 9.14 6.85
N GLY C 48 -13.27 9.73 6.80
CA GLY C 48 -12.72 10.46 7.93
C GLY C 48 -11.75 9.65 8.75
N GLY C 49 -11.34 10.25 9.87
CA GLY C 49 -10.36 9.63 10.73
C GLY C 49 -10.50 10.10 12.16
N SER C 50 -9.70 9.48 13.03
CA SER C 50 -9.74 9.72 14.46
C SER C 50 -8.35 10.08 14.98
N VAL C 51 -8.33 10.90 16.02
CA VAL C 51 -7.10 11.33 16.69
C VAL C 51 -7.20 10.94 18.16
N ILE C 52 -6.19 10.24 18.66
CA ILE C 52 -6.16 9.75 20.04
C ILE C 52 -4.80 10.09 20.64
N SER C 53 -4.81 10.58 21.88
CA SER C 53 -3.61 11.19 22.43
C SER C 53 -2.75 10.29 23.32
N ASN C 54 -3.23 9.90 24.49
CA ASN C 54 -2.36 9.38 25.54
C ASN C 54 -2.98 8.14 26.16
N GLY C 55 -2.55 6.96 25.69
CA GLY C 55 -3.12 5.72 26.16
C GLY C 55 -4.58 5.52 25.82
N SER C 56 -5.23 6.51 25.24
CA SER C 56 -6.61 6.37 24.80
C SER C 56 -6.69 5.42 23.62
N THR C 57 -7.79 4.67 23.56
CA THR C 57 -8.02 3.69 22.52
C THR C 57 -9.12 4.16 21.60
N GLY C 58 -8.88 4.08 20.29
CA GLY C 58 -9.86 4.46 19.29
C GLY C 58 -10.34 3.23 18.53
N ILE C 59 -11.64 3.18 18.28
CA ILE C 59 -12.28 2.07 17.58
C ILE C 59 -13.12 2.66 16.47
N VAL C 60 -12.70 2.47 15.22
CA VAL C 60 -13.40 3.00 14.06
C VAL C 60 -13.91 1.83 13.24
N GLY C 61 -15.24 1.66 13.21
CA GLY C 61 -15.86 0.57 12.47
C GLY C 61 -16.87 1.08 11.48
N ASP C 62 -17.58 0.12 10.88
CA ASP C 62 -18.62 0.43 9.91
C ASP C 62 -19.50 -0.81 9.75
N LEU C 63 -20.52 -0.69 8.91
CA LEU C 63 -21.44 -1.79 8.66
C LEU C 63 -21.79 -1.79 7.17
N ARG C 64 -21.85 -2.98 6.59
CA ARG C 64 -22.08 -3.16 5.16
C ARG C 64 -23.54 -3.56 4.94
N VAL C 65 -24.39 -2.57 4.67
CA VAL C 65 -25.82 -2.82 4.55
C VAL C 65 -26.36 -2.41 3.18
N ASN C 66 -26.28 -1.12 2.86
CA ASN C 66 -26.80 -0.58 1.62
C ASN C 66 -26.20 0.80 1.42
N ASP C 67 -25.97 1.15 0.16
CA ASP C 67 -25.17 2.29 -0.28
C ASP C 67 -23.70 2.10 0.07
N ASN C 68 -23.35 1.05 0.80
CA ASN C 68 -21.99 0.56 0.95
C ASN C 68 -21.78 -0.77 0.24
N ALA C 69 -22.78 -1.64 0.29
CA ALA C 69 -22.74 -2.95 -0.36
C ALA C 69 -23.31 -2.88 -1.78
N ILE C 70 -22.79 -1.96 -2.59
CA ILE C 70 -23.22 -1.78 -3.97
C ILE C 70 -22.02 -2.05 -4.87
N PRO C 71 -22.09 -3.02 -5.77
CA PRO C 71 -20.96 -3.30 -6.66
C PRO C 71 -20.71 -2.15 -7.62
N TYR C 72 -19.46 -2.05 -8.06
CA TYR C 72 -19.03 -1.04 -9.03
C TYR C 72 -18.61 -1.75 -10.30
N TYR C 73 -19.35 -1.52 -11.39
CA TYR C 73 -19.11 -2.19 -12.65
C TYR C 73 -18.29 -1.30 -13.58
N TYR C 74 -17.49 -1.95 -14.42
CA TYR C 74 -16.73 -1.27 -15.47
C TYR C 74 -16.73 -2.21 -16.65
N PRO C 75 -17.72 -2.09 -17.53
CA PRO C 75 -17.91 -3.07 -18.61
C PRO C 75 -17.19 -2.69 -19.89
N THR C 76 -17.15 -3.65 -20.80
CA THR C 76 -16.57 -3.51 -22.13
C THR C 76 -17.62 -3.78 -23.18
N PRO C 77 -17.37 -3.39 -24.44
CA PRO C 77 -18.38 -3.64 -25.49
C PRO C 77 -18.70 -5.11 -25.69
N SER C 78 -17.87 -6.04 -25.23
CA SER C 78 -18.15 -7.45 -25.36
C SER C 78 -18.78 -8.08 -24.12
N PHE C 79 -18.48 -7.56 -22.93
CA PHE C 79 -19.08 -8.05 -21.68
C PHE C 79 -19.80 -6.87 -21.01
N ASN C 80 -21.11 -6.97 -20.91
CA ASN C 80 -21.91 -5.93 -20.28
C ASN C 80 -22.18 -6.30 -18.82
N GLU C 81 -23.04 -5.52 -18.17
CA GLU C 81 -23.31 -5.74 -16.75
C GLU C 81 -23.91 -7.12 -16.50
N GLU C 82 -24.87 -7.53 -17.33
CA GLU C 82 -25.51 -8.83 -17.14
C GLU C 82 -24.50 -9.96 -17.32
N TYR C 83 -23.65 -9.87 -18.35
CA TYR C 83 -22.64 -10.89 -18.58
C TYR C 83 -21.72 -11.03 -17.38
N ILE C 84 -21.17 -9.90 -16.91
CA ILE C 84 -20.25 -9.91 -15.79
C ILE C 84 -20.92 -10.50 -14.56
N LYS C 85 -22.11 -10.01 -14.23
CA LYS C 85 -22.80 -10.46 -13.03
C LYS C 85 -23.11 -11.94 -13.10
N ASN C 86 -23.64 -12.40 -14.23
CA ASN C 86 -24.03 -13.80 -14.35
C ASN C 86 -22.83 -14.72 -14.22
N ASN C 87 -21.74 -14.43 -14.94
CA ASN C 87 -20.59 -15.31 -14.87
C ASN C 87 -19.93 -15.28 -13.49
N ILE C 88 -19.77 -14.09 -12.91
CA ILE C 88 -19.13 -13.98 -11.60
C ILE C 88 -19.93 -14.72 -10.55
N GLN C 89 -21.26 -14.57 -10.56
CA GLN C 89 -22.07 -15.25 -9.56
C GLN C 89 -22.17 -16.75 -9.83
N THR C 90 -22.06 -17.16 -11.09
CA THR C 90 -22.05 -18.59 -11.40
C THR C 90 -20.81 -19.26 -10.83
N VAL C 91 -19.64 -18.66 -11.02
CA VAL C 91 -18.41 -19.34 -10.62
C VAL C 91 -18.06 -19.01 -9.17
N PHE C 92 -17.92 -17.73 -8.86
CA PHE C 92 -17.47 -17.29 -7.55
C PHE C 92 -18.65 -16.95 -6.67
N ALA C 93 -18.37 -16.32 -5.52
CA ALA C 93 -19.39 -16.05 -4.52
C ALA C 93 -20.48 -15.15 -5.06
N ASN C 94 -21.72 -15.41 -4.64
CA ASN C 94 -22.88 -14.64 -5.08
C ASN C 94 -22.97 -13.37 -4.23
N PHE C 95 -22.52 -12.25 -4.79
CA PHE C 95 -22.51 -11.01 -4.02
C PHE C 95 -23.88 -10.40 -3.85
N THR C 96 -24.81 -10.65 -4.78
CA THR C 96 -26.15 -10.07 -4.65
C THR C 96 -26.86 -10.58 -3.40
N GLU C 97 -26.79 -11.89 -3.16
CA GLU C 97 -27.38 -12.48 -1.97
C GLU C 97 -26.56 -12.20 -0.71
N ALA C 98 -25.23 -12.23 -0.82
CA ALA C 98 -24.38 -12.06 0.36
C ALA C 98 -24.46 -10.63 0.88
N ASN C 99 -24.57 -9.65 -0.01
CA ASN C 99 -24.56 -8.24 0.37
C ASN C 99 -25.92 -7.74 0.83
N GLN C 100 -26.89 -8.63 0.98
CA GLN C 100 -28.14 -8.29 1.64
C GLN C 100 -28.07 -8.43 3.15
N ILE C 101 -27.02 -9.07 3.67
CA ILE C 101 -26.90 -9.34 5.09
C ILE C 101 -25.83 -8.43 5.67
N PRO C 102 -26.11 -7.68 6.73
CA PRO C 102 -25.12 -6.75 7.28
C PRO C 102 -23.91 -7.46 7.85
N ILE C 103 -22.76 -6.79 7.76
CA ILE C 103 -21.49 -7.29 8.29
C ILE C 103 -20.67 -6.10 8.76
N GLY C 104 -20.04 -6.24 9.93
CA GLY C 104 -19.30 -5.14 10.53
C GLY C 104 -17.87 -5.51 10.85
N PHE C 105 -17.07 -4.47 11.12
CA PHE C 105 -15.68 -4.60 11.53
C PHE C 105 -15.36 -3.49 12.51
N GLU C 106 -14.30 -3.67 13.30
CA GLU C 106 -14.03 -2.78 14.42
C GLU C 106 -12.71 -2.03 14.31
N PHE C 107 -11.58 -2.73 14.15
CA PHE C 107 -10.26 -2.10 13.95
C PHE C 107 -9.92 -1.15 15.11
N SER C 108 -9.72 -1.73 16.28
CA SER C 108 -9.28 -0.98 17.46
C SER C 108 -7.79 -0.71 17.43
N LYS C 109 -7.38 0.39 18.05
CA LYS C 109 -5.95 0.74 18.10
C LYS C 109 -5.72 1.75 19.22
N THR C 110 -4.58 1.61 19.90
CA THR C 110 -4.24 2.43 21.06
C THR C 110 -3.10 3.39 20.74
N ALA C 111 -3.21 4.62 21.24
CA ALA C 111 -2.15 5.60 21.07
C ALA C 111 -1.05 5.39 22.12
N PRO C 112 0.18 5.78 21.82
CA PRO C 112 1.27 5.64 22.81
C PRO C 112 1.08 6.55 24.01
N SER C 113 2.04 6.51 24.95
CA SER C 113 1.87 7.17 26.24
C SER C 113 1.83 8.69 26.09
N ASN C 114 2.72 9.25 25.28
CA ASN C 114 2.82 10.71 25.16
C ASN C 114 3.02 11.12 23.71
N LYS C 115 2.33 10.45 22.80
CA LYS C 115 2.37 10.77 21.38
C LYS C 115 0.97 11.18 20.92
N ASN C 116 0.79 11.29 19.61
CA ASN C 116 -0.52 11.52 19.01
C ASN C 116 -0.69 10.56 17.86
N LEU C 117 -1.83 9.88 17.83
CA LEU C 117 -2.11 8.88 16.80
C LEU C 117 -3.29 9.34 15.95
N TYR C 118 -3.10 9.31 14.63
CA TYR C 118 -4.16 9.60 13.68
C TYR C 118 -4.39 8.37 12.83
N MET C 119 -5.65 7.97 12.67
CA MET C 119 -5.97 6.76 11.94
C MET C 119 -7.21 6.95 11.09
N TYR C 120 -7.18 6.46 9.86
CA TYR C 120 -8.29 6.65 8.94
C TYR C 120 -8.65 5.36 8.22
N LEU C 121 -9.89 5.29 7.79
CA LEU C 121 -10.54 4.07 7.32
C LEU C 121 -10.85 4.16 5.83
N GLN C 122 -10.55 3.09 5.10
CA GLN C 122 -10.95 2.91 3.72
C GLN C 122 -11.76 1.63 3.60
N TYR C 123 -12.33 1.43 2.42
CA TYR C 123 -13.02 0.19 2.09
C TYR C 123 -12.11 -0.71 1.26
N THR C 124 -12.28 -2.01 1.43
CA THR C 124 -11.60 -3.04 0.67
C THR C 124 -12.63 -3.81 -0.15
N TYR C 125 -12.33 -3.95 -1.45
CA TYR C 125 -13.22 -4.55 -2.42
C TYR C 125 -12.61 -5.84 -2.94
N ILE C 126 -13.46 -6.67 -3.55
CA ILE C 126 -13.02 -7.85 -4.28
C ILE C 126 -12.96 -7.51 -5.75
N ARG C 127 -11.85 -7.82 -6.41
CA ARG C 127 -11.66 -7.48 -7.80
C ARG C 127 -11.93 -8.71 -8.66
N TYR C 128 -13.03 -8.66 -9.42
CA TYR C 128 -13.33 -9.65 -10.43
C TYR C 128 -13.09 -9.06 -11.80
N GLU C 129 -12.54 -9.86 -12.71
CA GLU C 129 -12.26 -9.43 -14.06
C GLU C 129 -12.81 -10.46 -15.04
N ILE C 130 -13.18 -9.99 -16.22
CA ILE C 130 -13.56 -10.88 -17.32
C ILE C 130 -12.69 -10.52 -18.51
N ILE C 131 -11.81 -11.43 -18.91
CA ILE C 131 -10.82 -11.14 -19.92
C ILE C 131 -11.10 -11.99 -21.15
N LYS C 132 -10.71 -11.47 -22.31
CA LYS C 132 -10.72 -12.21 -23.55
C LYS C 132 -9.29 -12.43 -23.98
N VAL C 133 -8.89 -13.69 -24.12
CA VAL C 133 -7.52 -14.06 -24.44
C VAL C 133 -7.46 -14.46 -25.91
N LEU C 134 -6.72 -13.67 -26.69
CA LEU C 134 -6.43 -13.96 -28.08
C LEU C 134 -4.92 -14.10 -28.23
N GLN C 135 -4.49 -15.16 -28.90
CA GLN C 135 -3.09 -15.54 -28.92
C GLN C 135 -2.57 -15.69 -27.50
N HIS C 136 -1.83 -14.69 -27.02
CA HIS C 136 -1.35 -14.70 -25.65
C HIS C 136 -1.28 -13.28 -25.09
N ILE C 138 -4.31 -10.92 -23.85
CA ILE C 138 -5.48 -10.23 -23.32
C ILE C 138 -5.78 -8.98 -24.13
N ILE C 139 -6.91 -8.99 -24.81
CA ILE C 139 -7.33 -7.87 -25.65
C ILE C 139 -8.58 -7.19 -25.13
N GLU C 140 -9.16 -7.67 -24.05
CA GLU C 140 -10.35 -7.07 -23.48
C GLU C 140 -10.43 -7.45 -22.01
N ARG C 141 -10.88 -6.53 -21.18
CA ARG C 141 -10.95 -6.77 -19.74
C ARG C 141 -12.05 -5.92 -19.14
N ALA C 142 -13.02 -6.56 -18.50
CA ALA C 142 -14.07 -5.88 -17.75
C ALA C 142 -13.84 -6.11 -16.27
N VAL C 143 -14.20 -5.13 -15.45
CA VAL C 143 -13.87 -5.16 -14.03
C VAL C 143 -15.13 -4.99 -13.20
N LEU C 144 -15.13 -5.62 -12.02
CA LEU C 144 -16.22 -5.49 -11.07
C LEU C 144 -15.65 -5.48 -9.66
N TYR C 145 -15.94 -4.41 -8.91
CA TYR C 145 -15.50 -4.26 -7.54
C TYR C 145 -16.66 -4.53 -6.61
N VAL C 146 -16.56 -5.58 -5.81
CA VAL C 146 -17.58 -5.97 -4.86
C VAL C 146 -17.13 -5.50 -3.47
N PRO C 147 -17.86 -4.61 -2.81
CA PRO C 147 -17.42 -4.12 -1.49
C PRO C 147 -17.41 -5.24 -0.46
N SER C 148 -16.23 -5.47 0.12
CA SER C 148 -16.06 -6.54 1.10
C SER C 148 -16.01 -6.02 2.53
N LEU C 149 -15.04 -5.19 2.87
CA LEU C 149 -14.74 -4.90 4.27
C LEU C 149 -14.01 -3.56 4.35
N GLY C 150 -13.34 -3.32 5.49
CA GLY C 150 -12.60 -2.09 5.71
C GLY C 150 -11.12 -2.30 5.93
N TYR C 151 -10.41 -1.18 6.07
CA TYR C 151 -8.97 -1.19 6.31
C TYR C 151 -8.56 0.13 6.95
N VAL C 152 -7.87 0.06 8.08
CA VAL C 152 -7.49 1.25 8.85
C VAL C 152 -5.98 1.43 8.78
N LYS C 153 -5.55 2.64 8.44
CA LYS C 153 -4.14 3.03 8.44
C LYS C 153 -3.92 4.09 9.49
N SER C 154 -2.92 3.87 10.35
CA SER C 154 -2.65 4.75 11.49
C SER C 154 -1.20 5.18 11.47
N ILE C 155 -0.94 6.32 12.13
CA ILE C 155 0.41 6.85 12.19
C ILE C 155 0.53 7.73 13.44
N GLU C 156 1.75 7.84 13.96
CA GLU C 156 2.06 8.74 15.05
C GLU C 156 2.64 10.03 14.50
N PHE C 157 2.19 11.15 15.05
CA PHE C 157 2.61 12.46 14.56
C PHE C 157 2.90 13.38 15.73
N ASN C 158 3.63 14.45 15.44
CA ASN C 158 3.99 15.49 16.39
C ASN C 158 3.58 16.82 15.80
N PRO C 159 3.36 17.83 16.64
CA PRO C 159 3.01 19.16 16.12
C PRO C 159 4.05 19.68 15.14
N GLY C 160 3.62 19.99 13.92
CA GLY C 160 4.51 20.47 12.89
C GLY C 160 5.24 19.39 12.11
N GLU C 161 5.04 18.13 12.47
CA GLU C 161 5.69 17.04 11.75
C GLU C 161 5.13 16.92 10.34
N LYS C 162 6.01 16.69 9.38
CA LYS C 162 5.62 16.51 7.98
C LYS C 162 5.42 15.03 7.71
N ILE C 163 4.29 14.69 7.10
CA ILE C 163 3.90 13.31 6.84
C ILE C 163 3.89 13.07 5.34
N ASN C 164 4.46 11.94 4.93
CA ASN C 164 4.59 11.62 3.52
C ASN C 164 3.23 11.58 2.83
N LYS C 165 3.19 12.13 1.61
CA LYS C 165 1.93 12.26 0.90
C LYS C 165 1.36 10.91 0.51
N ASP C 166 2.22 9.93 0.22
CA ASP C 166 1.72 8.60 -0.16
C ASP C 166 1.02 7.89 0.98
N PHE C 167 1.22 8.32 2.23
CA PHE C 167 0.43 7.79 3.33
C PHE C 167 -1.01 8.24 3.25
N TYR C 168 -1.29 9.33 2.53
CA TYR C 168 -2.61 9.94 2.47
C TYR C 168 -3.34 9.63 1.17
N PHE C 169 -2.64 9.73 0.04
CA PHE C 169 -3.26 9.66 -1.27
C PHE C 169 -2.80 8.40 -2.00
N LEU C 170 -3.75 7.63 -2.49
CA LEU C 170 -3.47 6.47 -3.32
C LEU C 170 -3.77 6.83 -4.77
N THR C 171 -2.77 6.69 -5.63
CA THR C 171 -2.94 7.07 -7.03
C THR C 171 -3.56 5.96 -7.87
N ASN C 172 -3.13 4.72 -7.66
CA ASN C 172 -3.60 3.58 -8.43
C ASN C 172 -4.24 2.56 -7.50
N ASP C 173 -5.32 1.93 -7.97
CA ASP C 173 -5.93 0.85 -7.21
C ASP C 173 -4.94 -0.30 -7.05
N LYS C 174 -4.84 -0.82 -5.83
CA LYS C 174 -3.85 -1.83 -5.52
C LYS C 174 -4.45 -2.81 -4.51
N CYS C 175 -3.67 -3.84 -4.19
CA CYS C 175 -4.08 -4.86 -3.24
C CYS C 175 -3.21 -4.79 -1.99
N ILE C 176 -3.81 -5.02 -0.83
CA ILE C 176 -3.11 -5.04 0.44
C ILE C 176 -3.12 -6.42 1.08
N LEU C 177 -3.64 -7.42 0.39
CA LEU C 177 -3.83 -8.75 0.97
C LEU C 177 -3.43 -9.77 -0.10
N ASN C 178 -3.85 -11.02 0.10
CA ASN C 178 -3.53 -12.12 -0.78
C ASN C 178 -3.71 -11.74 -2.25
N GLU C 179 -2.65 -11.92 -3.02
CA GLU C 179 -2.69 -11.66 -4.46
C GLU C 179 -3.04 -12.97 -5.17
N GLN C 180 -4.11 -12.95 -5.95
CA GLN C 180 -4.60 -14.14 -6.63
C GLN C 180 -4.81 -13.84 -8.10
N PHE C 181 -4.76 -14.91 -8.90
CA PHE C 181 -5.26 -14.89 -10.28
C PHE C 181 -5.98 -16.23 -10.47
N LEU C 182 -7.26 -16.27 -10.10
CA LEU C 182 -8.05 -17.49 -10.15
C LEU C 182 -8.95 -17.44 -11.37
N TYR C 183 -8.62 -18.23 -12.39
CA TYR C 183 -9.29 -18.14 -13.68
C TYR C 183 -10.11 -19.38 -13.97
N LYS C 184 -11.22 -19.18 -14.67
CA LYS C 184 -12.04 -20.26 -15.18
C LYS C 184 -12.53 -19.87 -16.57
N LYS C 185 -12.43 -20.78 -17.52
CA LYS C 185 -12.85 -20.50 -18.89
C LYS C 185 -14.36 -20.58 -18.99
N ILE C 186 -14.95 -19.58 -19.64
CA ILE C 186 -16.37 -19.56 -19.94
C ILE C 186 -16.60 -20.33 -21.24
N LEU C 187 -17.73 -21.03 -21.31
CA LEU C 187 -18.06 -21.79 -22.51
C LEU C 187 -19.57 -21.90 -22.69
N GLN C 207 -15.13 -48.52 0.82
CA GLN C 207 -16.43 -48.63 1.49
C GLN C 207 -16.28 -49.26 2.87
N ARG C 208 -17.23 -48.94 3.76
CA ARG C 208 -17.25 -49.49 5.11
C ARG C 208 -18.51 -50.30 5.29
N VAL C 209 -18.43 -51.33 6.13
CA VAL C 209 -19.58 -52.18 6.42
C VAL C 209 -20.45 -51.48 7.46
N LEU C 210 -21.65 -51.09 7.06
CA LEU C 210 -22.57 -50.42 7.96
C LEU C 210 -23.54 -51.43 8.54
N PRO C 211 -23.53 -51.67 9.83
CA PRO C 211 -24.42 -52.69 10.40
C PRO C 211 -25.82 -52.18 10.68
N TYR C 212 -26.19 -51.06 10.05
CA TYR C 212 -27.46 -50.41 10.36
C TYR C 212 -28.63 -51.32 10.02
N SER C 213 -29.74 -51.10 10.71
CA SER C 213 -30.99 -51.75 10.38
C SER C 213 -31.67 -51.01 9.23
N ASN C 214 -32.66 -51.67 8.64
CA ASN C 214 -33.38 -51.07 7.52
C ASN C 214 -34.22 -49.89 8.00
N GLY C 215 -34.05 -48.75 7.37
CA GLY C 215 -34.84 -47.58 7.69
C GLY C 215 -34.09 -46.30 7.38
N LEU C 216 -34.71 -45.19 7.77
CA LEU C 216 -34.15 -43.87 7.55
C LEU C 216 -33.18 -43.51 8.67
N TYR C 217 -32.15 -42.74 8.32
CA TYR C 217 -31.16 -42.28 9.28
C TYR C 217 -30.81 -40.83 8.98
N VAL C 218 -30.59 -40.06 10.04
CA VAL C 218 -30.05 -38.71 9.93
C VAL C 218 -28.68 -38.73 10.58
N ILE C 219 -27.67 -38.35 9.81
CA ILE C 219 -26.28 -38.43 10.25
C ILE C 219 -25.75 -37.00 10.32
N ASN C 220 -25.44 -36.55 11.53
CA ASN C 220 -24.66 -35.34 11.70
C ASN C 220 -23.22 -35.64 11.34
N LYS C 221 -22.70 -34.92 10.34
CA LYS C 221 -21.36 -35.18 9.81
C LYS C 221 -20.38 -34.06 10.11
N GLY C 222 -20.71 -33.20 11.06
CA GLY C 222 -19.76 -32.22 11.53
C GLY C 222 -20.13 -30.81 11.13
N ASP C 223 -19.60 -29.87 11.91
CA ASP C 223 -19.76 -28.44 11.70
C ASP C 223 -18.55 -27.90 10.96
N GLY C 224 -18.63 -26.63 10.56
CA GLY C 224 -17.49 -25.97 9.96
C GLY C 224 -17.26 -26.26 8.49
N TYR C 225 -18.28 -26.73 7.78
CA TYR C 225 -18.14 -26.96 6.35
C TYR C 225 -18.18 -25.64 5.60
N ILE C 226 -17.35 -25.52 4.57
CA ILE C 226 -17.32 -24.34 3.72
C ILE C 226 -17.26 -24.81 2.27
N ARG C 227 -17.52 -23.87 1.36
CA ARG C 227 -17.52 -24.15 -0.06
C ARG C 227 -16.22 -23.71 -0.71
N THR C 228 -15.89 -24.36 -1.82
CA THR C 228 -14.64 -24.06 -2.51
C THR C 228 -14.71 -22.72 -3.21
N ASN C 229 -13.54 -22.24 -3.64
CA ASN C 229 -13.41 -20.97 -4.37
C ASN C 229 -13.89 -19.78 -3.55
N ASP C 230 -13.79 -19.88 -2.23
CA ASP C 230 -14.14 -18.78 -1.32
C ASP C 230 -15.57 -18.30 -1.54
N LYS C 231 -16.48 -19.23 -1.78
CA LYS C 231 -17.88 -18.89 -1.97
C LYS C 231 -18.58 -18.53 -0.66
N ASP C 232 -17.96 -18.82 0.48
CA ASP C 232 -18.53 -18.49 1.78
C ASP C 232 -17.70 -17.46 2.52
N LEU C 233 -16.74 -16.82 1.85
CA LEU C 233 -15.87 -15.87 2.50
C LEU C 233 -16.63 -14.60 2.83
N ILE C 234 -16.78 -14.30 4.13
CA ILE C 234 -17.31 -13.01 4.53
C ILE C 234 -16.33 -11.90 4.16
N GLY C 235 -15.06 -12.09 4.49
CA GLY C 235 -14.05 -11.14 4.08
C GLY C 235 -12.78 -11.29 4.90
N THR C 236 -11.81 -10.45 4.55
CA THR C 236 -10.49 -10.46 5.15
C THR C 236 -10.16 -9.09 5.74
N LEU C 237 -9.64 -9.10 6.95
CA LEU C 237 -9.12 -7.91 7.61
C LEU C 237 -7.61 -8.00 7.74
N LEU C 238 -6.91 -6.97 7.28
CA LEU C 238 -5.49 -6.84 7.48
C LEU C 238 -5.26 -5.96 8.70
N ILE C 239 -4.61 -6.51 9.73
CA ILE C 239 -4.41 -5.83 11.00
C ILE C 239 -2.93 -5.50 11.12
N GLU C 240 -2.64 -4.21 11.30
CA GLU C 240 -1.28 -3.76 11.45
C GLU C 240 -0.73 -4.17 12.83
N ALA C 241 0.58 -4.02 12.99
CA ALA C 241 1.23 -4.44 14.21
C ALA C 241 0.74 -3.60 15.39
N GLY C 242 0.59 -4.25 16.55
CA GLY C 242 0.10 -3.56 17.73
C GLY C 242 -1.29 -3.01 17.56
N SER C 243 -2.19 -3.79 16.96
CA SER C 243 -3.54 -3.34 16.70
C SER C 243 -4.48 -4.53 16.79
N SER C 244 -5.76 -4.23 16.98
CA SER C 244 -6.79 -5.25 17.08
C SER C 244 -7.82 -5.05 15.98
N GLY C 245 -8.50 -6.15 15.63
CA GLY C 245 -9.53 -6.08 14.62
C GLY C 245 -10.49 -7.24 14.69
N SER C 246 -11.77 -7.01 14.38
CA SER C 246 -12.76 -8.07 14.49
C SER C 246 -13.72 -8.00 13.31
N ILE C 247 -14.28 -9.17 12.99
CA ILE C 247 -15.34 -9.31 12.01
C ILE C 247 -16.58 -9.80 12.75
N ILE C 248 -17.70 -9.12 12.54
CA ILE C 248 -18.90 -9.31 13.35
C ILE C 248 -20.05 -9.74 12.46
N GLN C 249 -20.90 -10.63 12.99
CA GLN C 249 -22.20 -10.89 12.38
C GLN C 249 -23.25 -10.38 13.36
N PRO C 250 -23.74 -9.14 13.17
CA PRO C 250 -24.66 -8.57 14.16
C PRO C 250 -26.05 -9.16 14.12
N ARG C 251 -26.38 -9.93 13.08
CA ARG C 251 -27.72 -10.46 12.89
C ARG C 251 -28.77 -9.36 12.92
N LEU C 252 -28.45 -8.23 12.28
CA LEU C 252 -29.45 -7.20 12.04
C LEU C 252 -30.54 -7.69 11.09
N ARG C 253 -30.26 -8.75 10.34
CA ARG C 253 -31.25 -9.41 9.51
C ARG C 253 -31.18 -10.90 9.81
N ASN C 254 -32.27 -11.43 10.39
CA ASN C 254 -32.31 -12.83 10.81
C ASN C 254 -32.72 -13.71 9.63
N THR C 255 -31.80 -13.81 8.66
CA THR C 255 -32.05 -14.54 7.44
C THR C 255 -30.80 -15.32 7.04
N THR C 256 -30.97 -16.61 6.79
CA THR C 256 -29.86 -17.47 6.39
C THR C 256 -30.29 -18.31 5.18
N ARG C 257 -29.30 -18.92 4.53
CA ARG C 257 -29.52 -19.65 3.28
C ARG C 257 -28.95 -21.05 3.39
N PRO C 258 -29.71 -22.00 3.93
CA PRO C 258 -29.25 -23.39 3.96
C PRO C 258 -29.19 -23.98 2.57
N LEU C 259 -28.31 -24.97 2.42
CA LEU C 259 -28.10 -25.64 1.13
C LEU C 259 -28.70 -27.03 1.16
N PHE C 260 -29.12 -27.51 -0.01
CA PHE C 260 -29.78 -28.80 -0.10
C PHE C 260 -29.47 -29.47 -1.42
N THR C 261 -29.27 -30.79 -1.38
CA THR C 261 -29.11 -31.56 -2.61
C THR C 261 -29.53 -33.00 -2.35
N THR C 262 -30.40 -33.53 -3.20
CA THR C 262 -31.03 -34.81 -2.94
C THR C 262 -30.83 -35.78 -4.10
N SER C 263 -30.80 -37.07 -3.77
CA SER C 263 -30.69 -38.11 -4.79
C SER C 263 -31.94 -38.15 -5.66
N ASN C 264 -33.12 -38.03 -5.04
CA ASN C 264 -34.36 -37.91 -5.78
C ASN C 264 -35.31 -37.00 -5.02
N ASP C 265 -36.04 -36.15 -5.75
CA ASP C 265 -36.96 -35.22 -5.13
C ASP C 265 -38.33 -35.86 -4.89
N ALA C 266 -38.59 -37.05 -5.43
CA ALA C 266 -39.88 -37.69 -5.22
C ALA C 266 -40.10 -38.04 -3.75
N LYS C 267 -39.08 -38.58 -3.09
CA LYS C 267 -39.17 -38.96 -1.69
C LYS C 267 -38.47 -37.97 -0.77
N PHE C 268 -37.20 -37.68 -1.02
CA PHE C 268 -36.41 -36.82 -0.15
C PHE C 268 -36.39 -35.40 -0.69
N SER C 269 -37.55 -34.75 -0.57
CA SER C 269 -37.65 -33.33 -0.90
C SER C 269 -37.06 -32.50 0.24
N GLN C 270 -36.88 -31.21 -0.03
CA GLN C 270 -36.30 -30.32 0.98
C GLN C 270 -37.16 -30.25 2.23
N GLN C 271 -38.48 -30.14 2.05
CA GLN C 271 -39.38 -30.13 3.20
C GLN C 271 -39.33 -31.45 3.97
N TYR C 272 -39.28 -32.56 3.25
CA TYR C 272 -39.19 -33.86 3.90
C TYR C 272 -37.91 -33.98 4.72
N THR C 273 -36.79 -33.53 4.16
CA THR C 273 -35.53 -33.59 4.89
C THR C 273 -35.57 -32.68 6.12
N GLU C 274 -36.16 -31.50 5.99
CA GLU C 274 -36.28 -30.63 7.16
C GLU C 274 -37.14 -31.27 8.25
N GLU C 275 -38.22 -31.95 7.85
CA GLU C 275 -39.05 -32.65 8.83
C GLU C 275 -38.28 -33.76 9.52
N ARG C 276 -37.47 -34.51 8.78
CA ARG C 276 -36.68 -35.57 9.42
C ARG C 276 -35.61 -35.00 10.33
N LEU C 277 -35.01 -33.86 9.96
CA LEU C 277 -34.08 -33.20 10.87
C LEU C 277 -34.78 -32.78 12.15
N LYS C 278 -36.01 -32.26 12.03
CA LYS C 278 -36.80 -31.92 13.20
C LYS C 278 -37.06 -33.15 14.06
N ASP C 279 -37.38 -34.28 13.43
CA ASP C 279 -37.62 -35.51 14.19
C ASP C 279 -36.37 -35.94 14.93
N ALA C 280 -35.22 -35.87 14.29
CA ALA C 280 -33.99 -36.41 14.86
C ALA C 280 -33.38 -35.47 15.90
N PHE C 281 -32.98 -34.27 15.48
CA PHE C 281 -32.23 -33.37 16.35
C PHE C 281 -33.05 -32.18 16.81
N ASN C 282 -34.35 -32.16 16.54
CA ASN C 282 -35.25 -31.10 17.00
C ASN C 282 -34.85 -29.73 16.46
N VAL C 283 -34.30 -29.69 15.24
CA VAL C 283 -33.99 -28.42 14.61
C VAL C 283 -35.27 -27.67 14.31
N GLN C 284 -35.33 -26.41 14.73
CA GLN C 284 -36.54 -25.61 14.57
C GLN C 284 -36.38 -24.43 13.63
N LEU C 285 -35.18 -23.84 13.55
CA LEU C 285 -34.93 -22.68 12.69
C LEU C 285 -33.94 -23.09 11.61
N PHE C 286 -34.39 -23.12 10.37
CA PHE C 286 -33.55 -23.51 9.24
C PHE C 286 -33.00 -22.32 8.48
N ASN C 287 -33.87 -21.42 8.00
CA ASN C 287 -33.45 -20.24 7.27
C ASN C 287 -33.56 -18.98 8.13
N THR C 288 -33.38 -19.13 9.44
CA THR C 288 -33.43 -18.01 10.36
C THR C 288 -32.49 -18.31 11.52
N SER C 289 -31.85 -17.28 12.05
CA SER C 289 -30.95 -17.46 13.18
C SER C 289 -30.90 -16.17 13.99
N THR C 290 -30.78 -16.32 15.31
CA THR C 290 -30.65 -15.18 16.22
C THR C 290 -29.33 -15.18 16.96
N SER C 291 -28.41 -16.09 16.62
CA SER C 291 -27.16 -16.26 17.34
C SER C 291 -26.08 -15.45 16.64
N LEU C 292 -25.46 -14.52 17.37
CA LEU C 292 -24.41 -13.68 16.84
C LEU C 292 -23.06 -14.38 16.97
N PHE C 293 -22.14 -14.04 16.08
CA PHE C 293 -20.77 -14.53 16.20
C PHE C 293 -19.78 -13.45 15.77
N LYS C 294 -18.69 -13.36 16.50
CA LYS C 294 -17.67 -12.35 16.28
C LYS C 294 -16.31 -13.02 16.31
N PHE C 295 -15.37 -12.46 15.56
CA PHE C 295 -14.01 -13.01 15.46
C PHE C 295 -13.04 -11.85 15.67
N VAL C 296 -12.33 -11.86 16.80
CA VAL C 296 -11.40 -10.80 17.14
C VAL C 296 -9.98 -11.34 17.02
N GLU C 297 -9.04 -10.45 16.73
CA GLU C 297 -7.64 -10.85 16.60
C GLU C 297 -6.77 -9.64 16.89
N GLU C 298 -5.77 -9.82 17.74
CA GLU C 298 -4.76 -8.81 17.99
C GLU C 298 -3.45 -9.20 17.33
N ALA C 299 -2.84 -8.25 16.65
CA ALA C 299 -1.62 -8.54 15.92
C ALA C 299 -0.40 -8.32 16.81
N PRO C 300 0.67 -9.08 16.60
CA PRO C 300 1.88 -8.89 17.40
C PRO C 300 2.47 -7.51 17.16
N SER C 301 3.22 -7.02 18.16
CA SER C 301 3.80 -5.68 18.07
C SER C 301 4.90 -5.56 17.02
N ASN C 302 5.19 -6.62 16.27
CA ASN C 302 6.26 -6.58 15.28
C ASN C 302 5.76 -6.80 13.86
N LYS C 303 4.89 -7.79 13.65
CA LYS C 303 4.45 -8.16 12.31
C LYS C 303 2.95 -7.99 12.17
N ASN C 304 2.52 -7.68 10.95
CA ASN C 304 1.11 -7.59 10.64
C ASN C 304 0.48 -8.98 10.60
N ILE C 305 -0.85 -9.03 10.66
CA ILE C 305 -1.59 -10.28 10.61
C ILE C 305 -2.76 -10.10 9.66
N CYS C 306 -3.32 -11.22 9.20
CA CYS C 306 -4.52 -11.22 8.39
C CYS C 306 -5.52 -12.19 8.99
N ILE C 307 -6.79 -11.82 9.00
CA ILE C 307 -7.85 -12.65 9.54
C ILE C 307 -8.95 -12.78 8.50
N LYS C 308 -9.30 -14.01 8.15
CA LYS C 308 -10.33 -14.29 7.17
C LYS C 308 -11.51 -14.97 7.84
N ALA C 309 -12.72 -14.53 7.52
CA ALA C 309 -13.92 -15.08 8.13
C ALA C 309 -14.77 -15.76 7.06
N TYR C 310 -15.33 -16.91 7.41
CA TYR C 310 -16.23 -17.66 6.54
C TYR C 310 -17.54 -17.93 7.25
N ASN C 311 -18.60 -18.04 6.46
CA ASN C 311 -19.80 -18.71 6.93
C ASN C 311 -19.61 -20.22 6.83
N THR C 312 -20.16 -20.94 7.79
CA THR C 312 -20.01 -22.38 7.81
C THR C 312 -21.37 -23.05 7.80
N TYR C 313 -21.37 -24.33 7.45
CA TYR C 313 -22.56 -25.15 7.45
C TYR C 313 -22.30 -26.42 8.25
N GLU C 314 -23.33 -26.86 8.95
CA GLU C 314 -23.36 -28.17 9.59
C GLU C 314 -24.03 -29.10 8.59
N LYS C 315 -23.38 -30.21 8.28
CA LYS C 315 -23.88 -31.13 7.26
C LYS C 315 -24.67 -32.25 7.91
N TYR C 316 -25.87 -32.49 7.39
CA TYR C 316 -26.70 -33.62 7.78
C TYR C 316 -26.98 -34.46 6.54
N GLU C 317 -26.72 -35.75 6.63
CA GLU C 317 -27.05 -36.68 5.56
C GLU C 317 -28.27 -37.48 5.99
N LEU C 318 -29.35 -37.38 5.21
CA LEU C 318 -30.54 -38.19 5.42
C LEU C 318 -30.47 -39.34 4.43
N ILE C 319 -30.23 -40.55 4.95
CA ILE C 319 -30.05 -41.72 4.10
C ILE C 319 -31.16 -42.71 4.41
N ASP C 320 -31.38 -43.62 3.47
CA ASP C 320 -32.37 -44.68 3.62
C ASP C 320 -31.65 -46.01 3.44
N TYR C 321 -31.18 -46.58 4.54
CA TYR C 321 -30.39 -47.80 4.51
C TYR C 321 -31.33 -48.99 4.34
N GLN C 322 -31.14 -49.74 3.26
CA GLN C 322 -32.00 -50.88 2.94
C GLN C 322 -31.14 -52.05 2.49
N ASN C 323 -31.22 -53.15 3.24
CA ASN C 323 -30.53 -54.40 2.91
C ASN C 323 -29.04 -54.17 2.64
N GLY C 324 -28.42 -53.39 3.52
CA GLY C 324 -27.01 -53.10 3.39
C GLY C 324 -26.65 -52.24 2.20
N SER C 325 -27.48 -51.25 1.88
CA SER C 325 -27.20 -50.33 0.79
C SER C 325 -27.85 -48.99 1.10
N ILE C 326 -27.32 -47.95 0.47
CA ILE C 326 -27.86 -46.60 0.63
C ILE C 326 -28.60 -46.29 -0.67
N VAL C 327 -29.92 -46.50 -0.66
CA VAL C 327 -30.72 -46.36 -1.87
C VAL C 327 -31.24 -44.95 -2.07
N ASN C 328 -31.00 -44.04 -1.12
CA ASN C 328 -31.37 -42.64 -1.26
C ASN C 328 -30.42 -41.82 -0.42
N LYS C 329 -30.24 -40.55 -0.79
CA LYS C 329 -29.34 -39.67 -0.04
C LYS C 329 -29.75 -38.22 -0.25
N ALA C 330 -30.33 -37.61 0.77
CA ALA C 330 -30.49 -36.16 0.82
C ALA C 330 -29.39 -35.58 1.69
N GLU C 331 -28.94 -34.38 1.33
CA GLU C 331 -27.86 -33.71 2.05
C GLU C 331 -28.30 -32.29 2.34
N TYR C 332 -28.26 -31.92 3.62
CA TYR C 332 -28.70 -30.62 4.10
C TYR C 332 -27.53 -29.91 4.77
N TYR C 333 -27.41 -28.61 4.51
CA TYR C 333 -26.32 -27.81 5.03
C TYR C 333 -26.93 -26.63 5.77
N LEU C 334 -26.84 -26.65 7.11
CA LEU C 334 -27.45 -25.64 7.96
C LEU C 334 -26.40 -24.62 8.35
N PRO C 335 -26.53 -23.35 7.94
CA PRO C 335 -25.51 -22.35 8.26
C PRO C 335 -25.38 -22.17 9.77
N SER C 336 -24.19 -22.47 10.30
CA SER C 336 -24.10 -22.52 11.75
C SER C 336 -23.55 -21.28 12.45
N LEU C 337 -22.22 -21.07 12.41
CA LEU C 337 -21.67 -19.93 13.13
C LEU C 337 -20.38 -19.34 12.57
N GLY C 338 -19.87 -19.82 11.45
CA GLY C 338 -18.67 -19.21 10.89
C GLY C 338 -17.38 -19.92 11.25
N TYR C 339 -16.29 -19.42 10.66
CA TYR C 339 -14.97 -20.01 10.80
C TYR C 339 -13.92 -18.93 10.62
N CYS C 340 -12.85 -19.03 11.38
CA CYS C 340 -11.80 -18.01 11.43
C CYS C 340 -10.48 -18.59 10.98
N GLU C 341 -9.76 -17.86 10.12
CA GLU C 341 -8.47 -18.31 9.61
C GLU C 341 -7.47 -17.18 9.78
N VAL C 342 -6.46 -17.41 10.61
CA VAL C 342 -5.41 -16.43 10.87
C VAL C 342 -4.22 -16.77 9.99
N THR C 343 -3.73 -15.77 9.25
CA THR C 343 -2.69 -16.00 8.26
C THR C 343 -1.70 -14.85 8.27
N ASN C 344 -0.56 -15.08 7.62
CA ASN C 344 0.48 -14.10 7.44
C ASN C 344 0.71 -13.86 5.95
N ALA C 345 1.03 -12.62 5.60
CA ALA C 345 1.23 -12.29 4.20
C ALA C 345 2.44 -13.03 3.64
N PRO C 346 2.36 -13.52 2.42
CA PRO C 346 3.52 -14.19 1.81
C PRO C 346 4.67 -13.21 1.61
N SER C 347 5.88 -13.74 1.67
CA SER C 347 7.07 -12.91 1.48
C SER C 347 7.09 -12.34 0.07
N PRO C 348 7.39 -11.05 -0.10
CA PRO C 348 7.41 -10.45 -1.44
C PRO C 348 8.75 -10.61 -2.14
N GLU C 351 6.42 -14.40 -6.52
CA GLU C 351 5.59 -13.90 -7.61
C GLU C 351 4.21 -14.56 -7.57
N VAL C 352 3.27 -13.98 -8.31
CA VAL C 352 1.90 -14.48 -8.36
C VAL C 352 1.77 -15.44 -9.54
N VAL C 353 1.20 -16.61 -9.29
CA VAL C 353 1.02 -17.65 -10.29
C VAL C 353 -0.46 -17.78 -10.60
N LYS C 354 -0.79 -17.82 -11.89
CA LYS C 354 -2.18 -17.96 -12.31
C LYS C 354 -2.63 -19.40 -12.10
N THR C 355 -3.56 -19.61 -11.18
CA THR C 355 -4.08 -20.93 -10.86
C THR C 355 -5.54 -21.04 -11.28
N GLN C 356 -5.93 -22.21 -11.77
CA GLN C 356 -7.32 -22.43 -12.13
C GLN C 356 -8.17 -22.64 -10.88
N VAL C 357 -9.46 -22.39 -11.02
CA VAL C 357 -10.38 -22.61 -9.91
C VAL C 357 -10.51 -24.09 -9.61
N ALA C 358 -11.04 -24.39 -8.43
CA ALA C 358 -11.23 -25.77 -8.01
C ALA C 358 -12.65 -26.23 -8.30
N GLU C 359 -12.83 -27.54 -8.31
CA GLU C 359 -14.15 -28.11 -8.52
C GLU C 359 -15.09 -27.72 -7.38
N ASP C 360 -16.35 -27.50 -7.71
CA ASP C 360 -17.34 -27.19 -6.69
C ASP C 360 -17.45 -28.32 -5.69
N GLY C 361 -17.42 -27.99 -4.42
CA GLY C 361 -17.45 -29.01 -3.40
C GLY C 361 -17.47 -28.40 -2.02
N PHE C 362 -17.09 -29.20 -1.03
CA PHE C 362 -17.10 -28.76 0.36
C PHE C 362 -15.81 -29.18 1.05
N ILE C 363 -15.40 -28.36 2.01
CA ILE C 363 -14.23 -28.62 2.84
C ILE C 363 -14.68 -28.55 4.29
N GLN C 364 -14.34 -29.59 5.06
CA GLN C 364 -14.67 -29.61 6.48
C GLN C 364 -13.52 -28.97 7.25
N ASN C 365 -13.77 -27.79 7.81
CA ASN C 365 -12.81 -27.13 8.67
C ASN C 365 -13.05 -27.40 10.15
N GLY C 366 -14.12 -28.10 10.49
CA GLY C 366 -14.40 -28.43 11.87
C GLY C 366 -13.89 -29.81 12.25
N PRO C 367 -14.19 -30.24 13.46
CA PRO C 367 -13.69 -31.54 13.92
C PRO C 367 -14.46 -32.68 13.29
N GLU C 368 -13.83 -33.85 13.30
CA GLU C 368 -14.48 -35.05 12.77
C GLU C 368 -15.70 -35.40 13.61
N GLU C 369 -16.77 -35.81 12.94
CA GLU C 369 -18.04 -36.07 13.60
C GLU C 369 -18.86 -37.03 12.77
N GLU C 370 -19.54 -37.96 13.47
CA GLU C 370 -20.51 -38.84 12.82
C GLU C 370 -21.49 -39.29 13.90
N ILE C 371 -22.65 -38.65 13.95
CA ILE C 371 -23.69 -39.02 14.90
C ILE C 371 -24.88 -39.51 14.10
N VAL C 372 -25.18 -40.80 14.22
CA VAL C 372 -26.25 -41.43 13.45
C VAL C 372 -27.45 -41.61 14.35
N VAL C 373 -28.58 -41.04 13.95
CA VAL C 373 -29.82 -41.16 14.71
C VAL C 373 -30.90 -41.69 13.78
N GLY C 374 -31.53 -42.80 14.17
CA GLY C 374 -32.65 -43.31 13.42
C GLY C 374 -33.91 -42.51 13.70
N VAL C 375 -34.80 -42.49 12.72
CA VAL C 375 -36.04 -41.74 12.81
C VAL C 375 -37.19 -42.65 12.45
N ILE C 376 -38.37 -42.34 12.99
CA ILE C 376 -39.57 -43.08 12.67
C ILE C 376 -39.96 -42.83 11.23
N ASP C 377 -40.33 -43.89 10.52
CA ASP C 377 -40.79 -43.75 9.15
C ASP C 377 -42.12 -43.01 9.13
N PRO C 378 -42.23 -41.86 8.44
CA PRO C 378 -43.48 -41.11 8.40
C PRO C 378 -44.44 -41.62 7.33
N SER C 379 -44.54 -42.93 7.21
CA SER C 379 -45.51 -43.55 6.32
C SER C 379 -46.14 -44.78 6.98
N GLU C 380 -45.82 -45.04 8.24
CA GLU C 380 -46.34 -46.19 8.98
C GLU C 380 -47.00 -45.68 10.25
N ASN C 381 -48.23 -46.13 10.49
CA ASN C 381 -48.97 -45.69 11.66
C ASN C 381 -48.34 -46.20 12.93
N ILE C 382 -48.50 -45.44 14.01
CA ILE C 382 -47.89 -45.74 15.30
C ILE C 382 -49.01 -46.05 16.27
N GLN C 383 -49.26 -47.34 16.50
CA GLN C 383 -50.17 -47.75 17.56
C GLN C 383 -49.55 -47.46 18.92
N GLU C 384 -50.39 -47.47 19.94
CA GLU C 384 -49.95 -47.19 21.30
C GLU C 384 -50.59 -48.18 22.27
N ILE C 385 -49.86 -48.49 23.33
CA ILE C 385 -50.36 -49.29 24.43
C ILE C 385 -50.42 -48.39 25.64
N ASN C 386 -51.62 -48.07 26.10
CA ASN C 386 -51.79 -47.01 27.08
C ASN C 386 -51.34 -47.45 28.48
N THR C 387 -51.65 -48.68 28.86
CA THR C 387 -51.25 -49.17 30.18
C THR C 387 -49.88 -49.82 30.11
N ALA C 388 -49.02 -49.46 31.05
CA ALA C 388 -47.67 -50.00 31.07
C ALA C 388 -47.72 -51.51 31.35
N ILE C 389 -46.92 -52.27 30.58
CA ILE C 389 -46.93 -53.71 30.71
C ILE C 389 -46.23 -54.11 32.00
N SER C 390 -46.86 -54.98 32.78
CA SER C 390 -46.35 -55.34 34.10
C SER C 390 -45.61 -56.67 34.09
N ASP C 391 -46.31 -57.75 33.79
CA ASP C 391 -45.66 -59.06 33.72
C ASP C 391 -45.98 -59.81 32.45
N ASN C 392 -47.20 -59.72 31.95
CA ASN C 392 -47.59 -60.36 30.71
C ASN C 392 -48.53 -59.42 29.96
N TYR C 393 -48.49 -59.50 28.63
CA TYR C 393 -49.38 -58.69 27.83
C TYR C 393 -49.53 -59.31 26.46
N THR C 394 -50.78 -59.43 26.00
CA THR C 394 -51.05 -59.86 24.63
C THR C 394 -51.70 -58.70 23.89
N TYR C 395 -51.05 -58.26 22.82
CA TYR C 395 -51.53 -57.17 21.98
C TYR C 395 -52.08 -57.76 20.69
N ASN C 396 -53.30 -57.37 20.33
CA ASN C 396 -53.99 -57.90 19.17
C ASN C 396 -53.80 -56.97 17.99
N ILE C 397 -53.19 -57.47 16.93
CA ILE C 397 -53.00 -56.68 15.71
C ILE C 397 -54.32 -56.67 14.93
N PRO C 398 -54.84 -55.50 14.57
CA PRO C 398 -56.09 -55.38 13.81
C PRO C 398 -56.04 -56.12 12.47
N ASN C 403 -52.09 -55.10 6.42
CA ASN C 403 -50.85 -55.87 6.47
C ASN C 403 -49.65 -54.95 6.31
N ASN C 404 -49.90 -53.65 6.35
CA ASN C 404 -48.82 -52.68 6.28
C ASN C 404 -47.98 -52.71 7.55
N PRO C 405 -46.71 -52.35 7.47
CA PRO C 405 -45.89 -52.28 8.69
C PRO C 405 -46.34 -51.15 9.60
N PHE C 406 -46.05 -51.31 10.89
CA PHE C 406 -46.42 -50.30 11.86
C PHE C 406 -45.58 -50.47 13.12
N TYR C 407 -45.53 -49.41 13.91
CA TYR C 407 -44.85 -49.40 15.20
C TYR C 407 -45.89 -49.57 16.31
N ILE C 408 -45.45 -50.11 17.44
CA ILE C 408 -46.28 -50.28 18.63
C ILE C 408 -45.54 -49.61 19.78
N LEU C 409 -45.85 -48.35 20.04
CA LEU C 409 -45.26 -47.65 21.17
C LEU C 409 -45.80 -48.20 22.47
N PHE C 410 -44.93 -48.44 23.44
CA PHE C 410 -45.34 -48.98 24.72
C PHE C 410 -44.28 -48.65 25.76
N THR C 411 -44.58 -49.00 27.01
CA THR C 411 -43.63 -48.87 28.10
C THR C 411 -43.91 -49.97 29.12
N VAL C 412 -42.91 -50.25 29.95
CA VAL C 412 -43.02 -51.28 30.95
C VAL C 412 -43.24 -50.63 32.32
N ASN C 413 -43.60 -51.45 33.31
CA ASN C 413 -43.89 -50.96 34.64
C ASN C 413 -42.75 -51.18 35.62
N THR C 414 -41.91 -52.18 35.39
CA THR C 414 -40.72 -52.42 36.20
C THR C 414 -39.57 -52.77 35.27
N THR C 415 -38.39 -52.20 35.53
CA THR C 415 -37.22 -52.52 34.74
C THR C 415 -36.90 -54.01 34.86
N GLY C 416 -36.72 -54.67 33.74
CA GLY C 416 -36.46 -56.11 33.78
C GLY C 416 -36.33 -56.68 32.38
N ILE C 417 -36.11 -57.99 32.34
CA ILE C 417 -35.90 -58.71 31.09
C ILE C 417 -37.23 -59.16 30.53
N TYR C 418 -37.47 -58.90 29.25
CA TYR C 418 -38.73 -59.23 28.61
C TYR C 418 -38.46 -60.01 27.32
N LYS C 419 -39.25 -61.05 27.12
CA LYS C 419 -39.30 -61.81 25.88
C LYS C 419 -40.51 -61.36 25.09
N ILE C 420 -40.28 -60.95 23.84
CA ILE C 420 -41.34 -60.47 22.96
C ILE C 420 -41.38 -61.37 21.74
N ASN C 421 -42.55 -61.95 21.49
CA ASN C 421 -42.72 -62.82 20.32
C ASN C 421 -44.04 -62.51 19.65
N ALA C 422 -44.27 -63.12 18.49
CA ALA C 422 -45.44 -62.84 17.67
C ALA C 422 -46.03 -64.16 17.16
N GLN C 423 -47.07 -64.64 17.82
CA GLN C 423 -47.76 -65.89 17.48
C GLN C 423 -46.74 -67.01 17.32
N ASN C 424 -46.65 -67.66 16.16
CA ASN C 424 -45.63 -68.69 15.97
C ASN C 424 -44.24 -68.13 15.64
N ASN C 425 -43.91 -67.02 16.30
CA ASN C 425 -42.61 -66.36 16.18
C ASN C 425 -42.44 -65.98 14.72
N LEU C 426 -43.53 -66.04 13.92
CA LEU C 426 -43.36 -65.97 12.47
C LEU C 426 -42.95 -64.58 11.99
N PRO C 427 -43.66 -63.50 12.30
CA PRO C 427 -43.15 -62.18 11.93
C PRO C 427 -42.12 -61.71 12.93
N SER C 428 -40.86 -61.68 12.51
CA SER C 428 -39.79 -61.25 13.39
C SER C 428 -39.88 -59.75 13.60
N LEU C 429 -40.00 -59.34 14.86
CA LEU C 429 -40.19 -57.95 15.24
C LEU C 429 -38.84 -57.25 15.38
N LYS C 430 -38.89 -55.93 15.45
CA LYS C 430 -37.71 -55.13 15.75
C LYS C 430 -38.00 -54.20 16.92
N ILE C 431 -37.06 -54.06 17.84
CA ILE C 431 -37.25 -53.23 19.02
C ILE C 431 -36.34 -52.01 18.94
N TYR C 432 -36.92 -50.83 19.16
CA TYR C 432 -36.19 -49.58 19.23
C TYR C 432 -36.52 -48.91 20.55
N GLU C 433 -35.70 -47.93 20.93
CA GLU C 433 -35.91 -47.16 22.14
C GLU C 433 -36.00 -45.68 21.77
N ALA C 434 -36.96 -44.99 22.38
CA ALA C 434 -37.10 -43.56 22.14
C ALA C 434 -36.00 -42.81 22.86
N ILE C 435 -35.26 -41.97 22.12
CA ILE C 435 -34.10 -41.31 22.68
C ILE C 435 -34.53 -40.20 23.62
N GLY C 436 -34.01 -40.21 24.84
CA GLY C 436 -34.31 -39.18 25.81
C GLY C 436 -35.77 -39.14 26.24
N SER C 437 -36.32 -40.31 26.53
CA SER C 437 -37.72 -40.43 26.96
C SER C 437 -37.76 -40.88 28.42
N GLY C 438 -38.67 -40.30 29.18
CA GLY C 438 -38.83 -40.62 30.58
C GLY C 438 -38.27 -39.58 31.54
N ASN C 439 -37.55 -38.58 31.04
CA ASN C 439 -36.99 -37.52 31.87
C ASN C 439 -37.79 -36.23 31.75
N ARG C 440 -39.10 -36.34 31.67
CA ARG C 440 -40.05 -35.24 31.51
C ARG C 440 -41.31 -35.64 32.25
N ASN C 441 -42.44 -35.04 31.88
CA ASN C 441 -43.75 -35.42 32.43
C ASN C 441 -43.87 -36.92 32.67
N PHE C 442 -44.33 -37.27 33.87
CA PHE C 442 -44.49 -38.64 34.28
C PHE C 442 -45.76 -39.02 35.01
N GLN C 443 -46.46 -40.03 34.50
CA GLN C 443 -47.68 -40.54 35.10
C GLN C 443 -47.47 -42.00 35.48
N SER C 444 -47.58 -42.30 36.76
CA SER C 444 -47.25 -43.63 37.25
C SER C 444 -48.25 -44.66 36.73
N GLY C 445 -47.73 -45.72 36.12
CA GLY C 445 -48.57 -46.80 35.63
C GLY C 445 -49.26 -46.54 34.31
N ASN C 446 -48.97 -45.42 33.66
CA ASN C 446 -49.59 -45.08 32.40
C ASN C 446 -48.53 -44.61 31.40
N LEU C 447 -48.82 -44.85 30.12
CA LEU C 447 -47.95 -44.36 29.07
C LEU C 447 -48.09 -42.85 28.98
N CYS C 448 -46.98 -42.18 28.73
CA CYS C 448 -46.95 -40.72 28.66
C CYS C 448 -46.25 -40.31 27.37
N ASP C 449 -46.76 -40.81 26.23
CA ASP C 449 -46.14 -40.65 24.93
C ASP C 449 -45.70 -39.21 24.70
N ASP C 450 -44.40 -39.03 24.49
CA ASP C 450 -43.80 -37.72 24.31
C ASP C 450 -43.62 -37.34 22.84
N ASP C 451 -44.08 -38.18 21.92
CA ASP C 451 -43.96 -37.93 20.49
C ASP C 451 -42.51 -37.68 20.09
N ILE C 452 -41.63 -38.57 20.53
CA ILE C 452 -40.22 -38.54 20.18
C ILE C 452 -40.01 -39.50 19.01
N LYS C 453 -39.49 -38.99 17.90
CA LYS C 453 -39.31 -39.80 16.71
C LYS C 453 -37.90 -40.33 16.54
N ALA C 454 -36.92 -39.74 17.24
CA ALA C 454 -35.56 -40.25 17.20
C ALA C 454 -35.48 -41.55 18.00
N ILE C 455 -35.08 -42.63 17.35
CA ILE C 455 -35.12 -43.96 17.94
C ILE C 455 -33.74 -44.61 17.81
N ASN C 456 -33.35 -45.36 18.83
CA ASN C 456 -32.14 -46.16 18.80
C ASN C 456 -32.52 -47.61 18.56
N TYR C 457 -31.95 -48.20 17.52
CA TYR C 457 -32.21 -49.60 17.22
C TYR C 457 -31.53 -50.48 18.26
N ILE C 458 -32.24 -51.49 18.74
CA ILE C 458 -31.72 -52.45 19.71
C ILE C 458 -31.42 -53.79 19.08
N THR C 459 -32.46 -54.49 18.60
CA THR C 459 -32.31 -55.85 18.13
C THR C 459 -33.51 -56.17 17.24
N GLY C 460 -33.35 -57.20 16.40
CA GLY C 460 -34.42 -57.65 15.55
C GLY C 460 -34.00 -57.78 14.09
N PHE C 461 -34.46 -58.84 13.42
CA PHE C 461 -34.06 -59.10 12.05
C PHE C 461 -35.09 -58.54 11.07
N ASP C 462 -34.78 -58.66 9.79
CA ASP C 462 -35.69 -58.32 8.70
C ASP C 462 -35.93 -59.57 7.87
N SER C 463 -37.19 -59.98 7.77
CA SER C 463 -37.54 -61.18 7.02
C SER C 463 -39.00 -61.16 6.61
N ASN C 465 -39.21 -64.38 6.06
CA ASN C 465 -39.98 -65.02 7.13
C ASN C 465 -39.09 -65.90 7.99
N ALA C 466 -38.46 -65.30 9.00
CA ALA C 466 -37.57 -66.01 9.90
C ALA C 466 -38.18 -66.03 11.29
N LYS C 467 -38.34 -67.23 11.85
CA LYS C 467 -38.87 -67.37 13.20
C LYS C 467 -37.85 -66.87 14.21
N SER C 468 -38.28 -65.99 15.10
CA SER C 468 -37.38 -65.46 16.12
C SER C 468 -38.21 -64.85 17.25
N TYR C 469 -37.57 -64.69 18.40
CA TYR C 469 -38.17 -63.95 19.50
C TYR C 469 -37.10 -63.11 20.19
N LEU C 470 -37.49 -61.92 20.63
CA LEU C 470 -36.55 -60.97 21.20
C LEU C 470 -36.47 -61.14 22.70
N VAL C 471 -35.26 -61.02 23.25
CA VAL C 471 -35.03 -60.97 24.68
C VAL C 471 -34.26 -59.70 24.96
N VAL C 472 -34.86 -58.77 25.69
CA VAL C 472 -34.27 -57.45 25.89
C VAL C 472 -34.55 -56.96 27.29
N LEU C 473 -33.60 -56.22 27.85
CA LEU C 473 -33.78 -55.53 29.12
C LEU C 473 -34.45 -54.19 28.86
N LEU C 474 -35.52 -53.91 29.60
CA LEU C 474 -36.34 -52.73 29.40
C LEU C 474 -36.40 -51.93 30.69
N ASN C 475 -36.44 -50.61 30.53
CA ASN C 475 -36.40 -49.65 31.63
C ASN C 475 -37.80 -49.09 31.90
N LYS C 476 -38.05 -48.77 33.16
CA LYS C 476 -39.36 -48.25 33.55
C LYS C 476 -39.67 -46.92 32.88
N ASP C 477 -38.70 -46.02 32.81
CA ASP C 477 -38.97 -44.67 32.35
C ASP C 477 -39.25 -44.62 30.85
N LYS C 478 -38.44 -45.29 30.05
CA LYS C 478 -38.41 -45.05 28.62
C LYS C 478 -39.64 -45.65 27.92
N ASN C 479 -39.97 -45.09 26.77
CA ASN C 479 -40.92 -45.67 25.83
C ASN C 479 -40.17 -46.40 24.74
N TYR C 480 -40.64 -47.58 24.37
CA TYR C 480 -40.00 -48.40 23.36
C TYR C 480 -40.94 -48.61 22.19
N TYR C 481 -40.35 -48.75 21.00
CA TYR C 481 -41.07 -49.01 19.77
C TYR C 481 -40.85 -50.45 19.33
N ILE C 482 -41.86 -51.03 18.72
CA ILE C 482 -41.77 -52.37 18.15
C ILE C 482 -42.29 -52.30 16.74
N ARG C 483 -41.40 -52.44 15.76
CA ARG C 483 -41.80 -52.47 14.37
C ARG C 483 -42.17 -53.89 14.00
N VAL C 484 -43.38 -54.04 13.49
CA VAL C 484 -43.91 -55.33 13.01
C VAL C 484 -43.73 -55.36 11.49
N PRO C 485 -43.12 -56.40 10.94
CA PRO C 485 -42.82 -56.42 9.50
C PRO C 485 -44.07 -56.41 8.66
N GLN C 486 -43.87 -56.19 7.35
CA GLN C 486 -44.96 -56.19 6.39
C GLN C 486 -45.42 -57.61 6.10
N THR C 487 -46.32 -58.12 6.94
CA THR C 487 -46.82 -59.47 6.76
C THR C 487 -47.73 -59.55 5.54
N SER C 488 -48.05 -60.77 5.14
CA SER C 488 -48.94 -61.02 4.02
C SER C 488 -50.26 -61.68 4.44
N SER C 489 -50.19 -62.81 5.13
CA SER C 489 -51.38 -63.53 5.54
C SER C 489 -52.03 -62.84 6.73
N ASN C 490 -53.32 -62.54 6.61
CA ASN C 490 -54.10 -61.94 7.69
C ASN C 490 -54.76 -63.07 8.47
N ILE C 491 -54.11 -63.50 9.53
CA ILE C 491 -54.58 -64.65 10.31
C ILE C 491 -54.73 -64.25 11.78
N GLU C 492 -55.02 -62.97 12.03
CA GLU C 492 -55.22 -62.45 13.39
C GLU C 492 -54.05 -62.84 14.30
N ASN C 493 -52.87 -62.33 13.94
CA ASN C 493 -51.69 -62.58 14.77
C ASN C 493 -51.74 -61.76 16.04
N GLN C 494 -50.79 -62.00 16.94
CA GLN C 494 -50.77 -61.31 18.23
C GLN C 494 -49.33 -61.17 18.70
N ILE C 495 -49.04 -60.08 19.38
CA ILE C 495 -47.73 -59.86 20.00
C ILE C 495 -47.84 -60.22 21.48
N LYS C 496 -46.79 -60.82 22.02
CA LYS C 496 -46.79 -61.28 23.40
C LYS C 496 -45.53 -60.79 24.09
N PHE C 497 -45.73 -59.98 25.13
CA PHE C 497 -44.69 -59.54 26.04
C PHE C 497 -44.77 -60.37 27.31
N LYS C 498 -43.65 -60.93 27.73
CA LYS C 498 -43.63 -61.69 28.98
C LYS C 498 -42.36 -61.36 29.73
N ARG C 499 -42.49 -61.04 31.01
CA ARG C 499 -41.34 -60.75 31.85
C ARG C 499 -40.69 -62.05 32.29
N GLU C 500 -39.37 -62.11 32.21
CA GLU C 500 -38.61 -63.32 32.52
C GLU C 500 -37.88 -63.14 33.84
N GLU C 501 -38.48 -63.66 34.91
CA GLU C 501 -37.82 -63.72 36.21
C GLU C 501 -37.08 -65.04 36.37
N GLY C 502 -36.25 -65.37 35.38
CA GLY C 502 -35.55 -66.63 35.37
C GLY C 502 -34.16 -66.55 34.78
N ASP C 503 -33.67 -67.65 34.22
CA ASP C 503 -32.31 -67.73 33.72
C ASP C 503 -32.22 -67.56 32.20
N LEU C 504 -33.30 -67.14 31.55
CA LEU C 504 -33.21 -66.74 30.15
C LEU C 504 -32.58 -65.38 29.99
N ARG C 505 -32.45 -64.60 31.07
CA ARG C 505 -31.80 -63.31 31.03
C ARG C 505 -30.33 -63.40 30.62
N ASN C 506 -29.79 -64.61 30.48
CA ASN C 506 -28.45 -64.76 29.93
C ASN C 506 -28.39 -64.32 28.48
N LEU C 507 -29.50 -64.45 27.75
CA LEU C 507 -29.57 -64.03 26.36
C LEU C 507 -29.94 -62.57 26.20
N MET C 508 -29.65 -61.74 27.21
CA MET C 508 -30.15 -60.37 27.25
C MET C 508 -29.67 -59.58 26.03
N ASN C 509 -30.57 -58.75 25.50
CA ASN C 509 -30.31 -57.90 24.34
C ASN C 509 -29.91 -58.72 23.12
N SER C 510 -30.77 -59.65 22.76
CA SER C 510 -30.49 -60.52 21.63
C SER C 510 -31.79 -61.08 21.07
N SER C 511 -31.80 -61.33 19.77
CA SER C 511 -32.94 -61.93 19.09
C SER C 511 -32.63 -63.40 18.84
N VAL C 512 -33.23 -64.27 19.65
CA VAL C 512 -33.02 -65.70 19.48
C VAL C 512 -33.71 -66.16 18.20
N ASN C 513 -32.97 -66.87 17.37
CA ASN C 513 -33.45 -67.34 16.07
C ASN C 513 -33.90 -68.79 16.18
N ILE C 514 -35.17 -69.04 15.90
CA ILE C 514 -35.74 -70.38 16.00
C ILE C 514 -35.41 -71.15 14.72
N ILE C 515 -34.84 -72.33 14.88
CA ILE C 515 -34.51 -73.17 13.73
C ILE C 515 -35.26 -74.49 13.80
N LEU C 518 -31.11 -78.39 12.26
CA LEU C 518 -32.32 -78.90 11.61
C LEU C 518 -32.12 -80.35 11.21
N ASN C 519 -33.07 -80.88 10.44
CA ASN C 519 -33.02 -82.28 10.04
C ASN C 519 -31.87 -82.53 9.06
N SER C 520 -31.60 -83.81 8.81
CA SER C 520 -30.56 -84.27 7.89
C SER C 520 -29.17 -83.91 8.39
N THR C 521 -28.15 -84.47 7.75
CA THR C 521 -26.77 -84.25 8.14
C THR C 521 -26.13 -83.19 7.24
N GLY C 522 -24.83 -82.98 7.42
CA GLY C 522 -24.10 -81.97 6.67
C GLY C 522 -24.15 -80.61 7.34
N ALA C 523 -23.38 -79.69 6.78
CA ALA C 523 -23.31 -78.34 7.30
C ALA C 523 -24.46 -77.51 6.75
N HIS C 524 -25.18 -76.82 7.63
CA HIS C 524 -26.29 -75.97 7.26
C HIS C 524 -25.84 -74.57 7.66
N TYR C 525 -26.03 -73.61 6.76
CA TYR C 525 -25.66 -72.23 7.02
C TYR C 525 -26.94 -71.42 7.14
N TYR C 526 -26.98 -70.54 8.13
CA TYR C 526 -28.15 -69.69 8.40
C TYR C 526 -27.63 -68.26 8.43
N THR C 527 -27.87 -67.52 7.35
CA THR C 527 -27.37 -66.16 7.22
C THR C 527 -28.45 -65.16 7.61
N ARG C 528 -28.08 -64.23 8.48
CA ARG C 528 -28.95 -63.14 8.91
C ARG C 528 -28.17 -61.84 8.85
N GLN C 529 -28.83 -60.74 9.23
CA GLN C 529 -28.12 -59.49 9.40
C GLN C 529 -27.29 -59.72 10.65
N SER C 530 -26.01 -59.38 10.58
CA SER C 530 -25.15 -59.58 11.75
C SER C 530 -25.16 -58.32 12.60
N PRO C 531 -25.33 -58.42 13.92
CA PRO C 531 -25.31 -57.21 14.74
C PRO C 531 -23.94 -56.54 14.84
N ASP C 532 -23.94 -55.31 15.33
CA ASP C 532 -22.72 -54.53 15.41
C ASP C 532 -21.76 -55.16 16.42
N VAL C 533 -20.59 -54.54 16.57
CA VAL C 533 -19.58 -55.05 17.49
C VAL C 533 -20.10 -54.97 18.92
N HIS C 534 -19.87 -56.03 19.69
CA HIS C 534 -20.29 -56.23 21.07
C HIS C 534 -21.79 -56.46 21.17
N ASP C 535 -22.52 -56.50 20.07
CA ASP C 535 -23.93 -56.85 20.08
C ASP C 535 -24.06 -58.38 19.93
N TYR C 536 -25.29 -58.87 20.03
CA TYR C 536 -25.52 -60.30 20.10
C TYR C 536 -26.53 -60.76 19.07
N ILE C 537 -26.41 -62.03 18.67
CA ILE C 537 -27.41 -62.70 17.85
C ILE C 537 -27.42 -64.15 18.30
N SER C 538 -28.54 -64.59 18.86
CA SER C 538 -28.64 -65.95 19.39
C SER C 538 -29.37 -66.84 18.42
N TYR C 539 -29.05 -68.13 18.49
CA TYR C 539 -29.69 -69.16 17.69
C TYR C 539 -30.22 -70.25 18.60
N GLU C 540 -31.25 -70.94 18.15
CA GLU C 540 -31.89 -72.00 18.92
C GLU C 540 -32.17 -73.17 17.99
N PHE C 541 -31.48 -74.29 18.20
CA PHE C 541 -31.57 -75.41 17.29
C PHE C 541 -31.68 -76.71 18.06
N THR C 542 -32.30 -77.70 17.43
CA THR C 542 -32.44 -79.03 18.00
C THR C 542 -31.60 -80.03 17.24
N ILE C 543 -31.04 -80.98 17.97
CA ILE C 543 -30.18 -82.01 17.37
C ILE C 543 -31.06 -83.08 16.74
N PRO C 544 -30.80 -83.48 15.49
CA PRO C 544 -31.63 -84.50 14.87
C PRO C 544 -31.54 -85.83 15.60
N GLY C 545 -32.62 -86.60 15.54
CA GLY C 545 -32.69 -87.88 16.20
C GLY C 545 -33.72 -87.87 17.33
N ASN C 546 -34.07 -89.07 17.77
CA ASN C 546 -35.05 -89.26 18.83
C ASN C 546 -34.32 -89.41 20.15
N PHE C 547 -34.56 -88.49 21.07
CA PHE C 547 -33.94 -88.53 22.39
C PHE C 547 -34.56 -89.66 23.21
N LYS C 550 -28.33 -90.00 25.93
CA LYS C 550 -28.87 -91.26 25.42
C LYS C 550 -27.75 -91.08 24.39
N ASP C 551 -28.08 -91.35 23.12
CA ASP C 551 -27.11 -91.21 22.04
C ASP C 551 -26.76 -89.75 21.80
N THR C 552 -25.52 -89.52 21.38
CA THR C 552 -25.02 -88.18 21.13
C THR C 552 -24.37 -88.13 19.75
N SER C 553 -24.57 -87.01 19.06
CA SER C 553 -23.99 -86.77 17.74
C SER C 553 -22.89 -85.72 17.83
N ASN C 554 -22.25 -85.47 16.71
CA ASN C 554 -21.15 -84.52 16.63
C ASN C 554 -21.61 -83.27 15.89
N ILE C 555 -21.32 -82.11 16.45
CA ILE C 555 -21.70 -80.83 15.85
C ILE C 555 -20.52 -79.87 15.95
N ARG C 556 -20.20 -79.21 14.85
CA ARG C 556 -19.19 -78.17 14.82
C ARG C 556 -19.82 -76.88 14.34
N LEU C 557 -19.63 -75.81 15.10
CA LEU C 557 -20.22 -74.51 14.79
C LEU C 557 -19.11 -73.58 14.32
N TYR C 558 -19.34 -72.91 13.20
CA TYR C 558 -18.36 -71.93 12.76
C TYR C 558 -19.01 -70.88 11.88
N THR C 559 -18.48 -69.66 11.94
CA THR C 559 -18.90 -68.60 11.05
C THR C 559 -17.94 -68.47 9.88
N SER C 560 -18.38 -67.76 8.85
CA SER C 560 -17.65 -67.69 7.58
C SER C 560 -16.81 -66.43 7.43
N TYR C 561 -17.41 -65.26 7.59
CA TYR C 561 -16.71 -64.00 7.36
C TYR C 561 -16.44 -63.19 8.62
N ASN C 562 -17.32 -63.26 9.61
CA ASN C 562 -17.24 -62.41 10.77
C ASN C 562 -16.65 -63.18 11.95
N GLN C 563 -16.08 -62.44 12.90
CA GLN C 563 -15.45 -63.02 14.08
C GLN C 563 -16.36 -62.82 15.28
N GLY C 564 -16.59 -63.90 16.03
CA GLY C 564 -17.51 -63.79 17.15
C GLY C 564 -17.29 -64.78 18.27
N ILE C 565 -17.30 -64.27 19.50
CA ILE C 565 -17.24 -65.15 20.67
C ILE C 565 -18.57 -65.91 20.78
N GLY C 566 -18.48 -67.14 21.24
CA GLY C 566 -19.66 -67.99 21.31
C GLY C 566 -19.90 -68.52 22.72
N THR C 567 -21.17 -68.77 23.01
CA THR C 567 -21.57 -69.38 24.28
C THR C 567 -22.68 -70.37 23.98
N LEU C 568 -22.65 -71.53 24.63
CA LEU C 568 -23.60 -72.59 24.33
C LEU C 568 -24.34 -73.00 25.60
N PHE C 569 -25.66 -73.09 25.50
CA PHE C 569 -26.52 -73.48 26.61
C PHE C 569 -27.42 -74.63 26.19
N ARG C 570 -27.66 -75.55 27.11
CA ARG C 570 -28.66 -76.59 26.92
C ARG C 570 -30.02 -76.10 27.43
N VAL C 571 -31.08 -76.51 26.76
CA VAL C 571 -32.43 -76.09 27.12
C VAL C 571 -33.09 -77.18 27.93
N THR C 572 -33.62 -76.82 29.10
CA THR C 572 -34.39 -77.73 29.93
C THR C 572 -35.80 -77.17 30.09
N GLU C 573 -36.79 -77.96 29.69
CA GLU C 573 -38.19 -77.53 29.76
C GLU C 573 -38.71 -77.81 31.17
N THR C 574 -38.46 -76.86 32.07
CA THR C 574 -38.88 -76.97 33.46
C THR C 574 -40.18 -76.23 33.73
N ILE C 575 -40.79 -75.65 32.70
CA ILE C 575 -42.05 -74.92 32.82
C ILE C 575 -41.95 -73.79 33.85
N GLY C 577 -39.58 -70.69 32.78
CA GLY C 577 -39.62 -71.17 31.41
C GLY C 577 -38.44 -72.06 31.05
N TYR C 578 -37.69 -71.66 30.03
CA TYR C 578 -36.51 -72.41 29.63
C TYR C 578 -35.43 -72.31 30.69
N ASN C 579 -34.75 -73.41 30.95
CA ASN C 579 -33.61 -73.45 31.86
C ASN C 579 -32.33 -73.58 31.05
N LEU C 580 -31.42 -72.63 31.23
CA LEU C 580 -30.18 -72.57 30.45
C LEU C 580 -29.00 -72.83 31.36
N ILE C 581 -28.20 -73.84 31.02
CA ILE C 581 -26.98 -74.18 31.73
C ILE C 581 -25.90 -74.33 30.66
N ASN C 582 -24.70 -73.83 30.95
CA ASN C 582 -23.66 -73.74 29.93
C ASN C 582 -23.10 -75.12 29.62
N ILE C 583 -22.73 -75.33 28.36
CA ILE C 583 -22.00 -76.52 27.93
C ILE C 583 -20.56 -76.13 27.65
N GLN C 584 -20.37 -74.92 27.14
CA GLN C 584 -19.03 -74.45 26.79
C GLN C 584 -19.00 -72.93 26.86
N GLN C 585 -17.82 -72.34 26.94
CA GLN C 585 -17.72 -70.89 27.00
C GLN C 585 -16.53 -70.39 26.20
N ASN C 586 -16.56 -69.10 25.84
CA ASN C 586 -15.48 -68.45 25.10
C ASN C 586 -15.15 -69.18 23.81
N LEU C 587 -16.18 -69.70 23.12
CA LEU C 587 -15.99 -70.33 21.83
C LEU C 587 -15.41 -69.32 20.83
N ASN C 588 -14.47 -69.78 20.02
CA ASN C 588 -13.86 -68.94 19.00
C ASN C 588 -14.37 -69.38 17.63
N LEU C 589 -15.33 -68.64 17.09
CA LEU C 589 -15.92 -68.92 15.79
C LEU C 589 -15.01 -68.39 14.69
N LEU C 590 -15.56 -68.21 13.48
CA LEU C 590 -14.77 -67.89 12.29
C LEU C 590 -13.83 -69.04 11.92
N ASN C 591 -14.42 -70.13 11.44
CA ASN C 591 -13.71 -71.30 10.90
C ASN C 591 -13.08 -72.13 12.01
N SER C 592 -13.77 -72.23 13.13
CA SER C 592 -13.36 -73.15 14.18
C SER C 592 -13.42 -74.59 13.69
N THR C 593 -12.39 -75.36 14.01
CA THR C 593 -12.37 -76.78 13.71
C THR C 593 -12.84 -77.62 14.88
N LYS C 594 -13.19 -76.99 16.00
CA LYS C 594 -13.63 -77.73 17.17
C LYS C 594 -14.96 -78.42 16.92
N SER C 595 -15.08 -79.65 17.42
CA SER C 595 -16.29 -80.43 17.29
C SER C 595 -16.73 -80.86 18.69
N ILE C 596 -18.01 -80.71 18.99
CA ILE C 596 -18.56 -81.00 20.31
C ILE C 596 -19.59 -82.11 20.16
N ARG C 597 -19.60 -83.03 21.12
CA ARG C 597 -20.57 -84.11 21.17
C ARG C 597 -21.80 -83.60 21.91
N LEU C 598 -22.90 -83.41 21.18
CA LEU C 598 -24.15 -82.91 21.73
C LEU C 598 -25.22 -83.99 21.70
N LEU C 599 -26.03 -84.03 22.74
CA LEU C 599 -27.06 -85.06 22.87
C LEU C 599 -28.05 -85.00 21.72
N ASN C 600 -28.38 -86.16 21.16
CA ASN C 600 -29.36 -86.23 20.08
C ASN C 600 -30.75 -85.95 20.62
N GLY C 601 -31.58 -85.32 19.79
CA GLY C 601 -32.93 -84.98 20.20
C GLY C 601 -32.99 -84.01 21.35
N ALA C 602 -32.12 -82.99 21.34
CA ALA C 602 -32.03 -82.04 22.42
C ALA C 602 -31.97 -80.63 21.85
N ILE C 603 -32.32 -79.65 22.68
CA ILE C 603 -32.41 -78.26 22.27
C ILE C 603 -31.22 -77.51 22.85
N TYR C 604 -30.53 -76.75 22.00
CA TYR C 604 -29.41 -75.93 22.43
C TYR C 604 -29.60 -74.52 21.91
N ILE C 605 -29.07 -73.55 22.66
CA ILE C 605 -29.09 -72.15 22.28
C ILE C 605 -27.65 -71.64 22.26
N LEU C 606 -27.30 -70.93 21.20
CA LEU C 606 -25.96 -70.41 21.01
C LEU C 606 -26.03 -68.89 20.99
N LYS C 607 -25.44 -68.26 22.01
CA LYS C 607 -25.20 -66.82 21.98
C LYS C 607 -23.94 -66.53 21.19
N VAL C 608 -23.98 -65.46 20.40
CA VAL C 608 -22.84 -65.02 19.63
C VAL C 608 -22.64 -63.54 19.86
N GLU C 609 -21.45 -63.15 20.30
CA GLU C 609 -21.07 -61.75 20.45
C GLU C 609 -20.09 -61.41 19.33
N VAL C 610 -20.54 -60.57 18.39
CA VAL C 610 -19.70 -60.22 17.25
C VAL C 610 -18.61 -59.26 17.71
N THR C 611 -17.38 -59.57 17.33
CA THR C 611 -16.21 -58.77 17.73
C THR C 611 -15.47 -58.15 16.57
N GLU C 612 -15.57 -58.71 15.37
CA GLU C 612 -14.90 -58.15 14.19
C GLU C 612 -15.88 -58.24 13.02
N LEU C 613 -16.49 -57.12 12.67
CA LEU C 613 -17.50 -57.07 11.61
C LEU C 613 -16.80 -56.96 10.27
N ASN C 614 -16.85 -58.03 9.48
CA ASN C 614 -16.28 -58.03 8.13
C ASN C 614 -17.32 -58.10 7.03
N ASN C 615 -18.56 -58.46 7.35
CA ASN C 615 -19.62 -58.60 6.38
C ASN C 615 -20.92 -58.04 6.95
N TYR C 616 -21.77 -57.53 6.05
CA TYR C 616 -23.08 -57.06 6.48
C TYR C 616 -23.92 -58.20 7.03
N ASN C 617 -23.76 -59.40 6.47
CA ASN C 617 -24.44 -60.59 6.96
C ASN C 617 -23.53 -61.39 7.88
N ILE C 618 -24.16 -62.20 8.73
CA ILE C 618 -23.46 -63.15 9.58
C ILE C 618 -23.88 -64.55 9.18
N LYS C 619 -22.91 -65.39 8.85
CA LYS C 619 -23.17 -66.75 8.40
C LYS C 619 -22.80 -67.71 9.51
N LEU C 620 -23.63 -68.74 9.69
CA LEU C 620 -23.39 -69.76 10.71
C LEU C 620 -23.54 -71.13 10.07
N HIS C 621 -22.54 -71.98 10.27
CA HIS C 621 -22.55 -73.35 9.78
C HIS C 621 -22.55 -74.30 10.97
N ILE C 622 -23.50 -75.23 10.96
CA ILE C 622 -23.61 -76.29 11.95
C ILE C 622 -23.36 -77.63 11.28
N ASP C 623 -22.12 -78.07 11.27
CA ASP C 623 -21.76 -79.32 10.62
C ASP C 623 -22.08 -80.49 11.54
N ILE C 624 -22.87 -81.44 11.03
CA ILE C 624 -23.26 -82.61 11.82
C ILE C 624 -22.23 -83.71 11.65
N ARG D 5 5.20 18.35 -44.42
CA ARG D 5 5.21 19.50 -45.29
C ARG D 5 6.04 20.63 -44.70
N THR D 6 6.57 20.40 -43.51
CA THR D 6 7.37 21.40 -42.81
C THR D 6 8.86 21.22 -43.00
N PHE D 7 9.32 19.99 -43.25
CA PHE D 7 10.74 19.71 -43.46
C PHE D 7 10.96 19.48 -44.95
N LEU D 8 11.62 20.41 -45.60
CA LEU D 8 11.88 20.38 -47.04
C LEU D 8 10.58 20.13 -47.79
N PRO D 9 9.69 21.11 -47.87
CA PRO D 9 8.44 20.92 -48.60
C PRO D 9 8.69 20.68 -50.09
N ASN D 10 7.81 19.89 -50.70
CA ASN D 10 7.90 19.65 -52.13
C ASN D 10 7.82 20.97 -52.88
N GLY D 11 8.62 21.10 -53.92
CA GLY D 11 8.52 22.33 -54.69
C GLY D 11 9.78 22.58 -55.48
N ASN D 12 10.18 23.85 -55.53
CA ASN D 12 11.26 24.33 -56.38
C ASN D 12 12.26 25.10 -55.54
N TYR D 13 13.55 24.87 -55.80
CA TYR D 13 14.60 25.42 -54.96
C TYR D 13 15.76 25.90 -55.80
N ASN D 14 16.59 26.75 -55.19
CA ASN D 14 17.90 27.09 -55.69
C ASN D 14 18.92 26.58 -54.68
N ILE D 15 19.95 25.90 -55.16
CA ILE D 15 20.95 25.29 -54.30
C ILE D 15 22.23 26.10 -54.38
N LYS D 16 22.71 26.56 -53.24
CA LYS D 16 23.96 27.32 -53.14
C LYS D 16 24.85 26.65 -52.12
N SER D 17 26.10 27.08 -52.08
CA SER D 17 27.03 26.64 -51.04
C SER D 17 27.12 27.71 -49.96
N ILE D 18 27.51 27.29 -48.76
CA ILE D 18 27.66 28.23 -47.65
C ILE D 18 28.88 29.10 -47.91
N PHE D 19 29.67 28.74 -48.92
CA PHE D 19 30.87 29.48 -49.26
C PHE D 19 30.60 30.73 -50.08
N SER D 20 29.50 30.78 -50.83
CA SER D 20 29.20 31.93 -51.66
C SER D 20 27.70 32.08 -51.79
N GLY D 21 27.25 33.30 -52.03
CA GLY D 21 25.83 33.57 -52.14
C GLY D 21 25.38 33.90 -53.54
N SER D 22 26.33 34.13 -54.44
CA SER D 22 26.01 34.49 -55.83
C SER D 22 26.15 33.31 -56.78
N LEU D 23 26.55 32.14 -56.29
CA LEU D 23 26.78 30.98 -57.13
C LEU D 23 25.66 29.98 -56.92
N TYR D 24 25.03 29.54 -58.01
CA TYR D 24 23.94 28.60 -57.99
C TYR D 24 24.33 27.32 -58.73
N LEU D 25 23.68 26.23 -58.37
CA LEU D 25 24.01 24.93 -58.96
C LEU D 25 23.52 24.87 -60.40
N SER D 26 24.47 24.71 -61.33
CA SER D 26 24.17 24.62 -62.75
C SER D 26 24.82 23.36 -63.33
N PRO D 27 24.08 22.58 -64.11
CA PRO D 27 24.58 21.36 -64.77
C PRO D 27 25.30 21.60 -66.09
N VAL D 28 26.60 21.85 -66.02
CA VAL D 28 27.42 22.12 -67.19
C VAL D 28 28.11 20.84 -67.64
N SER D 29 27.85 20.42 -68.87
CA SER D 29 28.57 19.33 -69.54
C SER D 29 28.62 18.06 -68.70
N GLY D 30 27.48 17.67 -68.15
CA GLY D 30 27.41 16.43 -67.41
C GLY D 30 28.03 16.47 -66.03
N SER D 31 28.45 17.65 -65.58
CA SER D 31 28.96 17.81 -64.22
C SER D 31 28.28 19.02 -63.61
N LEU D 32 28.05 18.98 -62.30
CA LEU D 32 27.38 20.10 -61.65
C LEU D 32 28.40 21.04 -61.03
N THR D 33 28.30 22.32 -61.39
CA THR D 33 29.17 23.33 -60.81
C THR D 33 28.33 24.44 -60.21
N PHE D 34 28.95 25.45 -59.61
CA PHE D 34 28.25 26.60 -59.07
C PHE D 34 28.67 27.81 -59.90
N SER D 35 27.72 28.38 -60.62
CA SER D 35 27.99 29.47 -61.56
C SER D 35 27.18 30.71 -61.20
N ASN D 36 27.55 31.82 -61.82
CA ASN D 36 26.90 33.09 -61.55
C ASN D 36 25.41 33.01 -61.89
N GLU D 37 24.67 34.02 -61.43
CA GLU D 37 23.24 34.07 -61.66
C GLU D 37 22.95 34.20 -63.15
N SER D 38 21.97 33.44 -63.63
CA SER D 38 21.57 33.49 -65.03
C SER D 38 20.11 33.81 -65.24
N SER D 39 19.32 33.88 -64.18
CA SER D 39 17.87 34.09 -64.26
C SER D 39 17.23 33.16 -65.29
N ALA D 40 17.67 31.90 -65.28
CA ALA D 40 17.19 30.89 -66.20
C ALA D 40 16.54 29.75 -65.41
N ASN D 41 16.05 28.77 -66.14
CA ASN D 41 15.41 27.62 -65.52
C ASN D 41 16.37 26.47 -65.23
N ASN D 42 17.63 26.57 -65.66
CA ASN D 42 18.55 25.47 -65.41
C ASN D 42 19.14 25.51 -64.01
N GLN D 43 19.01 26.63 -63.30
CA GLN D 43 19.54 26.76 -61.95
C GLN D 43 18.51 26.44 -60.87
N LYS D 44 17.31 26.01 -61.25
CA LYS D 44 16.27 25.64 -60.30
C LYS D 44 16.09 24.13 -60.28
N TRP D 45 15.72 23.61 -59.12
CA TRP D 45 15.63 22.17 -58.92
C TRP D 45 14.33 21.81 -58.24
N ASN D 46 13.62 20.83 -58.79
CA ASN D 46 12.37 20.36 -58.24
C ASN D 46 12.65 19.26 -57.24
N VAL D 47 12.26 19.49 -55.99
CA VAL D 47 12.45 18.54 -54.90
C VAL D 47 11.11 17.87 -54.63
N GLU D 48 11.10 16.54 -54.69
CA GLU D 48 9.92 15.74 -54.40
C GLU D 48 10.29 14.62 -53.45
N TYR D 49 9.49 14.45 -52.39
CA TYR D 49 9.75 13.44 -51.38
C TYR D 49 9.04 12.15 -51.78
N MET D 50 9.81 11.13 -52.14
CA MET D 50 9.23 9.83 -52.46
C MET D 50 9.16 8.99 -51.20
N ALA D 51 7.95 8.58 -50.82
CA ALA D 51 7.71 7.90 -49.56
C ALA D 51 7.78 6.38 -49.67
N GLU D 52 7.79 5.83 -50.88
CA GLU D 52 7.90 4.38 -51.02
C GLU D 52 9.22 3.86 -50.49
N ASN D 53 10.27 4.69 -50.45
CA ASN D 53 11.52 4.33 -49.82
C ASN D 53 12.00 5.38 -48.83
N ARG D 54 11.21 6.43 -48.58
CA ARG D 54 11.56 7.53 -47.68
C ARG D 54 12.88 8.18 -48.11
N CYS D 55 12.84 8.77 -49.29
CA CYS D 55 13.99 9.47 -49.82
C CYS D 55 13.52 10.69 -50.60
N PHE D 56 14.47 11.46 -51.10
CA PHE D 56 14.18 12.70 -51.81
C PHE D 56 14.75 12.63 -53.22
N LYS D 57 13.98 13.14 -54.18
CA LYS D 57 14.37 13.12 -55.58
C LYS D 57 14.44 14.57 -56.06
N ILE D 58 15.62 14.96 -56.51
CA ILE D 58 15.85 16.28 -57.08
C ILE D 58 15.96 16.14 -58.59
N SER D 59 15.21 16.96 -59.31
CA SER D 59 15.23 16.94 -60.76
C SER D 59 15.51 18.34 -61.26
N ASN D 60 16.02 18.44 -62.48
CA ASN D 60 16.23 19.74 -63.10
C ASN D 60 14.95 20.18 -63.80
N VAL D 61 14.47 21.38 -63.47
CA VAL D 61 13.23 21.85 -64.07
C VAL D 61 13.42 22.18 -65.55
N ALA D 62 14.54 22.81 -65.90
CA ALA D 62 14.81 23.07 -67.30
C ALA D 62 14.96 21.79 -68.10
N GLU D 63 15.43 20.72 -67.48
CA GLU D 63 15.57 19.43 -68.15
C GLU D 63 14.94 18.36 -67.28
N PRO D 64 13.63 18.19 -67.38
CA PRO D 64 12.97 17.17 -66.55
C PRO D 64 13.37 15.77 -66.96
N ASN D 65 12.76 14.77 -66.34
CA ASN D 65 13.12 13.35 -66.48
C ASN D 65 14.61 13.11 -66.34
N LYS D 66 15.33 13.99 -65.66
CA LYS D 66 16.70 13.78 -65.25
C LYS D 66 16.77 13.94 -63.74
N TYR D 67 17.54 13.08 -63.10
CA TYR D 67 17.60 13.08 -61.65
C TYR D 67 19.05 13.18 -61.22
N LEU D 68 19.31 13.95 -60.17
CA LEU D 68 20.64 13.98 -59.59
C LEU D 68 21.01 12.61 -59.06
N SER D 69 22.19 12.13 -59.42
CA SER D 69 22.69 10.86 -58.93
C SER D 69 24.20 10.92 -58.91
N TYR D 70 24.82 9.83 -58.48
CA TYR D 70 26.27 9.72 -58.45
C TYR D 70 26.72 8.59 -59.36
N ASP D 71 27.73 8.86 -60.16
CA ASP D 71 28.28 7.87 -61.07
C ASP D 71 29.40 7.08 -60.40
N ASN D 72 30.06 6.22 -61.16
CA ASN D 72 31.10 5.39 -60.59
C ASN D 72 32.39 6.13 -60.34
N PHE D 73 32.57 7.29 -60.96
CA PHE D 73 33.82 8.03 -60.86
C PHE D 73 33.87 8.96 -59.66
N GLY D 74 32.81 9.01 -58.86
CA GLY D 74 32.76 9.89 -57.71
C GLY D 74 32.17 11.25 -57.99
N PHE D 75 31.93 11.61 -59.24
CA PHE D 75 31.26 12.85 -59.54
C PHE D 75 29.77 12.75 -59.19
N ILE D 76 29.08 13.87 -59.35
CA ILE D 76 27.62 13.93 -59.27
C ILE D 76 27.13 14.38 -60.64
N SER D 77 26.13 13.68 -61.17
CA SER D 77 25.69 13.89 -62.53
C SER D 77 24.18 13.81 -62.59
N LEU D 78 23.64 14.00 -63.80
CA LEU D 78 22.21 13.90 -64.07
C LEU D 78 21.94 12.64 -64.88
N ASP D 79 21.25 11.69 -64.28
CA ASP D 79 20.86 10.48 -64.97
C ASP D 79 19.41 10.58 -65.43
N SER D 80 18.92 9.49 -66.02
CA SER D 80 17.52 9.38 -66.41
C SER D 80 16.86 8.14 -65.85
N LEU D 81 17.60 7.29 -65.14
CA LEU D 81 17.04 6.08 -64.56
C LEU D 81 16.74 6.26 -63.08
N TYR D 86 18.30 8.48 -55.18
CA TYR D 86 18.12 8.25 -53.75
C TYR D 86 19.02 9.18 -52.93
N TRP D 87 18.40 10.11 -52.22
CA TRP D 87 19.10 11.08 -51.40
C TRP D 87 18.47 11.14 -50.02
N PHE D 88 19.27 11.54 -49.03
CA PHE D 88 18.81 11.64 -47.65
C PHE D 88 19.28 12.96 -47.06
N PRO D 89 18.49 14.02 -47.14
CA PRO D 89 18.89 15.30 -46.55
C PRO D 89 18.75 15.32 -45.04
N ILE D 90 19.70 15.96 -44.38
CA ILE D 90 19.58 16.29 -42.96
C ILE D 90 19.90 17.76 -42.78
N LYS D 91 19.08 18.45 -42.00
CA LYS D 91 19.13 19.89 -41.83
C LYS D 91 19.94 20.23 -40.59
N ILE D 92 20.91 21.14 -40.73
CA ILE D 92 21.74 21.54 -39.61
C ILE D 92 21.58 23.00 -39.24
N ALA D 93 20.97 23.83 -40.07
CA ALA D 93 20.70 25.22 -39.75
C ALA D 93 19.55 25.68 -40.62
N VAL D 94 19.25 26.98 -40.57
CA VAL D 94 18.16 27.52 -41.37
C VAL D 94 18.55 27.44 -42.84
N ASN D 95 17.76 26.70 -43.61
CA ASN D 95 17.98 26.52 -45.05
C ASN D 95 19.41 26.04 -45.33
N THR D 96 19.79 24.97 -44.65
CA THR D 96 21.14 24.42 -44.82
C THR D 96 21.08 22.93 -44.54
N TYR D 97 21.56 22.13 -45.48
CA TYR D 97 21.49 20.68 -45.43
C TYR D 97 22.84 20.12 -45.83
N ILE D 98 23.08 18.86 -45.47
CA ILE D 98 24.14 18.07 -46.08
C ILE D 98 23.46 16.88 -46.75
N MET D 99 23.58 16.79 -48.06
CA MET D 99 22.88 15.78 -48.84
C MET D 99 23.61 14.46 -48.71
N LEU D 100 22.99 13.49 -48.05
CA LEU D 100 23.59 12.19 -47.81
C LEU D 100 23.02 11.18 -48.80
N SER D 101 23.62 9.99 -48.81
CA SER D 101 23.25 8.93 -49.75
C SER D 101 22.42 7.88 -49.02
N LEU D 102 21.24 7.60 -49.57
CA LEU D 102 20.39 6.57 -49.00
C LEU D 102 21.04 5.19 -49.06
N ASN D 103 22.01 5.01 -49.96
CA ASN D 103 22.77 3.77 -50.04
C ASN D 103 24.11 3.96 -49.34
N LYS D 104 24.43 3.06 -48.42
CA LYS D 104 25.70 3.12 -47.70
C LYS D 104 26.79 2.65 -48.65
N VAL D 105 27.49 3.60 -49.26
CA VAL D 105 28.56 3.27 -50.19
C VAL D 105 29.77 2.79 -49.39
N ASN D 106 30.15 1.53 -49.59
CA ASN D 106 31.26 0.90 -48.87
C ASN D 106 31.02 0.92 -47.36
N GLU D 107 29.77 0.68 -46.96
CA GLU D 107 29.39 0.59 -45.54
C GLU D 107 29.74 1.89 -44.80
N LEU D 108 29.65 3.02 -45.50
CA LEU D 108 29.97 4.31 -44.93
C LEU D 108 29.12 5.36 -45.64
N ASP D 109 28.57 6.29 -44.88
CA ASP D 109 27.69 7.29 -45.44
C ASP D 109 28.49 8.26 -46.30
N TYR D 110 28.10 8.40 -47.55
CA TYR D 110 28.69 9.37 -48.47
C TYR D 110 27.73 10.54 -48.62
N ALA D 111 28.28 11.70 -48.97
CA ALA D 111 27.50 12.92 -49.04
C ALA D 111 28.09 13.84 -50.10
N TRP D 112 27.29 14.83 -50.50
CA TRP D 112 27.78 15.85 -51.42
C TRP D 112 28.99 16.55 -50.81
N ASP D 113 29.96 16.85 -51.64
CA ASP D 113 31.15 17.55 -51.18
C ASP D 113 31.65 18.44 -52.31
N ILE D 114 32.00 19.68 -51.97
CA ILE D 114 32.55 20.63 -52.92
C ILE D 114 33.86 21.14 -52.33
N TYR D 115 34.91 21.16 -53.15
CA TYR D 115 36.22 21.56 -52.68
C TYR D 115 36.44 23.05 -52.94
N ASP D 116 37.18 23.69 -52.05
CA ASP D 116 37.41 25.13 -52.15
C ASP D 116 38.86 25.44 -51.83
N THR D 117 39.41 26.41 -52.54
CA THR D 117 40.68 27.02 -52.18
C THR D 117 40.37 28.38 -51.56
N ASN D 118 40.78 28.56 -50.30
CA ASN D 118 40.46 29.73 -49.49
C ASN D 118 39.04 30.24 -49.76
N GLU D 119 38.10 29.30 -49.73
CA GLU D 119 36.67 29.57 -49.90
C GLU D 119 36.39 30.20 -51.26
N ASN D 120 36.67 29.43 -52.32
CA ASN D 120 36.32 29.83 -53.68
C ASN D 120 35.97 28.56 -54.45
N ILE D 121 34.69 28.37 -54.74
CA ILE D 121 34.21 27.16 -55.37
C ILE D 121 33.96 27.35 -56.86
N LEU D 122 34.60 28.34 -57.47
CA LEU D 122 34.38 28.62 -58.88
C LEU D 122 35.02 27.53 -59.74
N SER D 123 34.26 27.02 -60.71
CA SER D 123 34.72 25.98 -61.62
C SER D 123 35.20 24.75 -60.86
N GLN D 124 34.33 24.22 -60.02
CA GLN D 124 34.65 23.04 -59.22
C GLN D 124 33.47 22.08 -59.28
N PRO D 125 33.66 20.84 -59.71
CA PRO D 125 32.54 19.90 -59.79
C PRO D 125 32.09 19.49 -58.40
N LEU D 126 30.85 19.04 -58.33
CA LEU D 126 30.25 18.55 -57.09
C LEU D 126 30.48 17.05 -57.01
N LEU D 127 31.16 16.59 -55.96
CA LEU D 127 31.56 15.21 -55.82
C LEU D 127 30.78 14.54 -54.69
N LEU D 128 30.99 13.25 -54.54
CA LEU D 128 30.40 12.47 -53.46
C LEU D 128 31.54 11.86 -52.65
N LEU D 129 31.62 12.22 -51.38
CA LEU D 129 32.76 11.89 -50.54
C LEU D 129 32.29 11.41 -49.18
N PRO D 130 33.11 10.69 -48.44
CA PRO D 130 32.67 10.14 -47.15
C PRO D 130 32.30 11.23 -46.16
N ASN D 131 31.34 10.91 -45.30
CA ASN D 131 30.81 11.83 -44.31
C ASN D 131 30.98 11.25 -42.92
N PHE D 132 31.40 12.09 -41.98
CA PHE D 132 31.64 11.68 -40.61
C PHE D 132 30.78 12.40 -39.59
N ASP D 133 30.60 13.70 -39.74
CA ASP D 133 29.87 14.50 -38.77
C ASP D 133 29.20 15.66 -39.49
N ILE D 134 28.57 16.52 -38.71
CA ILE D 134 27.86 17.68 -39.24
C ILE D 134 28.73 18.93 -39.19
N TYR D 135 30.04 18.78 -39.00
CA TYR D 135 30.93 19.92 -38.82
C TYR D 135 31.87 20.11 -40.01
N ASN D 136 31.60 19.46 -41.13
CA ASN D 136 32.40 19.64 -42.34
C ASN D 136 31.82 20.81 -43.14
N SER D 137 32.57 21.90 -43.19
CA SER D 137 32.09 23.09 -43.89
C SER D 137 32.04 22.89 -45.40
N ASN D 138 32.69 21.86 -45.91
CA ASN D 138 32.75 21.60 -47.35
C ASN D 138 31.51 20.89 -47.88
N GLN D 139 30.68 20.34 -47.00
CA GLN D 139 29.56 19.52 -47.42
C GLN D 139 28.22 20.21 -47.15
N MET D 140 28.24 21.52 -46.95
CA MET D 140 27.08 22.27 -46.49
C MET D 140 26.44 22.99 -47.67
N PHE D 141 25.13 22.88 -47.82
CA PHE D 141 24.42 23.43 -48.96
C PHE D 141 23.12 24.07 -48.54
N LYS D 142 22.84 25.25 -49.08
CA LYS D 142 21.64 26.00 -48.76
C LYS D 142 20.61 25.77 -49.86
N LEU D 143 19.43 25.26 -49.47
CA LEU D 143 18.33 25.01 -50.40
C LEU D 143 17.27 26.10 -50.20
N GLU D 144 17.46 27.21 -50.90
CA GLU D 144 16.56 28.34 -50.78
C GLU D 144 15.30 28.08 -51.62
N LYS D 145 14.14 28.09 -50.97
CA LYS D 145 12.89 27.88 -51.69
C LYS D 145 12.66 29.01 -52.68
N ILE D 146 12.04 28.67 -53.81
CA ILE D 146 11.81 29.65 -54.85
C ILE D 146 10.39 29.51 -55.39
N SER E 10 61.38 0.97 -51.36
CA SER E 10 62.34 0.06 -50.75
C SER E 10 62.26 0.15 -49.24
N LEU E 11 61.04 0.32 -48.72
CA LEU E 11 60.80 0.42 -47.29
C LEU E 11 60.24 -0.87 -46.71
N ASN E 12 60.40 -1.99 -47.40
CA ASN E 12 59.92 -3.25 -46.88
C ASN E 12 60.62 -3.66 -45.59
N ASP E 13 59.83 -3.91 -44.55
CA ASP E 13 60.35 -4.42 -43.28
C ASP E 13 61.52 -3.58 -42.76
N LYS E 14 61.18 -2.38 -42.33
CA LYS E 14 62.15 -1.41 -41.83
C LYS E 14 61.51 -0.86 -40.57
N ILE E 15 62.37 -0.35 -39.69
CA ILE E 15 61.93 0.27 -38.44
C ILE E 15 62.09 1.77 -38.60
N VAL E 16 60.96 2.49 -38.52
CA VAL E 16 60.92 3.89 -38.90
C VAL E 16 60.23 4.71 -37.82
N THR E 17 60.33 6.03 -37.97
CA THR E 17 59.51 6.99 -37.27
C THR E 17 58.79 7.85 -38.30
N ILE E 18 57.56 8.23 -37.98
CA ILE E 18 56.71 8.99 -38.89
C ILE E 18 56.46 10.38 -38.34
N SER E 19 57.32 11.34 -38.69
CA SER E 19 57.13 12.71 -38.25
C SER E 19 56.01 13.37 -39.05
N CYS E 20 55.44 14.42 -38.49
CA CYS E 20 54.34 15.14 -39.11
C CYS E 20 54.88 16.36 -39.85
N LYS E 21 54.49 16.50 -41.12
CA LYS E 21 54.99 17.60 -41.93
C LYS E 21 54.45 18.94 -41.46
N ALA E 22 53.25 18.94 -40.87
CA ALA E 22 52.70 20.19 -40.33
C ALA E 22 53.57 20.73 -39.21
N ASN E 23 54.02 19.86 -38.31
CA ASN E 23 54.88 20.23 -37.20
C ASN E 23 55.95 19.14 -37.08
N THR E 24 57.16 19.44 -37.55
CA THR E 24 58.24 18.45 -37.57
C THR E 24 58.70 18.02 -36.19
N ASP E 25 58.09 18.55 -35.13
CA ASP E 25 58.42 18.16 -33.77
C ASP E 25 57.37 17.24 -33.17
N LEU E 26 56.45 16.73 -33.97
CA LEU E 26 55.44 15.79 -33.52
C LEU E 26 55.63 14.46 -34.23
N PHE E 27 55.49 13.36 -33.48
CA PHE E 27 55.78 12.04 -33.99
C PHE E 27 54.61 11.10 -33.71
N PHE E 28 54.52 10.05 -34.52
CA PHE E 28 53.59 8.97 -34.23
C PHE E 28 54.05 8.29 -32.96
N TYR E 29 53.24 8.37 -31.90
CA TYR E 29 53.63 7.90 -30.58
C TYR E 29 52.53 6.99 -30.05
N GLN E 30 52.86 5.71 -29.87
CA GLN E 30 51.89 4.75 -29.35
C GLN E 30 51.88 4.87 -27.83
N VAL E 31 50.79 5.40 -27.28
CA VAL E 31 50.73 5.67 -25.84
C VAL E 31 50.85 4.34 -25.09
N PRO E 32 51.81 4.20 -24.17
CA PRO E 32 51.91 2.95 -23.41
C PRO E 32 50.71 2.78 -22.49
N GLY E 33 50.37 1.53 -22.22
CA GLY E 33 49.14 1.23 -21.52
C GLY E 33 48.01 0.94 -22.47
N ASN E 34 47.20 1.96 -22.76
CA ASN E 34 46.13 1.81 -23.74
C ASN E 34 46.74 1.73 -25.15
N GLY E 35 45.86 1.69 -26.14
CA GLY E 35 46.27 1.54 -27.52
C GLY E 35 46.18 2.79 -28.37
N ASN E 36 45.95 3.96 -27.79
CA ASN E 36 45.78 5.17 -28.58
C ASN E 36 47.11 5.64 -29.15
N VAL E 37 47.06 6.16 -30.37
CA VAL E 37 48.22 6.75 -31.04
C VAL E 37 48.06 8.27 -31.00
N SER E 38 49.14 8.96 -30.66
CA SER E 38 49.11 10.39 -30.40
C SER E 38 50.28 11.05 -31.10
N LEU E 39 50.26 12.39 -31.11
CA LEU E 39 51.33 13.18 -31.72
C LEU E 39 52.17 13.77 -30.59
N PHE E 40 53.14 13.00 -30.11
CA PHE E 40 53.96 13.42 -28.98
C PHE E 40 55.24 14.06 -29.51
N GLN E 41 56.06 14.60 -28.62
CA GLN E 41 57.35 15.17 -28.98
C GLN E 41 58.36 14.04 -29.16
N GLN E 42 59.55 14.40 -29.62
CA GLN E 42 60.55 13.38 -29.92
C GLN E 42 60.99 12.62 -28.67
N THR E 43 60.57 11.37 -28.57
CA THR E 43 60.99 10.45 -27.51
C THR E 43 61.70 9.30 -28.21
N ARG E 44 63.03 9.32 -28.18
CA ARG E 44 63.83 8.41 -28.98
C ARG E 44 63.87 7.00 -28.39
N ASN E 45 62.72 6.33 -28.33
CA ASN E 45 62.68 4.98 -27.80
C ASN E 45 61.62 4.16 -28.50
N TYR E 46 61.32 2.99 -27.96
CA TYR E 46 60.54 1.97 -28.65
C TYR E 46 59.09 2.37 -28.88
N LEU E 47 58.60 3.43 -28.23
CA LEU E 47 57.22 3.83 -28.44
C LEU E 47 56.99 4.50 -29.78
N GLU E 48 57.92 5.34 -30.21
CA GLU E 48 57.83 6.01 -31.50
C GLU E 48 58.56 5.24 -32.59
N ARG E 49 58.29 3.94 -32.72
CA ARG E 49 58.98 3.13 -33.71
C ARG E 49 58.02 2.09 -34.28
N TRP E 50 57.92 2.06 -35.60
CA TRP E 50 56.96 1.22 -36.30
C TRP E 50 57.67 0.45 -37.41
N ARG E 51 57.21 -0.78 -37.63
CA ARG E 51 57.67 -1.62 -38.73
C ARG E 51 56.71 -1.53 -39.91
N ILE E 52 57.26 -1.63 -41.12
CA ILE E 52 56.49 -1.41 -42.34
C ILE E 52 56.43 -2.69 -43.16
N ILE E 53 56.30 -3.84 -42.49
CA ILE E 53 56.11 -5.10 -43.19
C ILE E 53 55.01 -4.95 -44.23
N TYR E 54 55.25 -5.47 -45.43
CA TYR E 54 54.44 -5.22 -46.60
C TYR E 54 53.79 -6.49 -47.11
N ASP E 55 52.61 -6.35 -47.71
CA ASP E 55 51.86 -7.46 -48.25
C ASP E 55 51.97 -7.44 -49.77
N SER E 56 52.52 -8.52 -50.33
CA SER E 56 52.70 -8.59 -51.77
C SER E 56 51.41 -8.86 -52.53
N ASN E 57 50.40 -9.42 -51.87
CA ASN E 57 49.14 -9.73 -52.51
C ASN E 57 48.13 -8.60 -52.42
N LYS E 58 48.52 -7.47 -51.83
CA LYS E 58 47.63 -6.33 -51.71
C LYS E 58 48.24 -5.02 -52.19
N ALA E 59 49.54 -5.01 -52.53
CA ALA E 59 50.28 -3.80 -52.87
C ALA E 59 50.19 -2.74 -51.78
N ALA E 60 49.77 -3.12 -50.59
CA ALA E 60 49.59 -2.20 -49.47
C ALA E 60 50.48 -2.63 -48.32
N TYR E 61 50.73 -1.68 -47.43
CA TYR E 61 51.58 -1.87 -46.27
C TYR E 61 50.73 -1.95 -45.01
N LYS E 62 51.30 -2.55 -43.97
CA LYS E 62 50.72 -2.50 -42.63
C LYS E 62 51.78 -1.98 -41.68
N ILE E 63 51.36 -1.20 -40.69
CA ILE E 63 52.31 -0.51 -39.83
C ILE E 63 52.29 -1.10 -38.44
N LYS E 64 53.14 -2.09 -38.21
CA LYS E 64 53.26 -2.71 -36.89
C LYS E 64 54.03 -1.79 -35.97
N SER E 65 53.83 -1.96 -34.67
CA SER E 65 54.52 -1.15 -33.66
C SER E 65 55.45 -2.02 -32.83
N MET E 66 56.57 -1.44 -32.41
CA MET E 66 57.55 -2.14 -31.61
C MET E 66 57.43 -1.82 -30.13
N ASN E 67 56.20 -1.66 -29.65
CA ASN E 67 55.96 -1.65 -28.22
C ASN E 67 56.31 -3.02 -27.65
N ILE E 68 57.25 -3.04 -26.70
CA ILE E 68 57.81 -4.30 -26.24
C ILE E 68 56.75 -5.15 -25.55
N TYR E 69 55.87 -4.52 -24.77
CA TYR E 69 54.91 -5.26 -23.99
C TYR E 69 53.65 -5.63 -24.76
N ASN E 70 53.53 -5.19 -26.01
CA ASN E 70 52.46 -5.64 -26.91
C ASN E 70 53.06 -5.64 -28.31
N THR E 71 53.56 -6.80 -28.74
CA THR E 71 54.35 -6.88 -29.97
C THR E 71 53.47 -6.71 -31.20
N ASN E 72 52.34 -7.41 -31.25
CA ASN E 72 51.45 -7.37 -32.41
C ASN E 72 50.45 -6.24 -32.22
N LEU E 73 50.81 -5.06 -32.71
CA LEU E 73 49.96 -3.87 -32.64
C LEU E 73 50.17 -3.08 -33.92
N VAL E 74 49.24 -3.21 -34.86
CA VAL E 74 49.34 -2.51 -36.14
C VAL E 74 48.44 -1.30 -36.12
N LEU E 75 48.84 -0.28 -36.88
CA LEU E 75 48.02 0.91 -37.05
C LEU E 75 46.68 0.53 -37.66
N THR E 76 45.59 1.07 -37.11
CA THR E 76 44.26 0.62 -37.47
C THR E 76 43.33 1.80 -37.64
N TRP E 77 42.41 1.70 -38.60
CA TRP E 77 41.32 2.65 -38.77
C TRP E 77 40.05 2.04 -38.20
N ASN E 78 39.40 2.78 -37.29
CA ASN E 78 38.30 2.24 -36.49
C ASN E 78 36.97 2.56 -37.14
N ALA E 79 36.21 1.51 -37.47
CA ALA E 79 34.79 1.58 -37.77
C ALA E 79 34.48 2.63 -38.84
N PRO E 80 33.23 3.12 -38.96
CA PRO E 80 33.02 4.35 -39.75
C PRO E 80 33.34 5.62 -38.98
N THR E 81 34.03 5.50 -37.85
CA THR E 81 34.57 6.66 -37.17
C THR E 81 35.79 7.15 -37.94
N HIS E 82 36.43 8.22 -37.50
CA HIS E 82 37.66 8.69 -38.14
C HIS E 82 38.84 8.68 -37.19
N ASN E 83 38.92 7.68 -36.31
CA ASN E 83 40.02 7.58 -35.35
C ASN E 83 40.98 6.47 -35.75
N ILE E 84 42.19 6.52 -35.19
CA ILE E 84 43.29 5.70 -35.67
C ILE E 84 43.93 4.92 -34.52
N SER E 85 43.14 4.49 -33.54
CA SER E 85 43.69 3.67 -32.46
C SER E 85 44.33 2.42 -33.03
N ALA E 86 45.47 2.03 -32.46
CA ALA E 86 46.27 0.91 -32.96
C ALA E 86 46.01 -0.33 -32.12
N GLN E 87 45.60 -1.42 -32.77
CA GLN E 87 45.30 -2.64 -32.02
C GLN E 87 45.93 -3.88 -32.64
N GLN E 88 45.52 -5.06 -32.16
CA GLN E 88 46.16 -6.31 -32.53
C GLN E 88 45.96 -6.62 -34.00
N ASP E 89 46.97 -7.25 -34.61
CA ASP E 89 46.99 -7.47 -36.05
C ASP E 89 46.21 -8.73 -36.38
N SER E 90 45.02 -8.57 -36.93
CA SER E 90 44.24 -9.67 -37.49
C SER E 90 44.35 -9.74 -39.00
N ASN E 91 45.25 -8.95 -39.60
CA ASN E 91 45.38 -8.87 -41.05
C ASN E 91 44.05 -8.53 -41.69
N ALA E 92 43.32 -7.60 -41.08
CA ALA E 92 42.05 -7.17 -41.63
C ALA E 92 42.27 -6.12 -42.72
N ASP E 93 41.24 -5.93 -43.55
CA ASP E 93 41.36 -5.00 -44.66
C ASP E 93 41.52 -3.57 -44.17
N ASN E 94 40.90 -3.22 -43.05
CA ASN E 94 41.00 -1.86 -42.50
C ASN E 94 42.33 -1.59 -41.82
N GLN E 95 43.30 -2.51 -41.92
CA GLN E 95 44.58 -2.35 -41.25
C GLN E 95 45.74 -2.14 -42.22
N TYR E 96 45.46 -1.97 -43.50
CA TYR E 96 46.49 -1.73 -44.50
C TYR E 96 46.42 -0.29 -44.97
N TRP E 97 47.54 0.21 -45.49
CA TRP E 97 47.70 1.63 -45.78
C TRP E 97 48.57 1.79 -47.02
N LEU E 98 47.99 2.23 -48.11
CA LEU E 98 48.78 2.66 -49.25
C LEU E 98 49.71 3.78 -48.81
N LEU E 99 51.01 3.59 -49.08
CA LEU E 99 52.03 4.58 -48.74
C LEU E 99 52.43 5.27 -50.03
N LEU E 100 51.69 6.29 -50.42
CA LEU E 100 52.05 7.07 -51.59
C LEU E 100 53.12 8.07 -51.20
N LYS E 101 54.04 8.35 -52.11
CA LYS E 101 55.12 9.29 -51.86
C LYS E 101 55.00 10.45 -52.81
N ASP E 102 54.87 11.65 -52.27
CA ASP E 102 54.90 12.86 -53.08
C ASP E 102 56.33 13.05 -53.56
N ILE E 103 56.54 12.94 -54.88
CA ILE E 103 57.90 12.94 -55.41
C ILE E 103 58.60 14.24 -55.06
N GLY E 104 57.91 15.36 -55.22
CA GLY E 104 58.41 16.61 -54.68
C GLY E 104 58.39 16.57 -53.15
N ASN E 105 59.49 17.05 -52.56
CA ASN E 105 59.69 17.20 -51.12
C ASN E 105 59.63 15.90 -50.33
N ASN E 106 59.43 14.77 -51.01
CA ASN E 106 59.62 13.44 -50.44
C ASN E 106 58.78 13.21 -49.18
N SER E 107 57.61 13.84 -49.10
CA SER E 107 56.68 13.52 -48.05
C SER E 107 55.81 12.33 -48.46
N PHE E 108 54.95 11.91 -47.54
CA PHE E 108 54.15 10.71 -47.74
C PHE E 108 52.68 11.02 -47.51
N ILE E 109 51.83 10.25 -48.18
CA ILE E 109 50.41 10.21 -47.92
C ILE E 109 50.05 8.77 -47.57
N ILE E 110 49.37 8.59 -46.45
CA ILE E 110 48.96 7.28 -45.98
C ILE E 110 47.46 7.17 -46.18
N ALA E 111 47.04 6.40 -47.18
CA ALA E 111 45.63 6.28 -47.54
C ALA E 111 45.11 4.90 -47.19
N SER E 112 43.96 4.84 -46.53
CA SER E 112 43.49 3.56 -46.01
C SER E 112 43.12 2.61 -47.14
N TYR E 113 43.64 1.38 -47.07
CA TYR E 113 43.37 0.40 -48.11
C TYR E 113 41.89 0.05 -48.17
N LYS E 114 41.20 0.09 -47.04
CA LYS E 114 39.78 -0.24 -47.02
C LYS E 114 38.98 0.75 -47.87
N ASN E 115 39.30 2.03 -47.77
CA ASN E 115 38.63 3.08 -48.52
C ASN E 115 39.67 4.14 -48.86
N PRO E 116 40.31 4.04 -50.01
CA PRO E 116 41.39 4.99 -50.32
C PRO E 116 40.89 6.31 -50.86
N ASN E 117 39.80 6.82 -50.29
CA ASN E 117 39.39 8.20 -50.45
C ASN E 117 39.80 9.05 -49.27
N LEU E 118 40.35 8.41 -48.23
CA LEU E 118 40.65 9.05 -46.97
C LEU E 118 42.12 8.83 -46.64
N VAL E 119 42.75 9.84 -46.06
CA VAL E 119 44.16 9.82 -45.76
C VAL E 119 44.36 10.29 -44.33
N LEU E 120 45.55 9.99 -43.80
CA LEU E 120 45.86 10.38 -42.43
C LEU E 120 45.95 11.89 -42.31
N TYR E 121 45.38 12.41 -41.24
CA TYR E 121 45.30 13.84 -40.99
C TYR E 121 45.77 14.10 -39.57
N ALA E 122 46.71 15.02 -39.41
CA ALA E 122 47.29 15.33 -38.11
C ALA E 122 46.58 16.56 -37.57
N ASP E 123 45.94 16.42 -36.40
CA ASP E 123 45.22 17.54 -35.82
C ASP E 123 46.15 18.62 -35.28
N THR E 124 47.20 18.21 -34.55
CA THR E 124 48.19 19.07 -33.91
C THR E 124 47.56 20.05 -32.93
N VAL E 125 46.25 19.94 -32.70
CA VAL E 125 45.57 20.70 -31.67
C VAL E 125 44.98 19.71 -30.67
N ALA E 126 44.62 18.53 -31.16
CA ALA E 126 44.22 17.42 -30.31
C ALA E 126 45.31 16.38 -30.16
N ARG E 127 46.43 16.53 -30.87
CA ARG E 127 47.57 15.63 -30.78
C ARG E 127 47.18 14.18 -31.03
N ASN E 128 46.33 13.96 -32.03
CA ASN E 128 46.01 12.63 -32.48
C ASN E 128 45.69 12.69 -33.97
N LEU E 129 45.41 11.53 -34.56
CA LEU E 129 45.25 11.40 -35.99
C LEU E 129 43.80 11.15 -36.35
N LYS E 130 43.45 11.47 -37.59
CA LYS E 130 42.10 11.27 -38.11
C LYS E 130 42.20 10.86 -39.57
N LEU E 131 41.05 10.59 -40.17
CA LEU E 131 40.98 10.35 -41.61
C LEU E 131 40.24 11.51 -42.27
N SER E 132 40.95 12.26 -43.10
CA SER E 132 40.39 13.39 -43.83
C SER E 132 40.28 13.02 -45.30
N THR E 133 39.66 13.89 -46.09
CA THR E 133 39.72 13.76 -47.54
C THR E 133 40.92 14.56 -48.01
N LEU E 134 41.44 14.21 -49.18
CA LEU E 134 42.67 14.82 -49.66
C LEU E 134 42.52 16.33 -49.77
N ASN E 135 43.57 17.03 -49.36
CA ASN E 135 43.58 18.48 -49.34
C ASN E 135 44.84 18.96 -50.05
N ASN E 136 45.05 20.27 -50.03
CA ASN E 136 46.30 20.87 -50.46
C ASN E 136 47.13 21.34 -49.28
N SER E 137 46.71 20.97 -48.07
CA SER E 137 47.35 21.42 -46.84
C SER E 137 48.55 20.53 -46.51
N SER E 138 49.21 20.87 -45.42
CA SER E 138 50.35 20.11 -44.94
C SER E 138 49.98 19.09 -43.88
N TYR E 139 48.70 18.99 -43.52
CA TYR E 139 48.31 18.08 -42.45
C TYR E 139 48.08 16.66 -42.93
N ILE E 140 48.21 16.40 -44.23
CA ILE E 140 48.10 15.06 -44.77
C ILE E 140 49.44 14.53 -45.26
N LYS E 141 50.50 15.31 -45.09
CA LYS E 141 51.85 14.89 -45.47
C LYS E 141 52.59 14.40 -44.23
N PHE E 142 53.44 13.39 -44.42
CA PHE E 142 54.18 12.79 -43.32
C PHE E 142 55.59 12.50 -43.80
N ILE E 143 56.50 12.32 -42.85
CA ILE E 143 57.90 12.03 -43.14
C ILE E 143 58.22 10.71 -42.48
N ILE E 144 58.22 9.63 -43.25
CA ILE E 144 58.63 8.32 -42.75
C ILE E 144 60.13 8.18 -42.97
N GLU E 145 60.86 7.81 -41.93
CA GLU E 145 62.30 7.68 -42.10
C GLU E 145 62.85 6.68 -41.11
N ASP E 146 63.97 6.06 -41.46
CA ASP E 146 64.61 5.07 -40.60
C ASP E 146 64.90 5.68 -39.23
N TYR E 147 64.65 4.90 -38.18
CA TYR E 147 64.75 5.46 -36.83
C TYR E 147 66.17 5.86 -36.49
N VAL E 148 67.17 5.08 -36.94
CA VAL E 148 68.55 5.48 -36.69
C VAL E 148 68.84 6.82 -37.31
N ILE E 149 68.27 7.09 -38.49
CA ILE E 149 68.39 8.42 -39.07
C ILE E 149 67.61 9.43 -38.26
N SER E 150 66.43 9.05 -37.78
CA SER E 150 65.56 10.00 -37.10
C SER E 150 66.14 10.44 -35.76
N ASP E 151 66.67 9.50 -34.98
CA ASP E 151 67.17 9.78 -33.65
C ASP E 151 68.60 10.30 -33.64
N PHE E 152 69.23 10.45 -34.81
CA PHE E 152 70.60 10.93 -34.86
C PHE E 152 70.81 11.99 -35.92
N LYS E 153 69.76 12.42 -36.62
CA LYS E 153 69.93 13.52 -37.57
C LYS E 153 70.27 14.82 -36.85
N ASN E 154 69.83 14.95 -35.59
CA ASN E 154 70.23 16.07 -34.76
C ASN E 154 70.07 15.62 -33.32
N PHE E 155 71.19 15.39 -32.62
CA PHE E 155 71.15 14.87 -31.27
C PHE E 155 72.26 15.50 -30.46
N THR E 156 72.10 15.47 -29.13
CA THR E 156 73.14 15.93 -28.22
C THR E 156 73.09 15.17 -26.90
N ARG E 158 76.97 12.27 -25.59
CA ARG E 158 77.07 11.48 -24.38
C ARG E 158 77.18 9.99 -24.68
N ILE E 159 78.28 9.59 -25.32
CA ILE E 159 78.49 8.19 -25.64
C ILE E 159 78.94 7.46 -24.39
N SER E 160 78.13 6.51 -23.93
CA SER E 160 78.45 5.75 -22.72
C SER E 160 78.76 4.31 -23.07
N PRO E 161 80.00 3.85 -22.90
CA PRO E 161 80.29 2.43 -23.10
C PRO E 161 79.48 1.58 -22.13
N ILE E 162 79.13 0.38 -22.58
CA ILE E 162 78.34 -0.51 -21.76
C ILE E 162 79.16 -1.05 -20.60
N GLY E 165 79.65 1.74 -17.68
CA GLY E 165 78.21 1.98 -17.63
C GLY E 165 77.86 3.44 -17.41
N GLY E 166 78.22 3.96 -16.23
CA GLY E 166 77.96 5.32 -15.86
C GLY E 166 79.01 6.32 -16.26
N LYS E 167 80.03 5.88 -16.99
CA LYS E 167 81.10 6.75 -17.45
C LYS E 167 80.92 7.06 -18.94
N VAL E 168 81.32 8.25 -19.33
CA VAL E 168 81.08 8.77 -20.68
C VAL E 168 82.37 9.29 -21.26
N VAL E 169 82.60 9.03 -22.55
CA VAL E 169 83.77 9.55 -23.24
C VAL E 169 83.63 11.06 -23.40
N GLN E 170 84.74 11.77 -23.27
CA GLN E 170 84.81 13.22 -23.43
C GLN E 170 85.88 13.56 -24.46
N GLN E 171 86.18 14.85 -24.59
CA GLN E 171 87.22 15.32 -25.48
C GLN E 171 88.57 15.34 -24.78
N MET E 174 90.00 21.15 -23.49
CA MET E 174 89.92 22.23 -24.46
C MET E 174 91.04 22.12 -25.49
N THR E 175 92.28 22.35 -25.05
CA THR E 175 93.45 22.24 -25.90
C THR E 175 94.06 20.86 -25.91
N ASN E 176 93.50 19.93 -25.13
CA ASN E 176 94.00 18.56 -25.03
C ASN E 176 93.20 17.61 -25.90
N LEU E 177 92.79 18.05 -27.09
CA LEU E 177 91.89 17.28 -27.94
C LEU E 177 92.39 15.86 -28.14
N ALA E 178 91.62 14.92 -27.62
CA ALA E 178 91.90 13.49 -27.66
C ALA E 178 90.64 12.79 -27.17
N VAL E 179 90.73 11.48 -26.95
CA VAL E 179 89.61 10.69 -26.46
C VAL E 179 89.94 10.22 -25.06
N ASN E 180 89.02 10.44 -24.13
CA ASN E 180 89.22 10.03 -22.74
C ASN E 180 87.98 9.31 -22.23
N LEU E 181 87.93 9.06 -20.93
CA LEU E 181 86.78 8.38 -20.34
C LEU E 181 86.72 8.79 -18.87
N TYR E 182 85.80 9.70 -18.55
CA TYR E 182 85.59 10.16 -17.19
C TYR E 182 84.13 10.02 -16.84
N ILE E 183 83.86 9.95 -15.54
CA ILE E 183 82.48 9.81 -15.08
C ILE E 183 81.68 11.03 -15.52
N TRP E 184 80.37 10.82 -15.69
CA TRP E 184 79.50 11.87 -16.21
C TRP E 184 79.56 13.11 -15.34
N ASN E 185 79.71 14.27 -15.98
CA ASN E 185 79.89 15.51 -15.24
C ASN E 185 79.09 16.67 -15.82
N ASN E 186 78.28 16.45 -16.86
CA ASN E 186 77.52 17.52 -17.51
C ASN E 186 78.44 18.64 -17.96
N ASP E 187 79.63 18.28 -18.42
CA ASP E 187 80.64 19.23 -18.86
C ASP E 187 80.47 19.53 -20.35
N LEU E 188 81.08 20.62 -20.78
CA LEU E 188 81.05 20.95 -22.20
C LEU E 188 82.01 20.09 -23.01
N ASN E 189 83.00 19.48 -22.35
CA ASN E 189 83.85 18.50 -23.02
C ASN E 189 83.22 17.13 -23.09
N GLN E 190 82.19 16.87 -22.28
CA GLN E 190 81.50 15.59 -22.26
C GLN E 190 80.19 15.62 -23.03
N LYS E 191 79.99 16.60 -23.89
CA LYS E 191 78.76 16.75 -24.66
C LYS E 191 79.08 16.52 -26.13
N TRP E 192 78.41 15.54 -26.73
CA TRP E 192 78.57 15.24 -28.15
C TRP E 192 77.26 15.50 -28.87
N THR E 193 77.32 16.30 -29.93
CA THR E 193 76.17 16.55 -30.78
C THR E 193 76.39 15.85 -32.11
N ILE E 194 75.46 14.94 -32.44
CA ILE E 194 75.52 14.16 -33.66
C ILE E 194 74.65 14.82 -34.71
N ILE E 195 75.18 14.97 -35.92
CA ILE E 195 74.38 15.40 -37.05
C ILE E 195 74.63 14.48 -38.23
N TYR E 196 73.69 14.50 -39.18
CA TYR E 196 73.66 13.57 -40.30
C TYR E 196 73.73 14.33 -41.60
N ASN E 197 74.57 13.87 -42.51
CA ASN E 197 74.66 14.42 -43.86
C ASN E 197 74.16 13.38 -44.83
N GLU E 198 73.03 13.66 -45.48
CA GLU E 198 72.49 12.79 -46.51
C GLU E 198 73.01 13.18 -47.89
N GLU E 199 74.30 13.37 -47.98
CA GLU E 199 75.05 13.50 -49.21
C GLU E 199 76.19 12.51 -49.29
N LYS E 200 76.90 12.31 -48.18
CA LYS E 200 77.75 11.14 -47.98
C LYS E 200 77.06 10.07 -47.17
N ALA E 201 75.80 10.31 -46.76
CA ALA E 201 75.03 9.38 -45.95
C ALA E 201 75.79 9.00 -44.68
N ALA E 202 76.38 10.01 -44.03
CA ALA E 202 77.29 9.77 -42.92
C ALA E 202 76.99 10.70 -41.75
N TYR E 203 77.27 10.22 -40.55
CA TYR E 203 77.10 10.99 -39.33
C TYR E 203 78.41 11.66 -38.94
N GLN E 204 78.30 12.71 -38.15
CA GLN E 204 79.44 13.32 -37.48
C GLN E 204 79.09 13.60 -36.03
N PHE E 205 80.11 13.46 -35.18
CA PHE E 205 80.01 13.79 -33.75
C PHE E 205 80.83 15.05 -33.52
N PHE E 206 80.16 16.20 -33.48
CA PHE E 206 80.81 17.41 -33.00
C PHE E 206 80.90 17.37 -31.48
N ASN E 207 81.96 17.96 -30.94
CA ASN E 207 82.09 18.13 -29.50
C ASN E 207 81.60 19.53 -29.14
N LYS E 208 80.71 19.60 -28.16
CA LYS E 208 80.07 20.87 -27.84
C LYS E 208 80.96 21.72 -26.93
N ILE E 209 82.24 21.86 -27.29
CA ILE E 209 83.14 22.80 -26.66
C ILE E 209 83.68 23.82 -27.64
N LEU E 210 83.91 23.42 -28.90
CA LEU E 210 84.35 24.31 -29.95
C LEU E 210 83.57 24.04 -31.22
N SER E 211 84.00 24.62 -32.34
CA SER E 211 83.31 24.41 -33.61
C SER E 211 83.72 23.07 -34.22
N VAL E 214 84.20 16.82 -34.39
CA VAL E 214 84.45 15.85 -35.45
C VAL E 214 85.71 15.07 -35.16
N LEU E 215 85.58 13.75 -35.03
CA LEU E 215 86.71 12.88 -34.72
C LEU E 215 87.32 12.35 -36.01
N THR E 216 88.62 12.50 -36.16
CA THR E 216 89.35 12.00 -37.31
C THR E 216 90.36 10.95 -36.87
N TRP E 217 90.44 9.87 -37.64
CA TRP E 217 91.31 8.75 -37.27
C TRP E 217 91.48 7.83 -38.48
N ILE E 218 92.11 6.68 -38.24
CA ILE E 218 92.37 5.65 -39.24
C ILE E 218 93.23 6.31 -40.32
N PHE E 219 94.05 7.28 -39.91
CA PHE E 219 94.90 8.01 -40.85
C PHE E 219 95.98 8.79 -40.10
N ASP E 221 98.10 7.64 -37.25
CA ASP E 221 99.14 6.81 -36.67
C ASP E 221 98.56 5.70 -35.81
N GLY E 222 97.84 4.79 -36.46
CA GLY E 222 97.15 3.72 -35.74
C GLY E 222 95.70 4.09 -35.44
N ASN E 223 95.36 4.18 -34.16
CA ASN E 223 94.04 4.66 -33.77
C ASN E 223 94.00 6.18 -33.81
N THR E 224 94.76 6.83 -32.94
CA THR E 224 94.87 8.29 -32.86
C THR E 224 93.51 8.97 -33.04
N VAL E 225 92.55 8.54 -32.23
CA VAL E 225 91.21 9.09 -32.31
C VAL E 225 91.20 10.42 -31.59
N ARG E 226 91.03 11.50 -32.33
CA ARG E 226 91.06 12.84 -31.75
C ARG E 226 90.15 13.76 -32.54
N VAL E 227 89.71 14.83 -31.89
CA VAL E 227 88.75 15.75 -32.47
C VAL E 227 89.50 16.87 -33.18
N SER E 228 89.15 17.10 -34.44
CA SER E 228 89.75 18.19 -35.22
C SER E 228 88.70 19.24 -35.56
N GLN E 232 87.44 19.72 -43.42
CA GLN E 232 88.68 19.09 -43.84
C GLN E 232 88.47 18.24 -45.09
N ASN E 233 87.22 17.97 -45.40
CA ASN E 233 86.84 17.16 -46.56
C ASN E 233 87.50 15.78 -46.53
N ASN E 234 87.60 15.19 -45.35
CA ASN E 234 88.21 13.88 -45.17
C ASN E 234 87.15 12.88 -44.73
N ASP E 235 87.14 11.72 -45.37
CA ASP E 235 86.17 10.68 -45.02
C ASP E 235 86.42 10.07 -43.66
N ALA E 236 87.56 10.37 -43.03
CA ALA E 236 87.83 9.89 -41.68
C ALA E 236 86.84 10.46 -40.67
N GLN E 237 86.47 11.72 -40.85
CA GLN E 237 85.54 12.37 -39.92
C GLN E 237 84.10 12.02 -40.26
N TYR E 238 83.81 10.73 -40.40
CA TYR E 238 82.48 10.27 -40.76
C TYR E 238 82.26 8.90 -40.15
N TRP E 239 81.11 8.70 -39.53
CA TRP E 239 80.81 7.46 -38.85
C TRP E 239 79.39 7.03 -39.18
N LEU E 240 79.20 5.72 -39.26
CA LEU E 240 77.89 5.11 -39.46
C LEU E 240 77.53 4.35 -38.19
N ILE E 241 76.33 4.63 -37.68
CA ILE E 241 75.83 3.99 -36.47
C ILE E 241 74.93 2.85 -36.91
N ASN E 242 75.28 1.64 -36.50
CA ASN E 242 74.49 0.46 -36.84
C ASN E 242 74.04 -0.22 -35.56
N PRO E 243 72.75 -0.38 -35.33
CA PRO E 243 72.31 -1.05 -34.10
C PRO E 243 72.74 -2.51 -34.09
N VAL E 244 72.93 -3.04 -32.90
CA VAL E 244 73.34 -4.42 -32.75
C VAL E 244 72.25 -5.23 -32.07
N ASN E 247 70.31 -6.10 -28.04
CA ASN E 247 69.28 -5.09 -27.91
C ASN E 247 69.46 -3.97 -28.94
N TYR E 248 68.35 -3.39 -29.38
CA TYR E 248 68.41 -2.31 -30.35
C TYR E 248 68.84 -0.98 -29.74
N ASP E 249 68.96 -0.89 -28.42
CA ASP E 249 69.34 0.34 -27.75
C ASP E 249 70.85 0.52 -27.65
N ARG E 250 71.64 -0.46 -28.10
CA ARG E 250 73.09 -0.35 -28.13
C ARG E 250 73.55 -0.33 -29.58
N TYR E 251 74.56 0.47 -29.87
CA TYR E 251 74.91 0.76 -31.25
C TYR E 251 76.41 0.54 -31.45
N THR E 252 76.78 0.15 -32.66
CA THR E 252 78.18 0.09 -33.05
C THR E 252 78.47 1.23 -34.02
N ILE E 253 79.71 1.69 -34.00
CA ILE E 253 80.12 2.86 -34.76
C ILE E 253 81.24 2.43 -35.70
N THR E 254 81.02 2.59 -37.00
CA THR E 254 82.02 2.23 -38.00
C THR E 254 82.47 3.47 -38.76
N ASN E 255 83.74 3.48 -39.13
CA ASN E 255 84.33 4.63 -39.80
C ASN E 255 84.18 4.50 -41.31
N LEU E 256 83.86 5.62 -41.96
CA LEU E 256 83.78 5.64 -43.42
C LEU E 256 85.14 5.87 -44.07
N ARG E 257 86.16 5.15 -43.62
CA ARG E 257 87.45 5.12 -44.27
C ARG E 257 87.79 3.72 -44.72
N ASP E 258 87.68 2.75 -43.80
CA ASP E 258 87.95 1.37 -44.14
C ASP E 258 86.66 0.55 -44.17
N LYS E 259 85.62 1.03 -43.49
CA LYS E 259 84.31 0.39 -43.34
C LYS E 259 84.39 -0.87 -42.50
N THR E 260 85.58 -1.28 -42.07
CA THR E 260 85.75 -2.40 -41.16
C THR E 260 86.31 -1.99 -39.82
N LYS E 261 86.79 -0.75 -39.68
CA LYS E 261 87.30 -0.25 -38.42
C LYS E 261 86.16 0.23 -37.55
N VAL E 262 86.08 -0.29 -36.33
CA VAL E 262 85.01 0.03 -35.40
C VAL E 262 85.62 0.66 -34.15
N LEU E 263 85.09 1.82 -33.78
CA LEU E 263 85.58 2.53 -32.61
C LEU E 263 85.20 1.73 -31.36
N ASP E 264 86.18 1.49 -30.50
CA ASP E 264 86.05 0.61 -29.35
C ASP E 264 86.84 1.17 -28.17
N LEU E 265 86.87 0.41 -27.09
CA LEU E 265 87.70 0.73 -25.93
C LEU E 265 89.00 -0.03 -26.01
N TYR E 266 89.97 0.39 -25.20
CA TYR E 266 91.29 -0.24 -25.20
C TYR E 266 91.29 -1.41 -24.23
N GLY E 267 91.39 -2.63 -24.76
CA GLY E 267 91.51 -3.81 -23.93
C GLY E 267 90.32 -4.08 -23.04
N GLY E 268 89.19 -3.45 -23.30
CA GLY E 268 88.03 -3.62 -22.44
C GLY E 268 88.28 -3.18 -21.01
N GLN E 269 88.94 -2.04 -20.84
CA GLN E 269 89.27 -1.51 -19.53
C GLN E 269 88.24 -0.47 -19.13
N THR E 270 87.56 -0.70 -18.01
CA THR E 270 86.62 0.27 -17.46
C THR E 270 87.30 1.19 -16.44
N ALA E 271 88.41 1.79 -16.86
CA ALA E 271 89.18 2.69 -16.02
C ALA E 271 88.86 4.13 -16.39
N ASP E 272 88.89 5.03 -15.40
CA ASP E 272 88.53 6.41 -15.69
C ASP E 272 89.74 7.21 -16.14
N GLY E 273 90.53 6.64 -17.05
CA GLY E 273 91.51 7.39 -17.80
C GLY E 273 91.72 6.77 -19.17
N THR E 274 90.93 5.75 -19.47
CA THR E 274 91.19 4.92 -20.64
C THR E 274 91.05 5.71 -21.94
N THR E 275 91.99 5.50 -22.85
CA THR E 275 91.96 6.09 -24.18
C THR E 275 91.31 5.07 -25.10
N ILE E 276 90.09 5.36 -25.54
CA ILE E 276 89.37 4.45 -26.41
C ILE E 276 90.05 4.39 -27.78
N GLN E 277 89.99 3.23 -28.42
CA GLN E 277 90.76 2.95 -29.63
C GLN E 277 89.76 2.55 -30.72
N VAL E 278 90.28 2.02 -31.83
CA VAL E 278 89.49 1.77 -33.02
C VAL E 278 90.00 0.51 -33.71
N PHE E 279 89.31 0.12 -34.79
CA PHE E 279 89.68 -0.93 -35.74
C PHE E 279 89.27 -2.31 -35.25
N ASN E 280 89.04 -3.21 -36.22
CA ASN E 280 88.64 -4.61 -36.05
C ASN E 280 87.15 -4.72 -35.79
N SER E 281 86.74 -5.70 -34.98
CA SER E 281 85.34 -5.93 -34.69
C SER E 281 85.18 -6.99 -33.61
N ASN E 282 84.91 -8.23 -34.02
CA ASN E 282 84.76 -9.39 -33.15
C ASN E 282 83.56 -9.27 -32.21
N GLY E 283 82.73 -8.25 -32.38
CA GLY E 283 81.56 -8.07 -31.55
C GLY E 283 81.88 -7.94 -30.07
N GLY E 284 83.08 -7.47 -29.77
CA GLY E 284 83.47 -7.28 -28.38
C GLY E 284 82.66 -6.20 -27.71
N ASP E 285 82.40 -6.40 -26.42
CA ASP E 285 81.56 -5.48 -25.67
C ASP E 285 82.16 -4.07 -25.62
N ASN E 286 83.48 -3.95 -25.77
CA ASN E 286 84.10 -2.63 -25.79
C ASN E 286 83.85 -1.88 -27.09
N GLN E 287 83.43 -2.58 -28.15
CA GLN E 287 83.21 -1.97 -29.45
C GLN E 287 81.79 -1.45 -29.65
N ILE E 288 80.88 -1.70 -28.72
CA ILE E 288 79.53 -1.18 -28.80
C ILE E 288 79.43 0.03 -27.89
N TRP E 289 78.34 0.78 -28.03
CA TRP E 289 78.18 2.05 -27.33
C TRP E 289 76.72 2.32 -27.09
N THR E 290 76.38 2.78 -25.90
CA THR E 290 75.04 3.27 -25.62
C THR E 290 75.02 4.77 -25.85
N MET E 291 74.32 5.18 -26.91
CA MET E 291 74.47 6.54 -27.44
C MET E 291 73.86 7.54 -26.46
N SER E 292 73.89 8.81 -26.85
CA SER E 292 73.59 9.90 -25.91
C SER E 292 72.17 9.79 -25.38
N ASN E 293 71.99 10.24 -24.14
CA ASN E 293 70.68 10.33 -23.51
C ASN E 293 70.56 11.68 -22.83
N PRO E 294 70.54 12.77 -23.62
CA PRO E 294 70.51 14.19 -23.26
C PRO E 294 71.62 14.58 -22.29
N LEU F 11 61.72 14.96 -60.63
CA LEU F 11 61.86 14.80 -62.07
C LEU F 11 61.73 16.14 -62.77
N ASN F 12 62.29 17.18 -62.15
CA ASN F 12 62.16 18.52 -62.70
C ASN F 12 62.85 18.61 -64.06
N ASP F 13 62.16 19.23 -65.03
CA ASP F 13 62.66 19.43 -66.38
C ASP F 13 63.13 18.12 -67.00
N LYS F 14 62.37 17.05 -66.79
CA LYS F 14 62.77 15.72 -67.25
C LYS F 14 61.76 15.17 -68.25
N ILE F 15 62.28 14.62 -69.34
CA ILE F 15 61.42 14.08 -70.40
C ILE F 15 61.10 12.62 -70.09
N VAL F 16 59.81 12.30 -70.10
CA VAL F 16 59.29 11.00 -69.72
C VAL F 16 58.18 10.62 -70.69
N THR F 17 57.70 9.38 -70.57
CA THR F 17 56.52 8.92 -71.31
C THR F 17 55.59 8.23 -70.31
N ILE F 18 54.37 8.73 -70.22
CA ILE F 18 53.37 8.14 -69.33
C ILE F 18 52.63 7.03 -70.08
N SER F 19 52.55 5.86 -69.47
CA SER F 19 51.79 4.75 -70.03
C SER F 19 50.96 4.11 -68.93
N CYS F 20 49.84 3.51 -69.31
CA CYS F 20 48.92 2.95 -68.33
C CYS F 20 49.47 1.66 -67.76
N LYS F 21 49.17 1.41 -66.49
CA LYS F 21 49.58 0.16 -65.86
C LYS F 21 48.66 -1.00 -66.19
N ALA F 22 47.40 -0.72 -66.55
CA ALA F 22 46.47 -1.78 -66.90
C ALA F 22 46.80 -2.35 -68.28
N ASN F 23 46.74 -1.52 -69.31
CA ASN F 23 47.14 -1.89 -70.66
C ASN F 23 48.48 -1.21 -70.92
N THR F 24 49.57 -1.95 -70.68
CA THR F 24 50.90 -1.38 -70.71
C THR F 24 51.31 -0.89 -72.09
N ASP F 25 50.60 -1.27 -73.14
CA ASP F 25 50.93 -0.86 -74.50
C ASP F 25 50.34 0.49 -74.87
N LEU F 26 49.60 1.14 -73.99
CA LEU F 26 48.93 2.40 -74.26
C LEU F 26 49.68 3.54 -73.59
N PHE F 27 50.05 4.54 -74.40
CA PHE F 27 50.85 5.67 -73.94
C PHE F 27 50.09 6.97 -74.18
N PHE F 28 50.41 7.98 -73.38
CA PHE F 28 49.82 9.29 -73.56
C PHE F 28 50.27 9.88 -74.90
N TYR F 29 49.31 10.40 -75.65
CA TYR F 29 49.58 10.85 -77.01
C TYR F 29 48.86 12.16 -77.23
N GLN F 30 49.55 13.16 -77.76
CA GLN F 30 48.92 14.42 -78.10
C GLN F 30 48.56 14.41 -79.58
N VAL F 31 47.26 14.34 -79.87
CA VAL F 31 46.77 14.26 -81.24
C VAL F 31 47.18 15.52 -81.98
N PRO F 32 47.88 15.40 -83.10
CA PRO F 32 48.34 16.60 -83.82
C PRO F 32 47.19 17.38 -84.41
N GLY F 33 47.40 18.69 -84.53
CA GLY F 33 46.38 19.58 -85.06
C GLY F 33 45.33 19.94 -84.03
N ASN F 34 44.52 18.98 -83.64
CA ASN F 34 43.52 19.18 -82.60
C ASN F 34 44.27 19.26 -81.26
N GLY F 35 43.62 19.76 -80.22
CA GLY F 35 44.33 20.00 -78.97
C GLY F 35 44.02 19.04 -77.84
N ASN F 36 43.58 17.82 -78.15
CA ASN F 36 43.22 16.88 -77.10
C ASN F 36 44.32 15.82 -76.93
N VAL F 37 44.20 15.05 -75.86
CA VAL F 37 45.19 14.05 -75.48
C VAL F 37 44.48 12.72 -75.29
N SER F 38 45.04 11.66 -75.90
CA SER F 38 44.41 10.35 -75.82
C SER F 38 45.43 9.27 -75.47
N LEU F 39 45.00 8.01 -75.55
CA LEU F 39 45.85 6.87 -75.31
C LEU F 39 46.00 6.13 -76.63
N PHE F 40 47.24 5.93 -77.06
CA PHE F 40 47.52 5.37 -78.37
C PHE F 40 48.59 4.31 -78.24
N GLN F 41 48.85 3.59 -79.33
CA GLN F 41 49.88 2.57 -79.32
C GLN F 41 51.29 3.13 -79.13
N GLN F 42 52.21 2.24 -78.76
CA GLN F 42 53.59 2.66 -78.55
C GLN F 42 54.21 3.08 -79.88
N THR F 43 54.65 4.32 -79.94
CA THR F 43 55.49 4.80 -81.02
C THR F 43 56.79 5.32 -80.42
N ARG F 44 57.61 5.96 -81.24
CA ARG F 44 58.85 6.56 -80.77
C ARG F 44 59.00 8.00 -81.24
N ASN F 45 57.91 8.66 -81.62
CA ASN F 45 58.01 10.05 -82.05
C ASN F 45 57.78 10.97 -80.86
N TYR F 46 58.02 12.26 -81.08
CA TYR F 46 57.95 13.24 -80.00
C TYR F 46 56.55 13.34 -79.40
N LEU F 47 55.51 12.95 -80.14
CA LEU F 47 54.15 13.19 -79.67
C LEU F 47 53.83 12.44 -78.40
N GLU F 48 54.54 11.35 -78.11
CA GLU F 48 54.31 10.57 -76.90
C GLU F 48 55.23 10.96 -75.76
N ARG F 49 56.02 12.01 -75.93
CA ARG F 49 56.97 12.48 -74.93
C ARG F 49 56.38 13.66 -74.18
N TRP F 50 56.57 13.68 -72.87
CA TRP F 50 56.10 14.77 -72.02
C TRP F 50 57.25 15.23 -71.14
N ARG F 51 57.43 16.54 -71.04
CA ARG F 51 58.45 17.09 -70.16
C ARG F 51 57.79 17.50 -68.84
N ILE F 52 58.21 16.86 -67.76
CA ILE F 52 57.66 17.16 -66.44
C ILE F 52 58.51 18.25 -65.81
N ILE F 53 57.85 19.29 -65.31
CA ILE F 53 58.48 20.45 -64.68
C ILE F 53 57.90 20.59 -63.28
N TYR F 54 58.72 21.02 -62.33
CA TYR F 54 58.31 21.17 -60.95
C TYR F 54 58.28 22.64 -60.57
N ASP F 55 57.18 23.08 -59.98
CA ASP F 55 57.07 24.40 -59.40
C ASP F 55 57.04 24.26 -57.89
N SER F 56 58.08 24.77 -57.23
CA SER F 56 58.24 24.59 -55.79
C SER F 56 57.33 25.52 -54.99
N ASN F 57 56.97 26.67 -55.55
CA ASN F 57 56.05 27.57 -54.86
C ASN F 57 54.71 26.86 -54.74
N LYS F 58 54.27 26.23 -55.81
CA LYS F 58 53.04 25.44 -55.80
C LYS F 58 53.21 24.02 -55.26
N ALA F 59 54.46 23.56 -55.21
CA ALA F 59 54.79 22.20 -54.78
C ALA F 59 54.07 21.24 -55.72
N ALA F 60 54.01 21.60 -57.00
CA ALA F 60 53.22 20.85 -57.97
C ALA F 60 54.01 20.68 -59.26
N TYR F 61 53.35 20.09 -60.24
CA TYR F 61 54.01 19.66 -61.48
C TYR F 61 53.21 20.11 -62.69
N LYS F 62 53.93 20.52 -63.73
CA LYS F 62 53.36 20.83 -65.03
C LYS F 62 53.85 19.80 -66.03
N ILE F 63 52.93 19.19 -66.77
CA ILE F 63 53.27 18.15 -67.74
C ILE F 63 53.21 18.81 -69.11
N LYS F 64 54.34 19.39 -69.53
CA LYS F 64 54.45 19.97 -70.86
C LYS F 64 54.40 18.88 -71.92
N SER F 65 53.81 19.21 -73.06
CA SER F 65 53.80 18.33 -74.22
C SER F 65 55.02 18.62 -75.07
N MET F 66 55.71 17.58 -75.50
CA MET F 66 56.92 17.74 -76.30
C MET F 66 56.61 17.87 -77.79
N ASN F 67 55.38 18.23 -78.14
CA ASN F 67 55.04 18.50 -79.52
C ASN F 67 55.94 19.59 -80.07
N ILE F 68 56.42 19.40 -81.30
CA ILE F 68 57.39 20.31 -81.89
C ILE F 68 56.76 21.50 -82.61
N TYR F 69 55.46 21.45 -82.90
CA TYR F 69 54.81 22.53 -83.61
C TYR F 69 54.31 23.62 -82.67
N ASN F 70 53.61 23.24 -81.61
CA ASN F 70 53.13 24.18 -80.61
C ASN F 70 53.67 23.70 -79.26
N THR F 71 54.85 24.20 -78.90
CA THR F 71 55.57 23.67 -77.73
C THR F 71 54.98 24.13 -76.41
N ASN F 72 54.14 25.17 -76.41
CA ASN F 72 53.60 25.70 -75.15
C ASN F 72 52.24 25.08 -74.85
N LEU F 73 52.23 23.75 -74.76
CA LEU F 73 51.02 23.00 -74.46
C LEU F 73 51.25 22.19 -73.20
N VAL F 74 50.30 22.23 -72.27
CA VAL F 74 50.37 21.46 -71.04
C VAL F 74 49.06 20.70 -70.89
N LEU F 75 49.15 19.57 -70.18
CA LEU F 75 47.95 18.82 -69.82
C LEU F 75 47.08 19.69 -68.93
N THR F 76 45.77 19.65 -69.15
CA THR F 76 44.85 20.54 -68.47
C THR F 76 43.52 19.85 -68.25
N TRP F 77 43.03 19.93 -67.02
CA TRP F 77 41.70 19.48 -66.67
C TRP F 77 40.75 20.63 -66.91
N ASN F 78 40.01 20.59 -68.02
CA ASN F 78 39.14 21.69 -68.40
C ASN F 78 37.88 21.74 -67.56
N ALA F 79 37.70 22.82 -66.79
CA ALA F 79 36.40 23.14 -66.20
C ALA F 79 35.95 22.04 -65.24
N PRO F 80 34.72 22.08 -64.71
CA PRO F 80 34.24 20.91 -63.96
C PRO F 80 34.00 19.70 -64.84
N THR F 81 34.12 19.87 -66.16
CA THR F 81 33.93 18.76 -67.09
C THR F 81 35.07 17.76 -66.94
N HIS F 82 34.77 16.49 -67.19
CA HIS F 82 35.74 15.43 -66.95
C HIS F 82 36.94 15.51 -67.89
N ASN F 83 36.73 15.96 -69.13
CA ASN F 83 37.73 15.74 -70.17
C ASN F 83 39.02 16.50 -69.89
N ILE F 84 40.12 15.94 -70.38
CA ILE F 84 41.46 16.50 -70.23
C ILE F 84 42.01 16.78 -71.62
N SER F 85 42.69 17.90 -71.78
CA SER F 85 43.23 18.26 -73.08
C SER F 85 44.52 19.03 -72.91
N ALA F 86 45.32 19.06 -73.97
CA ALA F 86 46.56 19.84 -73.98
C ALA F 86 46.23 21.25 -74.43
N GLN F 87 46.32 22.21 -73.51
CA GLN F 87 46.01 23.59 -73.80
C GLN F 87 47.22 24.49 -73.56
N GLN F 88 47.17 25.68 -74.12
CA GLN F 88 48.22 26.66 -73.89
C GLN F 88 48.32 26.96 -72.40
N ASP F 89 49.53 26.89 -71.86
CA ASP F 89 49.71 27.03 -70.43
C ASP F 89 49.49 28.47 -69.97
N SER F 90 48.94 28.60 -68.77
CA SER F 90 48.80 29.89 -68.10
C SER F 90 49.11 29.78 -66.62
N ASN F 91 49.72 28.67 -66.20
CA ASN F 91 50.06 28.42 -64.80
C ASN F 91 48.81 28.43 -63.93
N ALA F 92 47.67 28.10 -64.53
CA ALA F 92 46.41 28.06 -63.81
C ALA F 92 46.39 26.85 -62.88
N ASP F 93 45.59 26.96 -61.82
CA ASP F 93 45.55 25.90 -60.82
C ASP F 93 45.13 24.56 -61.42
N ASN F 94 44.38 24.59 -62.52
CA ASN F 94 43.88 23.36 -63.13
C ASN F 94 44.90 22.71 -64.05
N GLN F 95 46.07 23.32 -64.22
CA GLN F 95 47.12 22.77 -65.07
C GLN F 95 48.27 22.20 -64.27
N TYR F 96 48.14 22.06 -62.96
CA TYR F 96 49.19 21.54 -62.11
C TYR F 96 48.74 20.21 -61.52
N TRP F 97 49.70 19.31 -61.30
CA TRP F 97 49.39 17.95 -60.90
C TRP F 97 50.33 17.50 -59.80
N LEU F 98 49.86 16.55 -59.01
CA LEU F 98 50.60 15.93 -57.94
C LEU F 98 50.92 14.49 -58.33
N LEU F 99 52.21 14.15 -58.37
CA LEU F 99 52.66 12.82 -58.74
C LEU F 99 52.99 12.06 -57.46
N LEU F 100 52.18 11.06 -57.12
CA LEU F 100 52.39 10.25 -55.93
C LEU F 100 52.81 8.85 -56.36
N LYS F 101 54.00 8.43 -55.96
CA LYS F 101 54.49 7.11 -56.29
C LYS F 101 54.05 6.11 -55.23
N ASP F 102 53.41 5.03 -55.66
CA ASP F 102 53.09 3.93 -54.76
C ASP F 102 54.35 3.08 -54.59
N ILE F 103 54.93 3.10 -53.40
CA ILE F 103 56.23 2.46 -53.23
C ILE F 103 56.12 0.93 -53.24
N GLY F 104 55.04 0.38 -52.70
CA GLY F 104 54.87 -1.07 -52.70
C GLY F 104 54.48 -1.66 -54.03
N ASN F 105 54.06 -0.81 -54.96
CA ASN F 105 53.70 -1.23 -56.31
C ASN F 105 54.16 -0.11 -57.22
N ASN F 106 55.35 -0.23 -57.79
CA ASN F 106 56.01 0.92 -58.41
C ASN F 106 55.20 1.46 -59.58
N SER F 107 54.55 2.58 -59.36
CA SER F 107 53.62 3.20 -60.31
C SER F 107 53.23 4.53 -59.73
N PHE F 108 52.60 5.37 -60.56
CA PHE F 108 52.27 6.72 -60.15
C PHE F 108 50.75 6.93 -60.16
N ILE F 109 50.31 7.79 -59.25
CA ILE F 109 48.96 8.31 -59.23
C ILE F 109 49.06 9.81 -59.43
N ILE F 110 48.42 10.31 -60.46
CA ILE F 110 48.47 11.74 -60.79
C ILE F 110 47.16 12.36 -60.34
N ALA F 111 47.23 13.24 -59.36
CA ALA F 111 46.06 13.95 -58.85
C ALA F 111 46.10 15.40 -59.29
N SER F 112 44.96 16.06 -59.22
CA SER F 112 44.88 17.44 -59.66
C SER F 112 45.22 18.40 -58.53
N TYR F 113 46.04 19.40 -58.83
CA TYR F 113 46.26 20.47 -57.86
C TYR F 113 44.98 21.26 -57.63
N LYS F 114 44.16 21.41 -58.67
CA LYS F 114 42.88 22.09 -58.53
C LYS F 114 41.97 21.37 -57.54
N ASN F 115 42.07 20.06 -57.47
CA ASN F 115 41.20 19.25 -56.61
C ASN F 115 41.88 17.92 -56.35
N PRO F 116 42.69 17.81 -55.30
CA PRO F 116 43.43 16.57 -55.06
C PRO F 116 42.57 15.35 -54.84
N ASN F 117 41.26 15.51 -54.61
CA ASN F 117 40.39 14.36 -54.52
C ASN F 117 40.22 13.65 -55.86
N LEU F 118 40.65 14.27 -56.96
CA LEU F 118 40.45 13.75 -58.30
C LEU F 118 41.79 13.37 -58.90
N VAL F 119 41.87 12.17 -59.48
CA VAL F 119 43.08 11.65 -60.08
C VAL F 119 42.79 11.23 -61.51
N LEU F 120 43.84 11.23 -62.33
CA LEU F 120 43.73 10.83 -63.71
C LEU F 120 43.28 9.38 -63.82
N TYR F 121 42.47 9.09 -64.82
CA TYR F 121 41.88 7.79 -65.04
C TYR F 121 42.01 7.45 -66.50
N ALA F 122 42.39 6.21 -66.80
CA ALA F 122 42.59 5.77 -68.17
C ALA F 122 41.33 5.09 -68.66
N ASP F 123 40.55 5.78 -69.49
CA ASP F 123 39.39 5.17 -70.12
C ASP F 123 39.91 4.35 -71.28
N THR F 124 39.86 3.02 -71.15
CA THR F 124 40.42 2.15 -72.16
C THR F 124 39.46 1.93 -73.32
N VAL F 125 38.16 1.82 -73.03
CA VAL F 125 37.17 1.70 -74.09
C VAL F 125 37.16 2.95 -74.95
N ALA F 126 37.20 4.11 -74.31
CA ALA F 126 37.25 5.38 -75.02
C ALA F 126 38.66 5.78 -75.43
N ARG F 127 39.68 5.08 -74.92
CA ARG F 127 41.08 5.41 -75.19
C ARG F 127 41.36 6.88 -74.90
N ASN F 128 40.89 7.35 -73.75
CA ASN F 128 41.00 8.76 -73.40
C ASN F 128 41.37 8.85 -71.91
N LEU F 129 41.41 10.08 -71.41
CA LEU F 129 41.71 10.35 -70.01
C LEU F 129 40.50 11.02 -69.37
N LYS F 130 40.08 10.49 -68.23
CA LYS F 130 39.01 11.05 -67.41
C LYS F 130 39.57 11.38 -66.02
N LEU F 131 38.70 11.83 -65.13
CA LEU F 131 39.03 11.98 -63.72
C LEU F 131 38.19 11.04 -62.89
N SER F 132 38.73 10.66 -61.74
CA SER F 132 38.04 9.74 -60.85
C SER F 132 38.49 9.99 -59.42
N THR F 133 37.61 9.69 -58.48
CA THR F 133 38.02 9.71 -57.08
C THR F 133 39.06 8.64 -56.84
N LEU F 134 40.01 8.94 -55.97
CA LEU F 134 41.10 8.01 -55.68
C LEU F 134 40.53 6.69 -55.15
N ASN F 135 40.80 5.60 -55.86
CA ASN F 135 40.42 4.27 -55.43
C ASN F 135 41.51 3.29 -55.84
N ASN F 136 41.49 2.11 -55.22
CA ASN F 136 42.51 1.09 -55.50
C ASN F 136 42.06 0.28 -56.71
N SER F 137 42.30 0.83 -57.90
CA SER F 137 42.02 0.16 -59.15
C SER F 137 43.24 0.42 -60.02
N SER F 138 43.46 -0.48 -60.97
CA SER F 138 44.62 -0.35 -61.84
C SER F 138 44.48 0.69 -62.94
N TYR F 139 43.30 1.29 -63.06
CA TYR F 139 43.02 2.22 -64.13
C TYR F 139 43.46 3.61 -63.71
N ILE F 140 43.88 3.79 -62.46
CA ILE F 140 44.38 5.07 -61.98
C ILE F 140 45.88 5.08 -61.80
N LYS F 141 46.54 3.93 -61.87
CA LYS F 141 47.98 3.84 -61.71
C LYS F 141 48.65 3.84 -63.07
N PHE F 142 49.75 4.57 -63.18
CA PHE F 142 50.46 4.76 -64.45
C PHE F 142 51.92 4.39 -64.28
N ILE F 143 52.67 4.53 -65.37
CA ILE F 143 54.10 4.23 -65.38
C ILE F 143 54.80 5.41 -66.03
N ILE F 144 55.49 6.22 -65.23
CA ILE F 144 56.24 7.36 -65.72
C ILE F 144 57.71 6.99 -65.65
N GLU F 145 58.40 7.09 -66.77
CA GLU F 145 59.77 6.63 -66.83
C GLU F 145 60.47 7.31 -68.00
N ASP F 146 61.80 7.36 -67.91
CA ASP F 146 62.59 8.11 -68.87
C ASP F 146 62.34 7.59 -70.27
N TYR F 147 62.30 8.50 -71.24
CA TYR F 147 61.80 8.14 -72.56
C TYR F 147 62.76 7.23 -73.31
N VAL F 148 64.07 7.44 -73.15
CA VAL F 148 65.02 6.57 -73.84
C VAL F 148 65.01 5.17 -73.24
N ILE F 149 64.59 5.04 -71.99
CA ILE F 149 64.46 3.72 -71.40
C ILE F 149 63.25 3.01 -71.98
N SER F 150 62.15 3.73 -72.19
CA SER F 150 60.94 3.13 -72.75
C SER F 150 61.11 2.80 -74.22
N ASP F 151 61.75 3.68 -74.98
CA ASP F 151 61.96 3.44 -76.40
C ASP F 151 62.83 2.23 -76.66
N PHE F 152 63.65 1.81 -75.70
CA PHE F 152 64.70 0.85 -75.99
C PHE F 152 64.76 -0.28 -74.97
N LYS F 153 63.80 -0.36 -74.06
CA LYS F 153 63.81 -1.46 -73.09
C LYS F 153 63.57 -2.80 -73.76
N ASN F 154 62.79 -2.83 -74.85
CA ASN F 154 62.60 -4.03 -75.64
C ASN F 154 62.26 -3.56 -77.05
N PHE F 155 63.25 -3.51 -77.92
CA PHE F 155 63.07 -2.88 -79.23
C PHE F 155 63.73 -3.72 -80.31
N THR F 156 62.95 -4.27 -81.22
CA THR F 156 63.47 -4.90 -82.43
C THR F 156 63.56 -3.84 -83.51
N CYS F 157 64.77 -3.53 -83.95
CA CYS F 157 65.00 -2.33 -84.73
C CYS F 157 66.23 -2.51 -85.61
N ARG F 158 66.53 -1.47 -86.38
CA ARG F 158 67.72 -1.38 -87.21
C ARG F 158 68.50 -0.13 -86.83
N ILE F 159 69.82 -0.27 -86.76
CA ILE F 159 70.72 0.82 -86.39
C ILE F 159 71.40 1.33 -87.65
N SER F 160 71.40 2.66 -87.82
CA SER F 160 72.01 3.24 -89.00
C SER F 160 72.86 4.45 -88.62
N PRO F 161 73.89 4.74 -89.38
CA PRO F 161 74.73 5.91 -89.11
C PRO F 161 74.11 7.17 -89.72
N ILE F 162 74.81 8.28 -89.53
CA ILE F 162 74.47 9.52 -90.20
C ILE F 162 75.18 9.54 -91.55
N LEU F 163 74.53 10.15 -92.54
CA LEU F 163 74.97 10.19 -93.93
C LEU F 163 75.06 8.80 -94.56
N ALA F 164 74.53 7.78 -93.88
CA ALA F 164 74.53 6.40 -94.35
C ALA F 164 73.16 5.77 -94.12
N GLY F 165 72.11 6.49 -94.55
CA GLY F 165 70.76 6.06 -94.25
C GLY F 165 70.43 4.67 -94.79
N GLY F 166 70.93 4.36 -95.98
CA GLY F 166 70.68 3.06 -96.57
C GLY F 166 71.68 2.02 -96.13
N LYS F 167 72.29 2.24 -94.97
CA LYS F 167 73.33 1.36 -94.44
C LYS F 167 72.97 0.98 -93.02
N VAL F 168 73.13 -0.30 -92.69
CA VAL F 168 72.77 -0.83 -91.38
C VAL F 168 74.00 -1.45 -90.75
N VAL F 169 74.22 -1.16 -89.47
CA VAL F 169 75.35 -1.75 -88.76
C VAL F 169 74.98 -3.18 -88.37
N GLN F 170 75.56 -4.15 -89.07
CA GLN F 170 75.30 -5.57 -88.80
C GLN F 170 76.24 -6.46 -89.60
N VAL F 172 78.33 -10.32 -90.09
CA VAL F 172 78.18 -10.30 -91.55
C VAL F 172 77.28 -11.46 -91.97
N SER F 173 77.55 -12.64 -91.42
CA SER F 173 76.74 -13.81 -91.68
C SER F 173 76.87 -14.78 -90.50
N MET F 174 76.12 -15.88 -90.57
CA MET F 174 76.12 -16.85 -89.49
C MET F 174 77.48 -17.49 -89.30
N THR F 175 78.29 -17.54 -90.35
CA THR F 175 79.59 -18.22 -90.27
C THR F 175 80.60 -17.38 -89.52
N ASN F 176 80.74 -16.11 -89.88
CA ASN F 176 81.71 -15.22 -89.24
C ASN F 176 80.92 -14.36 -88.24
N LEU F 177 81.19 -14.56 -86.95
CA LEU F 177 80.50 -13.83 -85.91
C LEU F 177 80.93 -12.36 -85.81
N ALA F 178 81.94 -11.96 -86.58
CA ALA F 178 82.33 -10.56 -86.63
C ALA F 178 81.30 -9.87 -87.51
N VAL F 179 81.12 -8.57 -87.28
CA VAL F 179 80.12 -7.78 -87.99
C VAL F 179 80.75 -6.49 -88.47
N ASN F 180 80.12 -5.89 -89.48
CA ASN F 180 80.55 -4.64 -90.07
C ASN F 180 79.31 -3.91 -90.59
N LEU F 181 79.52 -2.92 -91.44
CA LEU F 181 78.43 -2.22 -92.10
C LEU F 181 77.93 -3.07 -93.27
N TYR F 182 76.62 -3.12 -93.46
CA TYR F 182 76.00 -3.86 -94.56
C TYR F 182 74.92 -3.01 -95.21
N ILE F 183 74.51 -3.43 -96.41
CA ILE F 183 73.42 -2.74 -97.09
C ILE F 183 72.08 -3.24 -96.57
N TRP F 184 71.10 -2.35 -96.54
CA TRP F 184 69.78 -2.67 -96.02
C TRP F 184 69.06 -3.57 -97.01
N ASN F 185 68.73 -4.80 -96.57
CA ASN F 185 68.03 -5.74 -97.45
C ASN F 185 66.92 -6.47 -96.74
N ASN F 186 66.56 -6.09 -95.51
CA ASN F 186 65.54 -6.76 -94.72
C ASN F 186 65.87 -8.24 -94.55
N ASP F 187 67.03 -8.48 -93.94
CA ASP F 187 67.48 -9.82 -93.59
C ASP F 187 67.63 -9.92 -92.08
N LEU F 188 67.44 -11.14 -91.56
CA LEU F 188 67.54 -11.33 -90.12
C LEU F 188 68.93 -11.02 -89.58
N ASN F 189 69.95 -11.10 -90.42
CA ASN F 189 71.30 -10.72 -90.02
C ASN F 189 71.48 -9.21 -89.91
N GLN F 190 70.51 -8.42 -90.37
CA GLN F 190 70.61 -6.97 -90.33
C GLN F 190 69.93 -6.38 -89.10
N LYS F 191 68.81 -6.97 -88.68
CA LYS F 191 68.02 -6.44 -87.57
C LYS F 191 68.63 -6.84 -86.23
N TRP F 192 68.31 -6.06 -85.21
CA TRP F 192 68.77 -6.27 -83.84
C TRP F 192 67.60 -6.15 -82.89
N THR F 193 67.84 -6.56 -81.64
CA THR F 193 66.88 -6.35 -80.57
C THR F 193 67.63 -5.87 -79.33
N ILE F 194 67.21 -4.72 -78.80
CA ILE F 194 67.85 -4.08 -77.68
C ILE F 194 67.00 -4.30 -76.44
N ILE F 195 67.64 -4.77 -75.37
CA ILE F 195 66.97 -5.10 -74.11
C ILE F 195 67.59 -4.25 -73.01
N TYR F 196 66.77 -3.84 -72.04
CA TYR F 196 67.31 -3.12 -70.88
C TYR F 196 68.13 -4.06 -70.00
N GLU F 198 68.11 -4.17 -66.29
CA GLU F 198 67.75 -3.08 -65.39
C GLU F 198 68.73 -2.99 -64.23
N GLU F 199 69.30 -4.13 -63.84
CA GLU F 199 70.25 -4.15 -62.73
C GLU F 199 71.51 -3.36 -63.07
N LYS F 200 72.03 -3.53 -64.28
CA LYS F 200 73.26 -2.87 -64.69
C LYS F 200 73.02 -1.51 -65.35
N ALA F 201 71.76 -1.14 -65.56
CA ALA F 201 71.41 0.15 -66.16
C ALA F 201 72.04 0.34 -67.54
N ALA F 202 72.03 -0.72 -68.34
CA ALA F 202 72.54 -0.66 -69.71
C ALA F 202 71.86 -1.73 -70.53
N TYR F 203 72.08 -1.68 -71.85
CA TYR F 203 71.28 -2.43 -72.80
C TYR F 203 72.26 -3.39 -73.46
N GLN F 204 71.75 -4.56 -73.83
CA GLN F 204 72.49 -5.54 -74.65
C GLN F 204 71.87 -5.53 -76.02
N PHE F 205 72.71 -5.56 -77.06
CA PHE F 205 72.26 -5.49 -78.46
C PHE F 205 72.25 -6.88 -79.10
N PHE F 206 71.23 -7.67 -78.77
CA PHE F 206 71.15 -8.99 -79.36
C PHE F 206 70.95 -8.87 -80.87
N ASN F 207 71.45 -9.88 -81.59
CA ASN F 207 71.25 -9.95 -83.04
C ASN F 207 70.13 -10.92 -83.35
N LYS F 208 69.28 -10.53 -84.31
CA LYS F 208 68.07 -11.28 -84.59
C LYS F 208 68.38 -12.66 -85.16
N ILE F 209 69.23 -12.73 -86.19
CA ILE F 209 69.57 -14.00 -86.82
C ILE F 209 70.35 -14.88 -85.86
N LEU F 210 71.35 -14.30 -85.20
CA LEU F 210 72.23 -15.04 -84.30
C LEU F 210 71.52 -15.22 -82.96
N SER F 211 70.94 -16.39 -82.75
CA SER F 211 70.18 -16.65 -81.53
C SER F 211 71.09 -16.60 -80.31
N ASN F 212 70.61 -15.92 -79.27
CA ASN F 212 71.33 -15.78 -78.00
C ASN F 212 72.71 -15.14 -78.19
N GLY F 213 72.85 -14.31 -79.21
CA GLY F 213 74.10 -13.62 -79.49
C GLY F 213 73.99 -12.15 -79.11
N VAL F 214 75.08 -11.60 -78.56
CA VAL F 214 75.12 -10.23 -78.09
C VAL F 214 76.23 -9.50 -78.82
N LEU F 215 76.09 -8.18 -78.91
CA LEU F 215 77.13 -7.34 -79.49
C LEU F 215 78.19 -7.10 -78.42
N THR F 216 79.37 -7.69 -78.63
CA THR F 216 80.44 -7.69 -77.65
C THR F 216 81.58 -6.79 -78.10
N TRP F 217 82.27 -6.22 -77.12
CA TRP F 217 83.53 -5.52 -77.34
C TRP F 217 84.65 -6.43 -76.85
N ILE F 218 85.45 -6.94 -77.78
CA ILE F 218 86.60 -7.76 -77.44
C ILE F 218 87.70 -6.74 -77.18
N PHE F 219 87.93 -6.41 -75.90
CA PHE F 219 88.98 -5.45 -75.58
C PHE F 219 90.47 -6.03 -75.42
N SER F 220 90.55 -7.26 -75.94
CA SER F 220 91.83 -7.95 -76.02
C SER F 220 92.50 -7.06 -77.06
N ASP F 221 91.92 -6.97 -78.25
CA ASP F 221 92.43 -6.05 -79.26
C ASP F 221 91.91 -4.64 -78.98
N GLY F 222 92.56 -3.67 -79.62
CA GLY F 222 92.25 -2.27 -79.36
C GLY F 222 90.86 -1.84 -79.78
N ASN F 223 90.61 -1.82 -81.09
CA ASN F 223 89.33 -1.35 -81.64
C ASN F 223 88.71 -2.49 -82.45
N THR F 224 87.97 -3.36 -81.77
CA THR F 224 87.26 -4.42 -82.44
C THR F 224 86.00 -4.75 -81.67
N VAL F 225 84.94 -5.08 -82.41
CA VAL F 225 83.69 -5.56 -81.83
C VAL F 225 83.24 -6.79 -82.61
N ARG F 226 82.50 -7.66 -81.95
CA ARG F 226 82.07 -8.92 -82.57
C ARG F 226 80.74 -9.33 -81.94
N VAL F 227 80.36 -10.58 -82.18
CA VAL F 227 79.15 -11.15 -81.60
C VAL F 227 79.57 -12.48 -80.97
N SER F 228 79.86 -12.45 -79.67
CA SER F 228 80.33 -13.62 -78.94
C SER F 228 79.32 -14.11 -77.91
N SER F 229 78.76 -13.21 -77.10
CA SER F 229 77.68 -13.53 -76.16
C SER F 229 78.12 -14.45 -75.04
N SER F 230 77.19 -14.78 -74.15
CA SER F 230 77.37 -15.77 -73.08
C SER F 230 78.54 -15.40 -72.17
N ALA F 231 78.35 -14.29 -71.46
CA ALA F 231 79.36 -13.83 -70.49
C ALA F 231 78.62 -13.16 -69.33
N GLN F 232 78.50 -13.87 -68.21
CA GLN F 232 77.85 -13.28 -67.04
C GLN F 232 78.66 -12.13 -66.47
N ASN F 233 79.96 -12.34 -66.26
CA ASN F 233 80.88 -11.28 -65.85
C ASN F 233 81.52 -10.74 -67.12
N ASN F 234 80.82 -9.83 -67.79
CA ASN F 234 81.19 -9.40 -69.13
C ASN F 234 81.79 -8.00 -69.16
N ASP F 235 81.08 -7.02 -68.62
CA ASP F 235 81.44 -5.59 -68.56
C ASP F 235 81.49 -4.95 -69.94
N ALA F 236 81.22 -5.72 -71.00
CA ALA F 236 81.24 -5.19 -72.36
C ALA F 236 80.02 -5.55 -73.19
N GLN F 237 79.18 -6.50 -72.78
CA GLN F 237 77.93 -6.74 -73.48
C GLN F 237 77.00 -5.54 -73.36
N TYR F 238 76.94 -4.94 -72.17
CA TYR F 238 76.02 -3.86 -71.91
C TYR F 238 76.53 -2.56 -72.52
N TRP F 239 75.60 -1.74 -73.02
CA TRP F 239 75.94 -0.44 -73.56
C TRP F 239 74.94 0.60 -73.07
N LEU F 240 75.36 1.86 -73.07
CA LEU F 240 74.53 2.97 -72.63
C LEU F 240 74.24 3.89 -73.80
N ILE F 241 72.97 4.25 -73.98
CA ILE F 241 72.52 5.10 -75.07
C ILE F 241 72.20 6.48 -74.51
N ASN F 242 72.75 7.51 -75.14
CA ASN F 242 72.54 8.88 -74.70
C ASN F 242 72.12 9.73 -75.88
N PRO F 243 71.01 10.47 -75.78
CA PRO F 243 70.62 11.38 -76.86
C PRO F 243 71.59 12.53 -76.99
N VAL F 244 71.72 13.03 -78.21
CA VAL F 244 72.65 14.11 -78.48
C VAL F 244 71.93 15.46 -78.41
N ASN F 247 69.14 16.93 -82.65
CA ASN F 247 67.83 16.30 -82.60
C ASN F 247 67.69 15.44 -81.37
N TYR F 248 66.45 15.09 -81.03
CA TYR F 248 66.19 14.17 -79.91
C TYR F 248 66.05 12.73 -80.38
N ASP F 249 66.20 12.46 -81.68
CA ASP F 249 66.15 11.11 -82.21
C ASP F 249 67.51 10.62 -82.72
N ARG F 250 68.56 11.41 -82.54
CA ARG F 250 69.92 11.00 -82.85
C ARG F 250 70.60 10.65 -81.54
N TYR F 251 71.14 9.43 -81.45
CA TYR F 251 71.71 8.93 -80.21
C TYR F 251 73.18 8.56 -80.40
N THR F 252 73.88 8.40 -79.29
CA THR F 252 75.23 7.89 -79.28
C THR F 252 75.34 6.78 -78.24
N ILE F 253 76.09 5.74 -78.57
CA ILE F 253 76.20 4.55 -77.73
C ILE F 253 77.61 4.50 -77.16
N THR F 254 77.72 4.15 -75.88
CA THR F 254 78.99 4.08 -75.18
C THR F 254 79.09 2.74 -74.45
N ASN F 255 80.28 2.14 -74.50
CA ASN F 255 80.52 0.91 -73.77
C ASN F 255 80.49 1.16 -72.27
N LEU F 256 80.03 0.17 -71.51
CA LEU F 256 80.08 0.25 -70.05
C LEU F 256 81.44 -0.23 -69.54
N ARG F 257 82.50 0.34 -70.12
CA ARG F 257 83.86 0.17 -69.63
C ARG F 257 84.70 1.42 -69.68
N ASP F 258 84.30 2.46 -70.43
CA ASP F 258 85.08 3.68 -70.55
C ASP F 258 84.22 4.94 -70.52
N LYS F 259 82.90 4.83 -70.42
CA LYS F 259 82.00 5.97 -70.41
C LYS F 259 82.23 6.89 -71.61
N VAL F 262 81.94 2.48 -77.35
CA VAL F 262 81.42 3.53 -78.21
C VAL F 262 81.62 3.03 -79.63
N LEU F 263 80.53 2.77 -80.35
CA LEU F 263 80.65 2.48 -81.78
C LEU F 263 80.98 3.77 -82.51
N ASP F 264 81.91 3.69 -83.45
CA ASP F 264 82.25 4.79 -84.34
C ASP F 264 82.22 4.20 -85.75
N LEU F 265 82.64 5.01 -86.73
CA LEU F 265 82.58 4.57 -88.12
C LEU F 265 83.62 5.38 -88.90
N TYR F 266 84.59 4.68 -89.49
CA TYR F 266 85.65 5.36 -90.21
C TYR F 266 85.10 6.08 -91.43
N GLY F 267 85.91 6.99 -91.99
CA GLY F 267 85.50 7.77 -93.13
C GLY F 267 85.05 6.93 -94.30
N GLY F 268 85.63 5.76 -94.45
CA GLY F 268 85.24 4.84 -95.51
C GLY F 268 83.96 4.10 -95.20
N ALA F 271 80.35 3.70 -97.06
CA ALA F 271 80.93 2.66 -97.88
C ALA F 271 80.67 1.27 -97.28
N ASP F 272 80.05 0.41 -98.07
CA ASP F 272 79.71 -0.93 -97.61
C ASP F 272 80.97 -1.72 -97.29
N GLY F 273 80.90 -2.53 -96.23
CA GLY F 273 81.97 -3.40 -95.81
C GLY F 273 82.87 -2.82 -94.73
N THR F 274 82.71 -1.53 -94.44
CA THR F 274 83.56 -0.88 -93.45
C THR F 274 83.28 -1.45 -92.06
N THR F 275 84.34 -1.84 -91.36
CA THR F 275 84.20 -2.33 -90.00
C THR F 275 83.81 -1.19 -89.06
N ILE F 276 82.93 -1.51 -88.11
CA ILE F 276 82.38 -0.48 -87.23
C ILE F 276 83.31 -0.22 -86.05
N GLN F 277 83.47 -1.23 -85.17
CA GLN F 277 84.45 -1.20 -84.08
C GLN F 277 84.22 -0.06 -83.08
N VAL F 278 84.84 -0.18 -81.91
CA VAL F 278 84.92 0.96 -80.99
C VAL F 278 86.19 1.72 -81.34
N PHE F 279 86.08 2.68 -82.26
CA PHE F 279 87.28 3.31 -82.82
C PHE F 279 87.89 4.31 -81.84
N ASN F 280 87.15 5.34 -81.49
CA ASN F 280 87.65 6.40 -80.63
C ASN F 280 86.79 6.49 -79.37
N SER F 281 87.18 7.40 -78.48
CA SER F 281 86.39 7.70 -77.29
C SER F 281 85.28 8.67 -77.67
N ASN F 282 84.61 9.24 -76.67
CA ASN F 282 83.56 10.21 -76.94
C ASN F 282 84.13 11.44 -77.63
N GLY F 283 83.46 11.87 -78.69
CA GLY F 283 83.90 13.02 -79.46
C GLY F 283 83.76 12.85 -80.96
N ASN F 286 80.36 11.88 -87.48
CA ASN F 286 80.30 10.44 -87.26
C ASN F 286 80.03 10.13 -85.80
N GLN F 287 80.06 8.84 -85.45
CA GLN F 287 79.84 8.35 -84.08
C GLN F 287 78.46 8.71 -83.57
N ILE F 288 77.54 9.10 -84.44
CA ILE F 288 76.16 9.40 -84.09
C ILE F 288 75.26 8.48 -84.90
N TRP F 289 74.38 7.75 -84.21
CA TRP F 289 73.58 6.71 -84.83
C TRP F 289 72.11 6.94 -84.51
N THR F 290 71.25 6.36 -85.36
CA THR F 290 69.81 6.41 -85.15
C THR F 290 69.22 5.01 -85.28
N MET F 291 68.31 4.69 -84.39
CA MET F 291 67.65 3.39 -84.35
C MET F 291 66.19 3.64 -84.68
N SER F 292 65.66 2.90 -85.66
CA SER F 292 64.30 3.03 -86.10
C SER F 292 63.72 1.68 -86.42
N ASN F 293 62.41 1.64 -86.70
CA ASN F 293 61.76 0.38 -87.03
C ASN F 293 62.27 -0.34 -88.27
N PRO F 294 62.24 -1.68 -88.28
CA PRO F 294 62.65 -2.48 -89.45
C PRO F 294 61.91 -2.08 -90.72
#